data_4FF8
# 
_entry.id   4FF8 
# 
_audit_conform.dict_name       mmcif_pdbx.dic 
_audit_conform.dict_version    5.387 
_audit_conform.dict_location   http://mmcif.pdb.org/dictionaries/ascii/mmcif_pdbx.dic 
# 
loop_
_database_2.database_id 
_database_2.database_code 
_database_2.pdbx_database_accession 
_database_2.pdbx_DOI 
PDB   4FF8         pdb_00004ff8 10.2210/pdb4ff8/pdb 
RCSB  RCSB072826   ?            ?                   
WWPDB D_1000072826 ?            ?                   
# 
loop_
_pdbx_audit_revision_history.ordinal 
_pdbx_audit_revision_history.data_content_type 
_pdbx_audit_revision_history.major_revision 
_pdbx_audit_revision_history.minor_revision 
_pdbx_audit_revision_history.revision_date 
1 'Structure model' 1 0 2013-03-13 
2 'Structure model' 1 1 2024-02-28 
# 
_pdbx_audit_revision_details.ordinal             1 
_pdbx_audit_revision_details.revision_ordinal    1 
_pdbx_audit_revision_details.data_content_type   'Structure model' 
_pdbx_audit_revision_details.provider            repository 
_pdbx_audit_revision_details.type                'Initial release' 
_pdbx_audit_revision_details.description         ? 
_pdbx_audit_revision_details.details             ? 
# 
loop_
_pdbx_audit_revision_group.ordinal 
_pdbx_audit_revision_group.revision_ordinal 
_pdbx_audit_revision_group.data_content_type 
_pdbx_audit_revision_group.group 
1 2 'Structure model' 'Data collection'      
2 2 'Structure model' 'Database references'  
3 2 'Structure model' 'Derived calculations' 
# 
loop_
_pdbx_audit_revision_category.ordinal 
_pdbx_audit_revision_category.revision_ordinal 
_pdbx_audit_revision_category.data_content_type 
_pdbx_audit_revision_category.category 
1 2 'Structure model' chem_comp_atom     
2 2 'Structure model' chem_comp_bond     
3 2 'Structure model' database_2         
4 2 'Structure model' struct_ref_seq_dif 
5 2 'Structure model' struct_site        
# 
loop_
_pdbx_audit_revision_item.ordinal 
_pdbx_audit_revision_item.revision_ordinal 
_pdbx_audit_revision_item.data_content_type 
_pdbx_audit_revision_item.item 
1 2 'Structure model' '_database_2.pdbx_DOI'                
2 2 'Structure model' '_database_2.pdbx_database_accession' 
3 2 'Structure model' '_struct_ref_seq_dif.details'         
4 2 'Structure model' '_struct_site.pdbx_auth_asym_id'      
5 2 'Structure model' '_struct_site.pdbx_auth_comp_id'      
6 2 'Structure model' '_struct_site.pdbx_auth_seq_id'       
# 
_pdbx_database_status.status_code                     REL 
_pdbx_database_status.entry_id                        4FF8 
_pdbx_database_status.recvd_initial_deposition_date   2012-05-31 
_pdbx_database_status.deposit_site                    RCSB 
_pdbx_database_status.process_site                    RCSB 
_pdbx_database_status.status_code_sf                  REL 
_pdbx_database_status.status_code_mr                  ? 
_pdbx_database_status.SG_entry                        ? 
_pdbx_database_status.status_code_cs                  ? 
_pdbx_database_status.methods_development_category    ? 
_pdbx_database_status.pdb_format_compatible           Y 
_pdbx_database_status.status_code_nmr_data            ? 
# 
loop_
_pdbx_database_related.db_name 
_pdbx_database_related.db_id 
_pdbx_database_related.details 
_pdbx_database_related.content_type 
PDB 3QUP 'Inhibitor bound structure of the kinase domain of the murine receptor tyrosine kinase TYRO3 (Sky)' unspecified 
PDB 4FEQ .                                                                                                   unspecified 
# 
loop_
_audit_author.name 
_audit_author.pdbx_ordinal 
'Ohren, J.F.'  1 
'Powell, N.A.' 2 
'Kohrt, J.'    3 
'Perrin, L.A.' 4 
# 
_citation.id                        primary 
_citation.title                     'Highly selective 2,4-diaminopyrimidine-5-carboxamide inhibitors of Sky kinase.' 
_citation.journal_abbrev            Bioorg.Med.Chem.Lett. 
_citation.journal_volume            23 
_citation.page_first                1046 
_citation.page_last                 1050 
_citation.year                      2013 
_citation.journal_id_ASTM           BMCLE8 
_citation.country                   UK 
_citation.journal_id_ISSN           0960-894X 
_citation.journal_id_CSD            1127 
_citation.book_publisher            ? 
_citation.pdbx_database_id_PubMed   23312472 
_citation.pdbx_database_id_DOI      10.1016/j.bmcl.2012.12.013 
# 
loop_
_citation_author.citation_id 
_citation_author.name 
_citation_author.ordinal 
_citation_author.identifier_ORCID 
primary 'Powell, N.A.'  1  ? 
primary 'Hoffman, J.K.' 2  ? 
primary 'Ciske, F.L.'   3  ? 
primary 'Kaufman, M.D.' 4  ? 
primary 'Kohrt, J.T.'   5  ? 
primary 'Quin, J.'      6  ? 
primary 'Sheehan, D.J.' 7  ? 
primary 'Delaney, A.'   8  ? 
primary 'Baxi, S.M.'    9  ? 
primary 'Catana, C.'    10 ? 
primary 'McConnell, P.' 11 ? 
primary 'Ohren, J.'     12 ? 
primary 'Perrin, L.A.'  13 ? 
primary 'Edmunds, J.J.' 14 ? 
# 
loop_
_entity.id 
_entity.type 
_entity.src_method 
_entity.pdbx_description 
_entity.formula_weight 
_entity.pdbx_number_of_molecules 
_entity.pdbx_ec 
_entity.pdbx_mutation 
_entity.pdbx_fragment 
_entity.details 
1 polymer     man 'Tyrosine-protein kinase receptor TYRO3'                                                                     
36771.449 1 2.7.10.1 'kinase domain (UNP Residues 485-800)' ? ? 
2 non-polymer syn '4-(cyclopentylamino)-2-[(2-methoxybenzyl)amino]-N-[3-(2-oxopyrrolidin-1-yl)propyl]pyrimidine-5-carboxamide' 
466.576   1 ?        ?                                      ? ? 
3 water       nat water                                                                                                        
18.015    3 ?        ?                                      ? ? 
# 
_entity_name_com.entity_id   1 
_entity_name_com.name        'Etk2/tyro3, TK19-2, Tyrosine-protein kinase DTK, Tyrosine-protein kinase RSE' 
# 
_entity_poly.entity_id                      1 
_entity_poly.type                           'polypeptide(L)' 
_entity_poly.nstd_linkage                   no 
_entity_poly.nstd_monomer                   no 
_entity_poly.pdbx_seq_one_letter_code       
;MLDSLGISDELKEKLEDVLIPEQQFTLGRMLGKGEFGSVREAQLKQEDGSFVKVAVKMLKADIIASSDIEEFLREAACMK
EFDHPHVAKLVGVSLRSRAKGRLPIPMVILPFMKHGDLHAFLLASRIGENPFNLPLQTLVRFMVDIACGMEYLSSRNFIH
RDLAARNCMLAEDMTVCVADFGLSRKIYSGDYYRQGCASKLPVKWLALESLADNLYTVHSDVWAFGVTMWEIMTRGQTPY
AGIENAEIYNYLIGGNRLKQPPECMEEVYDLMYQCWSADPKQRPSFTCLRMELENILGHLSVLSTSQDPLYINIERAHHH
HHH
;
_entity_poly.pdbx_seq_one_letter_code_can   
;MLDSLGISDELKEKLEDVLIPEQQFTLGRMLGKGEFGSVREAQLKQEDGSFVKVAVKMLKADIIASSDIEEFLREAACMK
EFDHPHVAKLVGVSLRSRAKGRLPIPMVILPFMKHGDLHAFLLASRIGENPFNLPLQTLVRFMVDIACGMEYLSSRNFIH
RDLAARNCMLAEDMTVCVADFGLSRKIYSGDYYRQGCASKLPVKWLALESLADNLYTVHSDVWAFGVTMWEIMTRGQTPY
AGIENAEIYNYLIGGNRLKQPPECMEEVYDLMYQCWSADPKQRPSFTCLRMELENILGHLSVLSTSQDPLYINIERAHHH
HHH
;
_entity_poly.pdbx_strand_id                 A 
_entity_poly.pdbx_target_identifier         ? 
# 
loop_
_pdbx_entity_nonpoly.entity_id 
_pdbx_entity_nonpoly.name 
_pdbx_entity_nonpoly.comp_id 
2 '4-(cyclopentylamino)-2-[(2-methoxybenzyl)amino]-N-[3-(2-oxopyrrolidin-1-yl)propyl]pyrimidine-5-carboxamide' 14S 
3 water                                                                                                        HOH 
# 
loop_
_entity_poly_seq.entity_id 
_entity_poly_seq.num 
_entity_poly_seq.mon_id 
_entity_poly_seq.hetero 
1 1   MET n 
1 2   LEU n 
1 3   ASP n 
1 4   SER n 
1 5   LEU n 
1 6   GLY n 
1 7   ILE n 
1 8   SER n 
1 9   ASP n 
1 10  GLU n 
1 11  LEU n 
1 12  LYS n 
1 13  GLU n 
1 14  LYS n 
1 15  LEU n 
1 16  GLU n 
1 17  ASP n 
1 18  VAL n 
1 19  LEU n 
1 20  ILE n 
1 21  PRO n 
1 22  GLU n 
1 23  GLN n 
1 24  GLN n 
1 25  PHE n 
1 26  THR n 
1 27  LEU n 
1 28  GLY n 
1 29  ARG n 
1 30  MET n 
1 31  LEU n 
1 32  GLY n 
1 33  LYS n 
1 34  GLY n 
1 35  GLU n 
1 36  PHE n 
1 37  GLY n 
1 38  SER n 
1 39  VAL n 
1 40  ARG n 
1 41  GLU n 
1 42  ALA n 
1 43  GLN n 
1 44  LEU n 
1 45  LYS n 
1 46  GLN n 
1 47  GLU n 
1 48  ASP n 
1 49  GLY n 
1 50  SER n 
1 51  PHE n 
1 52  VAL n 
1 53  LYS n 
1 54  VAL n 
1 55  ALA n 
1 56  VAL n 
1 57  LYS n 
1 58  MET n 
1 59  LEU n 
1 60  LYS n 
1 61  ALA n 
1 62  ASP n 
1 63  ILE n 
1 64  ILE n 
1 65  ALA n 
1 66  SER n 
1 67  SER n 
1 68  ASP n 
1 69  ILE n 
1 70  GLU n 
1 71  GLU n 
1 72  PHE n 
1 73  LEU n 
1 74  ARG n 
1 75  GLU n 
1 76  ALA n 
1 77  ALA n 
1 78  CYS n 
1 79  MET n 
1 80  LYS n 
1 81  GLU n 
1 82  PHE n 
1 83  ASP n 
1 84  HIS n 
1 85  PRO n 
1 86  HIS n 
1 87  VAL n 
1 88  ALA n 
1 89  LYS n 
1 90  LEU n 
1 91  VAL n 
1 92  GLY n 
1 93  VAL n 
1 94  SER n 
1 95  LEU n 
1 96  ARG n 
1 97  SER n 
1 98  ARG n 
1 99  ALA n 
1 100 LYS n 
1 101 GLY n 
1 102 ARG n 
1 103 LEU n 
1 104 PRO n 
1 105 ILE n 
1 106 PRO n 
1 107 MET n 
1 108 VAL n 
1 109 ILE n 
1 110 LEU n 
1 111 PRO n 
1 112 PHE n 
1 113 MET n 
1 114 LYS n 
1 115 HIS n 
1 116 GLY n 
1 117 ASP n 
1 118 LEU n 
1 119 HIS n 
1 120 ALA n 
1 121 PHE n 
1 122 LEU n 
1 123 LEU n 
1 124 ALA n 
1 125 SER n 
1 126 ARG n 
1 127 ILE n 
1 128 GLY n 
1 129 GLU n 
1 130 ASN n 
1 131 PRO n 
1 132 PHE n 
1 133 ASN n 
1 134 LEU n 
1 135 PRO n 
1 136 LEU n 
1 137 GLN n 
1 138 THR n 
1 139 LEU n 
1 140 VAL n 
1 141 ARG n 
1 142 PHE n 
1 143 MET n 
1 144 VAL n 
1 145 ASP n 
1 146 ILE n 
1 147 ALA n 
1 148 CYS n 
1 149 GLY n 
1 150 MET n 
1 151 GLU n 
1 152 TYR n 
1 153 LEU n 
1 154 SER n 
1 155 SER n 
1 156 ARG n 
1 157 ASN n 
1 158 PHE n 
1 159 ILE n 
1 160 HIS n 
1 161 ARG n 
1 162 ASP n 
1 163 LEU n 
1 164 ALA n 
1 165 ALA n 
1 166 ARG n 
1 167 ASN n 
1 168 CYS n 
1 169 MET n 
1 170 LEU n 
1 171 ALA n 
1 172 GLU n 
1 173 ASP n 
1 174 MET n 
1 175 THR n 
1 176 VAL n 
1 177 CYS n 
1 178 VAL n 
1 179 ALA n 
1 180 ASP n 
1 181 PHE n 
1 182 GLY n 
1 183 LEU n 
1 184 SER n 
1 185 ARG n 
1 186 LYS n 
1 187 ILE n 
1 188 TYR n 
1 189 SER n 
1 190 GLY n 
1 191 ASP n 
1 192 TYR n 
1 193 TYR n 
1 194 ARG n 
1 195 GLN n 
1 196 GLY n 
1 197 CYS n 
1 198 ALA n 
1 199 SER n 
1 200 LYS n 
1 201 LEU n 
1 202 PRO n 
1 203 VAL n 
1 204 LYS n 
1 205 TRP n 
1 206 LEU n 
1 207 ALA n 
1 208 LEU n 
1 209 GLU n 
1 210 SER n 
1 211 LEU n 
1 212 ALA n 
1 213 ASP n 
1 214 ASN n 
1 215 LEU n 
1 216 TYR n 
1 217 THR n 
1 218 VAL n 
1 219 HIS n 
1 220 SER n 
1 221 ASP n 
1 222 VAL n 
1 223 TRP n 
1 224 ALA n 
1 225 PHE n 
1 226 GLY n 
1 227 VAL n 
1 228 THR n 
1 229 MET n 
1 230 TRP n 
1 231 GLU n 
1 232 ILE n 
1 233 MET n 
1 234 THR n 
1 235 ARG n 
1 236 GLY n 
1 237 GLN n 
1 238 THR n 
1 239 PRO n 
1 240 TYR n 
1 241 ALA n 
1 242 GLY n 
1 243 ILE n 
1 244 GLU n 
1 245 ASN n 
1 246 ALA n 
1 247 GLU n 
1 248 ILE n 
1 249 TYR n 
1 250 ASN n 
1 251 TYR n 
1 252 LEU n 
1 253 ILE n 
1 254 GLY n 
1 255 GLY n 
1 256 ASN n 
1 257 ARG n 
1 258 LEU n 
1 259 LYS n 
1 260 GLN n 
1 261 PRO n 
1 262 PRO n 
1 263 GLU n 
1 264 CYS n 
1 265 MET n 
1 266 GLU n 
1 267 GLU n 
1 268 VAL n 
1 269 TYR n 
1 270 ASP n 
1 271 LEU n 
1 272 MET n 
1 273 TYR n 
1 274 GLN n 
1 275 CYS n 
1 276 TRP n 
1 277 SER n 
1 278 ALA n 
1 279 ASP n 
1 280 PRO n 
1 281 LYS n 
1 282 GLN n 
1 283 ARG n 
1 284 PRO n 
1 285 SER n 
1 286 PHE n 
1 287 THR n 
1 288 CYS n 
1 289 LEU n 
1 290 ARG n 
1 291 MET n 
1 292 GLU n 
1 293 LEU n 
1 294 GLU n 
1 295 ASN n 
1 296 ILE n 
1 297 LEU n 
1 298 GLY n 
1 299 HIS n 
1 300 LEU n 
1 301 SER n 
1 302 VAL n 
1 303 LEU n 
1 304 SER n 
1 305 THR n 
1 306 SER n 
1 307 GLN n 
1 308 ASP n 
1 309 PRO n 
1 310 LEU n 
1 311 TYR n 
1 312 ILE n 
1 313 ASN n 
1 314 ILE n 
1 315 GLU n 
1 316 ARG n 
1 317 ALA n 
1 318 HIS n 
1 319 HIS n 
1 320 HIS n 
1 321 HIS n 
1 322 HIS n 
1 323 HIS n 
# 
_entity_src_gen.entity_id                          1 
_entity_src_gen.pdbx_src_id                        1 
_entity_src_gen.pdbx_alt_source_flag               sample 
_entity_src_gen.pdbx_seq_type                      ? 
_entity_src_gen.pdbx_beg_seq_num                   ? 
_entity_src_gen.pdbx_end_seq_num                   ? 
_entity_src_gen.gene_src_common_name               mouse 
_entity_src_gen.gene_src_genus                     ? 
_entity_src_gen.pdbx_gene_src_gene                 'Tyro3, Dtk, Rse' 
_entity_src_gen.gene_src_species                   ? 
_entity_src_gen.gene_src_strain                    ? 
_entity_src_gen.gene_src_tissue                    ? 
_entity_src_gen.gene_src_tissue_fraction           ? 
_entity_src_gen.gene_src_details                   ? 
_entity_src_gen.pdbx_gene_src_fragment             ? 
_entity_src_gen.pdbx_gene_src_scientific_name      'Mus musculus' 
_entity_src_gen.pdbx_gene_src_ncbi_taxonomy_id     10090 
_entity_src_gen.pdbx_gene_src_variant              ? 
_entity_src_gen.pdbx_gene_src_cell_line            ? 
_entity_src_gen.pdbx_gene_src_atcc                 ? 
_entity_src_gen.pdbx_gene_src_organ                ? 
_entity_src_gen.pdbx_gene_src_organelle            ? 
_entity_src_gen.pdbx_gene_src_cell                 ? 
_entity_src_gen.pdbx_gene_src_cellular_location    ? 
_entity_src_gen.host_org_common_name               ? 
_entity_src_gen.pdbx_host_org_scientific_name      'Spodoptera frugiperda' 
_entity_src_gen.pdbx_host_org_ncbi_taxonomy_id     7108 
_entity_src_gen.host_org_genus                     ? 
_entity_src_gen.pdbx_host_org_gene                 ? 
_entity_src_gen.pdbx_host_org_organ                ? 
_entity_src_gen.host_org_species                   ? 
_entity_src_gen.pdbx_host_org_tissue               ? 
_entity_src_gen.pdbx_host_org_tissue_fraction      ? 
_entity_src_gen.pdbx_host_org_strain               ? 
_entity_src_gen.pdbx_host_org_variant              ? 
_entity_src_gen.pdbx_host_org_cell_line            ? 
_entity_src_gen.pdbx_host_org_atcc                 ? 
_entity_src_gen.pdbx_host_org_culture_collection   ? 
_entity_src_gen.pdbx_host_org_cell                 ? 
_entity_src_gen.pdbx_host_org_organelle            ? 
_entity_src_gen.pdbx_host_org_cellular_location    ? 
_entity_src_gen.pdbx_host_org_vector_type          ? 
_entity_src_gen.pdbx_host_org_vector               ? 
_entity_src_gen.host_org_details                   ? 
_entity_src_gen.expression_system_id               ? 
_entity_src_gen.plasmid_name                       ? 
_entity_src_gen.plasmid_details                    ? 
_entity_src_gen.pdbx_description                   ? 
# 
loop_
_chem_comp.id 
_chem_comp.type 
_chem_comp.mon_nstd_flag 
_chem_comp.name 
_chem_comp.pdbx_synonyms 
_chem_comp.formula 
_chem_comp.formula_weight 
14S non-polymer         . 
'4-(cyclopentylamino)-2-[(2-methoxybenzyl)amino]-N-[3-(2-oxopyrrolidin-1-yl)propyl]pyrimidine-5-carboxamide' ? 'C25 H34 N6 O3'  
466.576 
ALA 'L-peptide linking' y ALANINE ? 'C3 H7 N O2'     89.093  
ARG 'L-peptide linking' y ARGININE ? 'C6 H15 N4 O2 1' 175.209 
ASN 'L-peptide linking' y ASPARAGINE ? 'C4 H8 N2 O3'    132.118 
ASP 'L-peptide linking' y 'ASPARTIC ACID' ? 'C4 H7 N O4'     133.103 
CYS 'L-peptide linking' y CYSTEINE ? 'C3 H7 N O2 S'   121.158 
GLN 'L-peptide linking' y GLUTAMINE ? 'C5 H10 N2 O3'   146.144 
GLU 'L-peptide linking' y 'GLUTAMIC ACID' ? 'C5 H9 N O4'     147.129 
GLY 'peptide linking'   y GLYCINE ? 'C2 H5 N O2'     75.067  
HIS 'L-peptide linking' y HISTIDINE ? 'C6 H10 N3 O2 1' 156.162 
HOH non-polymer         . WATER ? 'H2 O'           18.015  
ILE 'L-peptide linking' y ISOLEUCINE ? 'C6 H13 N O2'    131.173 
LEU 'L-peptide linking' y LEUCINE ? 'C6 H13 N O2'    131.173 
LYS 'L-peptide linking' y LYSINE ? 'C6 H15 N2 O2 1' 147.195 
MET 'L-peptide linking' y METHIONINE ? 'C5 H11 N O2 S'  149.211 
PHE 'L-peptide linking' y PHENYLALANINE ? 'C9 H11 N O2'    165.189 
PRO 'L-peptide linking' y PROLINE ? 'C5 H9 N O2'     115.130 
SER 'L-peptide linking' y SERINE ? 'C3 H7 N O3'     105.093 
THR 'L-peptide linking' y THREONINE ? 'C4 H9 N O3'     119.119 
TRP 'L-peptide linking' y TRYPTOPHAN ? 'C11 H12 N2 O2'  204.225 
TYR 'L-peptide linking' y TYROSINE ? 'C9 H11 N O3'    181.189 
VAL 'L-peptide linking' y VALINE ? 'C5 H11 N O2'    117.146 
# 
loop_
_pdbx_poly_seq_scheme.asym_id 
_pdbx_poly_seq_scheme.entity_id 
_pdbx_poly_seq_scheme.seq_id 
_pdbx_poly_seq_scheme.mon_id 
_pdbx_poly_seq_scheme.ndb_seq_num 
_pdbx_poly_seq_scheme.pdb_seq_num 
_pdbx_poly_seq_scheme.auth_seq_num 
_pdbx_poly_seq_scheme.pdb_mon_id 
_pdbx_poly_seq_scheme.auth_mon_id 
_pdbx_poly_seq_scheme.pdb_strand_id 
_pdbx_poly_seq_scheme.pdb_ins_code 
_pdbx_poly_seq_scheme.hetero 
A 1 1   MET 1   484 ?   ?   ?   A . n 
A 1 2   LEU 2   485 ?   ?   ?   A . n 
A 1 3   ASP 3   486 ?   ?   ?   A . n 
A 1 4   SER 4   487 ?   ?   ?   A . n 
A 1 5   LEU 5   488 ?   ?   ?   A . n 
A 1 6   GLY 6   489 ?   ?   ?   A . n 
A 1 7   ILE 7   490 ?   ?   ?   A . n 
A 1 8   SER 8   491 ?   ?   ?   A . n 
A 1 9   ASP 9   492 ?   ?   ?   A . n 
A 1 10  GLU 10  493 ?   ?   ?   A . n 
A 1 11  LEU 11  494 ?   ?   ?   A . n 
A 1 12  LYS 12  495 ?   ?   ?   A . n 
A 1 13  GLU 13  496 ?   ?   ?   A . n 
A 1 14  LYS 14  497 ?   ?   ?   A . n 
A 1 15  LEU 15  498 ?   ?   ?   A . n 
A 1 16  GLU 16  499 ?   ?   ?   A . n 
A 1 17  ASP 17  500 ?   ?   ?   A . n 
A 1 18  VAL 18  501 ?   ?   ?   A . n 
A 1 19  LEU 19  502 ?   ?   ?   A . n 
A 1 20  ILE 20  503 ?   ?   ?   A . n 
A 1 21  PRO 21  504 ?   ?   ?   A . n 
A 1 22  GLU 22  505 ?   ?   ?   A . n 
A 1 23  GLN 23  506 ?   ?   ?   A . n 
A 1 24  GLN 24  507 ?   ?   ?   A . n 
A 1 25  PHE 25  508 ?   ?   ?   A . n 
A 1 26  THR 26  509 ?   ?   ?   A . n 
A 1 27  LEU 27  510 ?   ?   ?   A . n 
A 1 28  GLY 28  511 ?   ?   ?   A . n 
A 1 29  ARG 29  512 ?   ?   ?   A . n 
A 1 30  MET 30  513 ?   ?   ?   A . n 
A 1 31  LEU 31  514 ?   ?   ?   A . n 
A 1 32  GLY 32  515 ?   ?   ?   A . n 
A 1 33  LYS 33  516 ?   ?   ?   A . n 
A 1 34  GLY 34  517 ?   ?   ?   A . n 
A 1 35  GLU 35  518 ?   ?   ?   A . n 
A 1 36  PHE 36  519 ?   ?   ?   A . n 
A 1 37  GLY 37  520 ?   ?   ?   A . n 
A 1 38  SER 38  521 ?   ?   ?   A . n 
A 1 39  VAL 39  522 ?   ?   ?   A . n 
A 1 40  ARG 40  523 ?   ?   ?   A . n 
A 1 41  GLU 41  524 ?   ?   ?   A . n 
A 1 42  ALA 42  525 ?   ?   ?   A . n 
A 1 43  GLN 43  526 ?   ?   ?   A . n 
A 1 44  LEU 44  527 ?   ?   ?   A . n 
A 1 45  LYS 45  528 ?   ?   ?   A . n 
A 1 46  GLN 46  529 ?   ?   ?   A . n 
A 1 47  GLU 47  530 ?   ?   ?   A . n 
A 1 48  ASP 48  531 ?   ?   ?   A . n 
A 1 49  GLY 49  532 ?   ?   ?   A . n 
A 1 50  SER 50  533 ?   ?   ?   A . n 
A 1 51  PHE 51  534 ?   ?   ?   A . n 
A 1 52  VAL 52  535 ?   ?   ?   A . n 
A 1 53  LYS 53  536 ?   ?   ?   A . n 
A 1 54  VAL 54  537 ?   ?   ?   A . n 
A 1 55  ALA 55  538 ?   ?   ?   A . n 
A 1 56  VAL 56  539 ?   ?   ?   A . n 
A 1 57  LYS 57  540 ?   ?   ?   A . n 
A 1 58  MET 58  541 ?   ?   ?   A . n 
A 1 59  LEU 59  542 ?   ?   ?   A . n 
A 1 60  LYS 60  543 ?   ?   ?   A . n 
A 1 61  ALA 61  544 ?   ?   ?   A . n 
A 1 62  ASP 62  545 ?   ?   ?   A . n 
A 1 63  ILE 63  546 ?   ?   ?   A . n 
A 1 64  ILE 64  547 ?   ?   ?   A . n 
A 1 65  ALA 65  548 ?   ?   ?   A . n 
A 1 66  SER 66  549 ?   ?   ?   A . n 
A 1 67  SER 67  550 ?   ?   ?   A . n 
A 1 68  ASP 68  551 ?   ?   ?   A . n 
A 1 69  ILE 69  552 ?   ?   ?   A . n 
A 1 70  GLU 70  553 ?   ?   ?   A . n 
A 1 71  GLU 71  554 ?   ?   ?   A . n 
A 1 72  PHE 72  555 ?   ?   ?   A . n 
A 1 73  LEU 73  556 ?   ?   ?   A . n 
A 1 74  ARG 74  557 ?   ?   ?   A . n 
A 1 75  GLU 75  558 ?   ?   ?   A . n 
A 1 76  ALA 76  559 ?   ?   ?   A . n 
A 1 77  ALA 77  560 ?   ?   ?   A . n 
A 1 78  CYS 78  561 ?   ?   ?   A . n 
A 1 79  MET 79  562 ?   ?   ?   A . n 
A 1 80  LYS 80  563 563 LYS LYS A . n 
A 1 81  GLU 81  564 564 GLU GLU A . n 
A 1 82  PHE 82  565 565 PHE PHE A . n 
A 1 83  ASP 83  566 566 ASP ASP A . n 
A 1 84  HIS 84  567 567 HIS HIS A . n 
A 1 85  PRO 85  568 568 PRO PRO A . n 
A 1 86  HIS 86  569 569 HIS HIS A . n 
A 1 87  VAL 87  570 570 VAL VAL A . n 
A 1 88  ALA 88  571 571 ALA ALA A . n 
A 1 89  LYS 89  572 572 LYS LYS A . n 
A 1 90  LEU 90  573 573 LEU LEU A . n 
A 1 91  VAL 91  574 574 VAL VAL A . n 
A 1 92  GLY 92  575 ?   ?   ?   A . n 
A 1 93  VAL 93  576 ?   ?   ?   A . n 
A 1 94  SER 94  577 ?   ?   ?   A . n 
A 1 95  LEU 95  578 ?   ?   ?   A . n 
A 1 96  ARG 96  579 ?   ?   ?   A . n 
A 1 97  SER 97  580 ?   ?   ?   A . n 
A 1 98  ARG 98  581 ?   ?   ?   A . n 
A 1 99  ALA 99  582 ?   ?   ?   A . n 
A 1 100 LYS 100 583 ?   ?   ?   A . n 
A 1 101 GLY 101 584 ?   ?   ?   A . n 
A 1 102 ARG 102 585 ?   ?   ?   A . n 
A 1 103 LEU 103 586 ?   ?   ?   A . n 
A 1 104 PRO 104 587 ?   ?   ?   A . n 
A 1 105 ILE 105 588 ?   ?   ?   A . n 
A 1 106 PRO 106 589 ?   ?   ?   A . n 
A 1 107 MET 107 590 ?   ?   ?   A . n 
A 1 108 VAL 108 591 ?   ?   ?   A . n 
A 1 109 ILE 109 592 592 ILE ILE A . n 
A 1 110 LEU 110 593 593 LEU LEU A . n 
A 1 111 PRO 111 594 594 PRO PRO A . n 
A 1 112 PHE 112 595 595 PHE PHE A . n 
A 1 113 MET 113 596 596 MET MET A . n 
A 1 114 LYS 114 597 597 LYS LYS A . n 
A 1 115 HIS 115 598 598 HIS HIS A . n 
A 1 116 GLY 116 599 599 GLY GLY A . n 
A 1 117 ASP 117 600 600 ASP ASP A . n 
A 1 118 LEU 118 601 601 LEU LEU A . n 
A 1 119 HIS 119 602 602 HIS HIS A . n 
A 1 120 ALA 120 603 603 ALA ALA A . n 
A 1 121 PHE 121 604 604 PHE PHE A . n 
A 1 122 LEU 122 605 605 LEU LEU A . n 
A 1 123 LEU 123 606 606 LEU LEU A . n 
A 1 124 ALA 124 607 607 ALA ALA A . n 
A 1 125 SER 125 608 608 SER SER A . n 
A 1 126 ARG 126 609 609 ARG ARG A . n 
A 1 127 ILE 127 610 610 ILE ILE A . n 
A 1 128 GLY 128 611 ?   ?   ?   A . n 
A 1 129 GLU 129 612 ?   ?   ?   A . n 
A 1 130 ASN 130 613 ?   ?   ?   A . n 
A 1 131 PRO 131 614 ?   ?   ?   A . n 
A 1 132 PHE 132 615 ?   ?   ?   A . n 
A 1 133 ASN 133 616 ?   ?   ?   A . n 
A 1 134 LEU 134 617 ?   ?   ?   A . n 
A 1 135 PRO 135 618 618 PRO PRO A . n 
A 1 136 LEU 136 619 619 LEU LEU A . n 
A 1 137 GLN 137 620 620 GLN GLN A . n 
A 1 138 THR 138 621 621 THR THR A . n 
A 1 139 LEU 139 622 622 LEU LEU A . n 
A 1 140 VAL 140 623 623 VAL VAL A . n 
A 1 141 ARG 141 624 624 ARG ARG A . n 
A 1 142 PHE 142 625 625 PHE PHE A . n 
A 1 143 MET 143 626 626 MET MET A . n 
A 1 144 VAL 144 627 627 VAL VAL A . n 
A 1 145 ASP 145 628 628 ASP ASP A . n 
A 1 146 ILE 146 629 629 ILE ILE A . n 
A 1 147 ALA 147 630 630 ALA ALA A . n 
A 1 148 CYS 148 631 631 CYS CYS A . n 
A 1 149 GLY 149 632 632 GLY GLY A . n 
A 1 150 MET 150 633 633 MET MET A . n 
A 1 151 GLU 151 634 634 GLU GLU A . n 
A 1 152 TYR 152 635 635 TYR TYR A . n 
A 1 153 LEU 153 636 636 LEU LEU A . n 
A 1 154 SER 154 637 637 SER SER A . n 
A 1 155 SER 155 638 638 SER SER A . n 
A 1 156 ARG 156 639 639 ARG ARG A . n 
A 1 157 ASN 157 640 640 ASN ASN A . n 
A 1 158 PHE 158 641 641 PHE PHE A . n 
A 1 159 ILE 159 642 642 ILE ILE A . n 
A 1 160 HIS 160 643 643 HIS HIS A . n 
A 1 161 ARG 161 644 644 ARG ARG A . n 
A 1 162 ASP 162 645 645 ASP ASP A . n 
A 1 163 LEU 163 646 646 LEU LEU A . n 
A 1 164 ALA 164 647 647 ALA ALA A . n 
A 1 165 ALA 165 648 648 ALA ALA A . n 
A 1 166 ARG 166 649 649 ARG ARG A . n 
A 1 167 ASN 167 650 650 ASN ASN A . n 
A 1 168 CYS 168 651 651 CYS CYS A . n 
A 1 169 MET 169 652 652 MET MET A . n 
A 1 170 LEU 170 653 653 LEU LEU A . n 
A 1 171 ALA 171 654 654 ALA ALA A . n 
A 1 172 GLU 172 655 655 GLU GLU A . n 
A 1 173 ASP 173 656 656 ASP ASP A . n 
A 1 174 MET 174 657 657 MET MET A . n 
A 1 175 THR 175 658 658 THR THR A . n 
A 1 176 VAL 176 659 659 VAL VAL A . n 
A 1 177 CYS 177 660 660 CYS CYS A . n 
A 1 178 VAL 178 661 661 VAL VAL A . n 
A 1 179 ALA 179 662 662 ALA ALA A . n 
A 1 180 ASP 180 663 ?   ?   ?   A . n 
A 1 181 PHE 181 664 ?   ?   ?   A . n 
A 1 182 GLY 182 665 ?   ?   ?   A . n 
A 1 183 LEU 183 666 ?   ?   ?   A . n 
A 1 184 SER 184 667 ?   ?   ?   A . n 
A 1 185 ARG 185 668 ?   ?   ?   A . n 
A 1 186 LYS 186 669 ?   ?   ?   A . n 
A 1 187 ILE 187 670 ?   ?   ?   A . n 
A 1 188 TYR 188 671 ?   ?   ?   A . n 
A 1 189 SER 189 672 ?   ?   ?   A . n 
A 1 190 GLY 190 673 ?   ?   ?   A . n 
A 1 191 ASP 191 674 ?   ?   ?   A . n 
A 1 192 TYR 192 675 ?   ?   ?   A . n 
A 1 193 TYR 193 676 ?   ?   ?   A . n 
A 1 194 ARG 194 677 ?   ?   ?   A . n 
A 1 195 GLN 195 678 ?   ?   ?   A . n 
A 1 196 GLY 196 679 ?   ?   ?   A . n 
A 1 197 CYS 197 680 ?   ?   ?   A . n 
A 1 198 ALA 198 681 ?   ?   ?   A . n 
A 1 199 SER 199 682 ?   ?   ?   A . n 
A 1 200 LYS 200 683 ?   ?   ?   A . n 
A 1 201 LEU 201 684 ?   ?   ?   A . n 
A 1 202 PRO 202 685 ?   ?   ?   A . n 
A 1 203 VAL 203 686 686 VAL VAL A . n 
A 1 204 LYS 204 687 687 LYS LYS A . n 
A 1 205 TRP 205 688 688 TRP TRP A . n 
A 1 206 LEU 206 689 689 LEU LEU A . n 
A 1 207 ALA 207 690 690 ALA ALA A . n 
A 1 208 LEU 208 691 691 LEU LEU A . n 
A 1 209 GLU 209 692 692 GLU GLU A . n 
A 1 210 SER 210 693 693 SER SER A . n 
A 1 211 LEU 211 694 694 LEU LEU A . n 
A 1 212 ALA 212 695 695 ALA ALA A . n 
A 1 213 ASP 213 696 696 ASP ASP A . n 
A 1 214 ASN 214 697 697 ASN ASN A . n 
A 1 215 LEU 215 698 698 LEU LEU A . n 
A 1 216 TYR 216 699 699 TYR TYR A . n 
A 1 217 THR 217 700 700 THR THR A . n 
A 1 218 VAL 218 701 701 VAL VAL A . n 
A 1 219 HIS 219 702 702 HIS HIS A . n 
A 1 220 SER 220 703 703 SER SER A . n 
A 1 221 ASP 221 704 704 ASP ASP A . n 
A 1 222 VAL 222 705 705 VAL VAL A . n 
A 1 223 TRP 223 706 706 TRP TRP A . n 
A 1 224 ALA 224 707 707 ALA ALA A . n 
A 1 225 PHE 225 708 708 PHE PHE A . n 
A 1 226 GLY 226 709 709 GLY GLY A . n 
A 1 227 VAL 227 710 710 VAL VAL A . n 
A 1 228 THR 228 711 711 THR THR A . n 
A 1 229 MET 229 712 712 MET MET A . n 
A 1 230 TRP 230 713 713 TRP TRP A . n 
A 1 231 GLU 231 714 714 GLU GLU A . n 
A 1 232 ILE 232 715 715 ILE ILE A . n 
A 1 233 MET 233 716 716 MET MET A . n 
A 1 234 THR 234 717 717 THR THR A . n 
A 1 235 ARG 235 718 718 ARG ARG A . n 
A 1 236 GLY 236 719 719 GLY GLY A . n 
A 1 237 GLN 237 720 720 GLN GLN A . n 
A 1 238 THR 238 721 721 THR THR A . n 
A 1 239 PRO 239 722 722 PRO PRO A . n 
A 1 240 TYR 240 723 723 TYR TYR A . n 
A 1 241 ALA 241 724 724 ALA ALA A . n 
A 1 242 GLY 242 725 725 GLY GLY A . n 
A 1 243 ILE 243 726 726 ILE ILE A . n 
A 1 244 GLU 244 727 727 GLU GLU A . n 
A 1 245 ASN 245 728 728 ASN ASN A . n 
A 1 246 ALA 246 729 729 ALA ALA A . n 
A 1 247 GLU 247 730 730 GLU GLU A . n 
A 1 248 ILE 248 731 731 ILE ILE A . n 
A 1 249 TYR 249 732 732 TYR TYR A . n 
A 1 250 ASN 250 733 733 ASN ASN A . n 
A 1 251 TYR 251 734 734 TYR TYR A . n 
A 1 252 LEU 252 735 735 LEU LEU A . n 
A 1 253 ILE 253 736 736 ILE ILE A . n 
A 1 254 GLY 254 737 737 GLY GLY A . n 
A 1 255 GLY 255 738 738 GLY GLY A . n 
A 1 256 ASN 256 739 739 ASN ASN A . n 
A 1 257 ARG 257 740 740 ARG ARG A . n 
A 1 258 LEU 258 741 741 LEU LEU A . n 
A 1 259 LYS 259 742 742 LYS LYS A . n 
A 1 260 GLN 260 743 743 GLN GLN A . n 
A 1 261 PRO 261 744 744 PRO PRO A . n 
A 1 262 PRO 262 745 745 PRO PRO A . n 
A 1 263 GLU 263 746 746 GLU GLU A . n 
A 1 264 CYS 264 747 747 CYS CYS A . n 
A 1 265 MET 265 748 748 MET MET A . n 
A 1 266 GLU 266 749 ?   ?   ?   A . n 
A 1 267 GLU 267 750 ?   ?   ?   A . n 
A 1 268 VAL 268 751 751 VAL VAL A . n 
A 1 269 TYR 269 752 752 TYR TYR A . n 
A 1 270 ASP 270 753 753 ASP ASP A . n 
A 1 271 LEU 271 754 754 LEU LEU A . n 
A 1 272 MET 272 755 755 MET MET A . n 
A 1 273 TYR 273 756 756 TYR TYR A . n 
A 1 274 GLN 274 757 757 GLN GLN A . n 
A 1 275 CYS 275 758 758 CYS CYS A . n 
A 1 276 TRP 276 759 759 TRP TRP A . n 
A 1 277 SER 277 760 760 SER SER A . n 
A 1 278 ALA 278 761 761 ALA ALA A . n 
A 1 279 ASP 279 762 762 ASP ASP A . n 
A 1 280 PRO 280 763 763 PRO PRO A . n 
A 1 281 LYS 281 764 764 LYS LYS A . n 
A 1 282 GLN 282 765 765 GLN GLN A . n 
A 1 283 ARG 283 766 766 ARG ARG A . n 
A 1 284 PRO 284 767 767 PRO PRO A . n 
A 1 285 SER 285 768 768 SER SER A . n 
A 1 286 PHE 286 769 769 PHE PHE A . n 
A 1 287 THR 287 770 770 THR THR A . n 
A 1 288 CYS 288 771 771 CYS CYS A . n 
A 1 289 LEU 289 772 772 LEU LEU A . n 
A 1 290 ARG 290 773 773 ARG ARG A . n 
A 1 291 MET 291 774 774 MET MET A . n 
A 1 292 GLU 292 775 775 GLU GLU A . n 
A 1 293 LEU 293 776 776 LEU LEU A . n 
A 1 294 GLU 294 777 777 GLU GLU A . n 
A 1 295 ASN 295 778 778 ASN ASN A . n 
A 1 296 ILE 296 779 779 ILE ILE A . n 
A 1 297 LEU 297 780 780 LEU LEU A . n 
A 1 298 GLY 298 781 ?   ?   ?   A . n 
A 1 299 HIS 299 782 ?   ?   ?   A . n 
A 1 300 LEU 300 783 ?   ?   ?   A . n 
A 1 301 SER 301 784 ?   ?   ?   A . n 
A 1 302 VAL 302 785 ?   ?   ?   A . n 
A 1 303 LEU 303 786 ?   ?   ?   A . n 
A 1 304 SER 304 787 ?   ?   ?   A . n 
A 1 305 THR 305 788 ?   ?   ?   A . n 
A 1 306 SER 306 789 ?   ?   ?   A . n 
A 1 307 GLN 307 790 ?   ?   ?   A . n 
A 1 308 ASP 308 791 ?   ?   ?   A . n 
A 1 309 PRO 309 792 ?   ?   ?   A . n 
A 1 310 LEU 310 793 ?   ?   ?   A . n 
A 1 311 TYR 311 794 ?   ?   ?   A . n 
A 1 312 ILE 312 795 ?   ?   ?   A . n 
A 1 313 ASN 313 796 ?   ?   ?   A . n 
A 1 314 ILE 314 797 ?   ?   ?   A . n 
A 1 315 GLU 315 798 ?   ?   ?   A . n 
A 1 316 ARG 316 799 ?   ?   ?   A . n 
A 1 317 ALA 317 800 ?   ?   ?   A . n 
A 1 318 HIS 318 801 ?   ?   ?   A . n 
A 1 319 HIS 319 802 ?   ?   ?   A . n 
A 1 320 HIS 320 803 ?   ?   ?   A . n 
A 1 321 HIS 321 804 ?   ?   ?   A . n 
A 1 322 HIS 322 805 ?   ?   ?   A . n 
A 1 323 HIS 323 806 ?   ?   ?   A . n 
# 
loop_
_pdbx_nonpoly_scheme.asym_id 
_pdbx_nonpoly_scheme.entity_id 
_pdbx_nonpoly_scheme.mon_id 
_pdbx_nonpoly_scheme.ndb_seq_num 
_pdbx_nonpoly_scheme.pdb_seq_num 
_pdbx_nonpoly_scheme.auth_seq_num 
_pdbx_nonpoly_scheme.pdb_mon_id 
_pdbx_nonpoly_scheme.auth_mon_id 
_pdbx_nonpoly_scheme.pdb_strand_id 
_pdbx_nonpoly_scheme.pdb_ins_code 
B 2 14S 1 901  1 14S 14S A . 
C 3 HOH 1 1001 1 HOH HOH A . 
C 3 HOH 2 1002 2 HOH HOH A . 
C 3 HOH 3 1003 3 HOH HOH A . 
# 
loop_
_software.name 
_software.classification 
_software.version 
_software.citation_id 
_software.pdbx_ordinal 
ADSC      'data collection' Quantum ? 1 
REFMAC    refinement        .       ? 2 
DENZO     'data reduction'  .       ? 3 
SCALEPACK 'data scaling'    .       ? 4 
REFMAC    phasing           .       ? 5 
# 
_cell.entry_id           4FF8 
_cell.length_a           48.522 
_cell.length_b           57.245 
_cell.length_c           60.076 
_cell.angle_alpha        90.00 
_cell.angle_beta         100.85 
_cell.angle_gamma        90.00 
_cell.Z_PDB              2 
_cell.pdbx_unique_axis   ? 
_cell.length_a_esd       ? 
_cell.length_b_esd       ? 
_cell.length_c_esd       ? 
_cell.angle_alpha_esd    ? 
_cell.angle_beta_esd     ? 
_cell.angle_gamma_esd    ? 
# 
_symmetry.entry_id                         4FF8 
_symmetry.space_group_name_H-M             'P 1 21 1' 
_symmetry.pdbx_full_space_group_name_H-M   ? 
_symmetry.cell_setting                     ? 
_symmetry.Int_Tables_number                4 
_symmetry.space_group_name_Hall            ? 
# 
_exptl.entry_id          4FF8 
_exptl.method            'X-RAY DIFFRACTION' 
_exptl.crystals_number   1 
# 
_exptl_crystal.id                    1 
_exptl_crystal.density_meas          ? 
_exptl_crystal.density_Matthews      2.23 
_exptl_crystal.density_percent_sol   44.80 
_exptl_crystal.description           ? 
_exptl_crystal.F_000                 ? 
_exptl_crystal.preparation           ? 
# 
_exptl_crystal_grow.crystal_id      1 
_exptl_crystal_grow.method          'VAPOR DIFFUSION, HANGING DROP' 
_exptl_crystal_grow.temp            295 
_exptl_crystal_grow.temp_details    ? 
_exptl_crystal_grow.pH              7.0 
_exptl_crystal_grow.pdbx_pH_range   ? 
_exptl_crystal_grow.pdbx_details    
'17% PEG 3350, 0.1M magnesium nitrate, 0.1 M Bis-Tris, pH 7.0, VAPOR DIFFUSION, HANGING DROP, temperature 295K' 
# 
_diffrn.id                     1 
_diffrn.ambient_temp           200 
_diffrn.ambient_temp_details   ? 
_diffrn.crystal_id             1 
# 
_diffrn_detector.diffrn_id              1 
_diffrn_detector.detector               CCD 
_diffrn_detector.type                   'ADSC QUANTUM 210r' 
_diffrn_detector.pdbx_collection_date   2005-06-25 
_diffrn_detector.details                ? 
# 
_diffrn_radiation.diffrn_id                        1 
_diffrn_radiation.wavelength_id                    1 
_diffrn_radiation.pdbx_monochromatic_or_laue_m_l   M 
_diffrn_radiation.monochromator                    'SAGITALLY FOCUSED Si(111)' 
_diffrn_radiation.pdbx_diffrn_protocol             'SINGLE WAVELENGTH' 
_diffrn_radiation.pdbx_scattering_type             x-ray 
# 
_diffrn_radiation_wavelength.id           1 
_diffrn_radiation_wavelength.wavelength   1.00 
_diffrn_radiation_wavelength.wt           1.0 
# 
_diffrn_source.diffrn_id                   1 
_diffrn_source.source                      SYNCHROTRON 
_diffrn_source.type                        'APS BEAMLINE 17-ID' 
_diffrn_source.pdbx_synchrotron_site       APS 
_diffrn_source.pdbx_synchrotron_beamline   17-ID 
_diffrn_source.pdbx_wavelength             ? 
_diffrn_source.pdbx_wavelength_list        1.00 
# 
_reflns.pdbx_diffrn_id               1 
_reflns.pdbx_ordinal                 1 
_reflns.entry_id                     4FF8 
_reflns.observed_criterion_sigma_I   2.3 
_reflns.observed_criterion_sigma_F   2.3 
_reflns.d_resolution_low             50.0 
_reflns.d_resolution_high            2.24 
_reflns.number_obs                   13687 
_reflns.number_all                   15860 
_reflns.percent_possible_obs         86.3 
_reflns.pdbx_Rmerge_I_obs            ? 
_reflns.pdbx_Rsym_value              ? 
_reflns.pdbx_netI_over_sigmaI        ? 
_reflns.B_iso_Wilson_estimate        ? 
_reflns.pdbx_redundancy              ? 
_reflns.R_free_details               ? 
_reflns.limit_h_max                  ? 
_reflns.limit_h_min                  ? 
_reflns.limit_k_max                  ? 
_reflns.limit_k_min                  ? 
_reflns.limit_l_max                  ? 
_reflns.limit_l_min                  ? 
_reflns.observed_criterion_F_max     ? 
_reflns.observed_criterion_F_min     ? 
_reflns.pdbx_chi_squared             ? 
_reflns.pdbx_scaling_rejects         ? 
# 
_reflns_shell.pdbx_diffrn_id         1 
_reflns_shell.pdbx_ordinal           1 
_reflns_shell.d_res_high             2.24 
_reflns_shell.d_res_low              2.32 
_reflns_shell.percent_possible_all   26.9 
_reflns_shell.Rmerge_I_obs           ? 
_reflns_shell.pdbx_Rsym_value        ? 
_reflns_shell.meanI_over_sigI_obs    ? 
_reflns_shell.pdbx_redundancy        ? 
_reflns_shell.percent_possible_obs   ? 
_reflns_shell.number_unique_all      ? 
_reflns_shell.number_measured_all    ? 
_reflns_shell.number_measured_obs    ? 
_reflns_shell.number_unique_obs      ? 
_reflns_shell.pdbx_chi_squared       ? 
# 
_refine.pdbx_refine_id                           'X-RAY DIFFRACTION' 
_refine.entry_id                                 4FF8 
_refine.pdbx_diffrn_id                           1 
_refine.pdbx_TLS_residual_ADP_flag               ? 
_refine.ls_number_reflns_obs                     11640 
_refine.ls_number_reflns_all                     ? 
_refine.pdbx_ls_sigma_I                          ? 
_refine.pdbx_ls_sigma_F                          . 
_refine.pdbx_data_cutoff_high_absF               ? 
_refine.pdbx_data_cutoff_low_absF                ? 
_refine.pdbx_data_cutoff_high_rms_absF           ? 
_refine.ls_d_res_low                             47.67 
_refine.ls_d_res_high                            2.40 
_refine.ls_percent_reflns_obs                    95.69 
_refine.ls_R_factor_obs                          0.27901 
_refine.ls_R_factor_all                          ? 
_refine.ls_R_factor_R_work                       0.27664 
_refine.ls_R_factor_R_free                       0.32412 
_refine.ls_R_factor_R_free_error                 ? 
_refine.ls_R_factor_R_free_error_details         ? 
_refine.ls_percent_reflns_R_free                 5.0 
_refine.ls_number_reflns_R_free                  607 
_refine.ls_number_parameters                     ? 
_refine.ls_number_restraints                     ? 
_refine.occupancy_min                            ? 
_refine.occupancy_max                            ? 
_refine.correlation_coeff_Fo_to_Fc               0.888 
_refine.correlation_coeff_Fo_to_Fc_free          0.861 
_refine.B_iso_mean                               60.809 
_refine.aniso_B[1][1]                            -1.32 
_refine.aniso_B[2][2]                            -1.55 
_refine.aniso_B[3][3]                            2.73 
_refine.aniso_B[1][2]                            0.00 
_refine.aniso_B[1][3]                            -0.32 
_refine.aniso_B[2][3]                            -0.00 
_refine.solvent_model_details                    'BABINET MODEL WITH MASK' 
_refine.solvent_model_param_ksol                 ? 
_refine.solvent_model_param_bsol                 ? 
_refine.pdbx_solvent_vdw_probe_radii             1.20 
_refine.pdbx_solvent_ion_probe_radii             0.80 
_refine.pdbx_solvent_shrinkage_radii             0.80 
_refine.pdbx_ls_cross_valid_method               THROUGHOUT 
_refine.details                                  'HYDROGENS HAVE BEEN ADDED IN THE RIDING POSITIONS' 
_refine.pdbx_starting_model                      ? 
_refine.pdbx_method_to_determine_struct          'MOLECULAR REPLACEMENT' 
_refine.pdbx_isotropic_thermal_model             ? 
_refine.pdbx_stereochemistry_target_values       'MAXIMUM LIKELIHOOD' 
_refine.pdbx_stereochem_target_val_spec_case     ? 
_refine.pdbx_R_Free_selection_details            RANDOM 
_refine.pdbx_overall_ESU_R                       0.322 
_refine.pdbx_overall_ESU_R_Free                  0.275 
_refine.overall_SU_ML                            0.189 
_refine.pdbx_overall_phase_error                 ? 
_refine.overall_SU_B                             7.735 
_refine.overall_SU_R_Cruickshank_DPI             ? 
_refine.pdbx_overall_SU_R_free_Cruickshank_DPI   ? 
_refine.pdbx_overall_SU_R_Blow_DPI               ? 
_refine.pdbx_overall_SU_R_free_Blow_DPI          ? 
_refine.ls_redundancy_reflns_obs                 ? 
_refine.B_iso_min                                ? 
_refine.B_iso_max                                ? 
_refine.overall_SU_R_free                        ? 
_refine.ls_wR_factor_R_free                      ? 
_refine.ls_wR_factor_R_work                      ? 
_refine.overall_FOM_free_R_set                   ? 
_refine.overall_FOM_work_R_set                   ? 
# 
_refine_hist.pdbx_refine_id                   'X-RAY DIFFRACTION' 
_refine_hist.cycle_id                         LAST 
_refine_hist.pdbx_number_atoms_protein        1363 
_refine_hist.pdbx_number_atoms_nucleic_acid   0 
_refine_hist.pdbx_number_atoms_ligand         34 
_refine_hist.number_atoms_solvent             3 
_refine_hist.number_atoms_total               1400 
_refine_hist.d_res_high                       2.40 
_refine_hist.d_res_low                        47.67 
# 
loop_
_refine_ls_restr.type 
_refine_ls_restr.dev_ideal 
_refine_ls_restr.dev_ideal_target 
_refine_ls_restr.weight 
_refine_ls_restr.number 
_refine_ls_restr.pdbx_refine_id 
_refine_ls_restr.pdbx_restraint_function 
r_bond_refined_d             0.010  0.019  ? 1394 'X-RAY DIFFRACTION' ? 
r_bond_other_d               0.001  0.020  ? 1331 'X-RAY DIFFRACTION' ? 
r_angle_refined_deg          1.405  1.951  ? 1884 'X-RAY DIFFRACTION' ? 
r_angle_other_deg            0.789  3.000  ? 3052 'X-RAY DIFFRACTION' ? 
r_dihedral_angle_1_deg       6.246  5.000  ? 164  'X-RAY DIFFRACTION' ? 
r_dihedral_angle_2_deg       34.564 23.438 ? 64   'X-RAY DIFFRACTION' ? 
r_dihedral_angle_3_deg       17.208 15.000 ? 240  'X-RAY DIFFRACTION' ? 
r_dihedral_angle_4_deg       20.049 15.000 ? 9    'X-RAY DIFFRACTION' ? 
r_chiral_restr               0.077  0.200  ? 209  'X-RAY DIFFRACTION' ? 
r_gen_planes_refined         0.006  0.021  ? 1529 'X-RAY DIFFRACTION' ? 
r_gen_planes_other           0.001  0.020  ? 328  'X-RAY DIFFRACTION' ? 
r_nbd_refined                ?      ?      ? ?    'X-RAY DIFFRACTION' ? 
r_nbd_other                  ?      ?      ? ?    'X-RAY DIFFRACTION' ? 
r_nbtor_refined              0.296  0.200  ? 1319 'X-RAY DIFFRACTION' ? 
r_nbtor_other                ?      ?      ? ?    'X-RAY DIFFRACTION' ? 
r_xyhbond_nbd_refined        0.105  0.200  ? 65   'X-RAY DIFFRACTION' ? 
r_xyhbond_nbd_other          ?      ?      ? ?    'X-RAY DIFFRACTION' ? 
r_metal_ion_refined          ?      ?      ? ?    'X-RAY DIFFRACTION' ? 
r_metal_ion_other            ?      ?      ? ?    'X-RAY DIFFRACTION' ? 
r_symmetry_vdw_refined       0.192  0.200  ? 21   'X-RAY DIFFRACTION' ? 
r_symmetry_vdw_other         ?      ?      ? ?    'X-RAY DIFFRACTION' ? 
r_symmetry_hbond_refined     0.163  0.200  ? 2    'X-RAY DIFFRACTION' ? 
r_symmetry_hbond_other       ?      ?      ? ?    'X-RAY DIFFRACTION' ? 
r_symmetry_metal_ion_refined ?      ?      ? ?    'X-RAY DIFFRACTION' ? 
r_symmetry_metal_ion_other   ?      ?      ? ?    'X-RAY DIFFRACTION' ? 
r_mcbond_it                  0.446  1.500  ? 1264 'X-RAY DIFFRACTION' ? 
r_mcbond_other               ?      ?      ? ?    'X-RAY DIFFRACTION' ? 
r_mcangle_it                 0.808  2.000  ? 1943 'X-RAY DIFFRACTION' ? 
r_scbond_it                  0.947  3.000  ? 863  'X-RAY DIFFRACTION' ? 
r_scangle_it                 1.398  4.500  ? 750  'X-RAY DIFFRACTION' ? 
r_rigid_bond_restr           ?      ?      ? ?    'X-RAY DIFFRACTION' ? 
r_sphericity_free            ?      ?      ? ?    'X-RAY DIFFRACTION' ? 
r_sphericity_bonded          ?      ?      ? ?    'X-RAY DIFFRACTION' ? 
# 
_refine_ls_shell.pdbx_refine_id                   'X-RAY DIFFRACTION' 
_refine_ls_shell.pdbx_total_number_of_bins_used   20 
_refine_ls_shell.d_res_high                       2.400 
_refine_ls_shell.d_res_low                        2.462 
_refine_ls_shell.number_reflns_R_work             639 
_refine_ls_shell.R_factor_R_work                  0.251 
_refine_ls_shell.percent_reflns_obs               73.05 
_refine_ls_shell.R_factor_R_free                  0.291 
_refine_ls_shell.R_factor_R_free_error            ? 
_refine_ls_shell.percent_reflns_R_free            ? 
_refine_ls_shell.number_reflns_R_free             25 
_refine_ls_shell.number_reflns_all                ? 
_refine_ls_shell.R_factor_all                     ? 
_refine_ls_shell.redundancy_reflns_obs            ? 
_refine_ls_shell.number_reflns_obs                ? 
# 
_struct.entry_id                  4FF8 
_struct.title                     
'Inhibitor bound structure of the kinase domain of the murine receptor tyrosine kinase TYRO3 (Sky)' 
_struct.pdbx_model_details        ? 
_struct.pdbx_CASP_flag            ? 
_struct.pdbx_model_type_details   ? 
# 
_struct_keywords.entry_id        4FF8 
_struct_keywords.pdbx_keywords   'TRANSFERASE/TRANSFERASE INHIBITOR' 
_struct_keywords.text            
'Receptor Protein Tyrosine Kinase, Phosphotransferase, Gas6 (ligand), TRANSFERASE-TRANSFERASE INHIBITOR complex' 
# 
loop_
_struct_asym.id 
_struct_asym.pdbx_blank_PDB_chainid_flag 
_struct_asym.pdbx_modified 
_struct_asym.entity_id 
_struct_asym.details 
A N N 1 ? 
B N N 2 ? 
C N N 3 ? 
# 
_struct_ref.id                         1 
_struct_ref.db_name                    UNP 
_struct_ref.db_code                    TYRO3_MOUSE 
_struct_ref.pdbx_db_accession          P55144 
_struct_ref.entity_id                  1 
_struct_ref.pdbx_seq_one_letter_code   
;LDSLGISDELKEKLEDVLIPEQQFTLGRMLGKGEFGSVREAQLKQEDGSFVKVAVKMLKADIIASSDIEEFLREAACMKE
FDHPHVAKLVGVSLRSRAKGRLPIPMVILPFMKHGDLHAFLLASRIGENPFNLPLQTLVRFMVDIACGMEYLSSRNFIHR
DLAARNCMLAEDMTVCVADFGLSRKIYSGDYYRQGCASKLPVKWLALESLADNLYTVHSDVWAFGVTMWEIMTRGQTPYA
GIENAEIYNYLIGGNRLKQPPECMEEVYDLMYQCWSADPKQRPSFTCLRMELENILGHLSVLSTSQDPLYINIERA
;
_struct_ref.pdbx_align_begin           485 
_struct_ref.pdbx_db_isoform            ? 
# 
_struct_ref_seq.align_id                      1 
_struct_ref_seq.ref_id                        1 
_struct_ref_seq.pdbx_PDB_id_code              4FF8 
_struct_ref_seq.pdbx_strand_id                A 
_struct_ref_seq.seq_align_beg                 2 
_struct_ref_seq.pdbx_seq_align_beg_ins_code   ? 
_struct_ref_seq.seq_align_end                 317 
_struct_ref_seq.pdbx_seq_align_end_ins_code   ? 
_struct_ref_seq.pdbx_db_accession             P55144 
_struct_ref_seq.db_align_beg                  485 
_struct_ref_seq.pdbx_db_align_beg_ins_code    ? 
_struct_ref_seq.db_align_end                  800 
_struct_ref_seq.pdbx_db_align_end_ins_code    ? 
_struct_ref_seq.pdbx_auth_seq_align_beg       485 
_struct_ref_seq.pdbx_auth_seq_align_end       800 
# 
loop_
_struct_ref_seq_dif.align_id 
_struct_ref_seq_dif.pdbx_pdb_id_code 
_struct_ref_seq_dif.mon_id 
_struct_ref_seq_dif.pdbx_pdb_strand_id 
_struct_ref_seq_dif.seq_num 
_struct_ref_seq_dif.pdbx_pdb_ins_code 
_struct_ref_seq_dif.pdbx_seq_db_name 
_struct_ref_seq_dif.pdbx_seq_db_accession_code 
_struct_ref_seq_dif.db_mon_id 
_struct_ref_seq_dif.pdbx_seq_db_seq_num 
_struct_ref_seq_dif.details 
_struct_ref_seq_dif.pdbx_auth_seq_num 
_struct_ref_seq_dif.pdbx_ordinal 
1 4FF8 MET A 1   ? UNP P55144 ? ? 'initiating methionine' 484 1 
1 4FF8 HIS A 318 ? UNP P55144 ? ? 'expression tag'        801 2 
1 4FF8 HIS A 319 ? UNP P55144 ? ? 'expression tag'        802 3 
1 4FF8 HIS A 320 ? UNP P55144 ? ? 'expression tag'        803 4 
1 4FF8 HIS A 321 ? UNP P55144 ? ? 'expression tag'        804 5 
1 4FF8 HIS A 322 ? UNP P55144 ? ? 'expression tag'        805 6 
1 4FF8 HIS A 323 ? UNP P55144 ? ? 'expression tag'        806 7 
# 
_pdbx_struct_assembly.id                   1 
_pdbx_struct_assembly.details              author_and_software_defined_assembly 
_pdbx_struct_assembly.method_details       PISA 
_pdbx_struct_assembly.oligomeric_details   monomeric 
_pdbx_struct_assembly.oligomeric_count     1 
# 
_pdbx_struct_assembly_gen.assembly_id       1 
_pdbx_struct_assembly_gen.oper_expression   1 
_pdbx_struct_assembly_gen.asym_id_list      A,B,C 
# 
_pdbx_struct_oper_list.id                   1 
_pdbx_struct_oper_list.type                 'identity operation' 
_pdbx_struct_oper_list.name                 1_555 
_pdbx_struct_oper_list.symmetry_operation   x,y,z 
_pdbx_struct_oper_list.matrix[1][1]         1.0000000000 
_pdbx_struct_oper_list.matrix[1][2]         0.0000000000 
_pdbx_struct_oper_list.matrix[1][3]         0.0000000000 
_pdbx_struct_oper_list.vector[1]            0.0000000000 
_pdbx_struct_oper_list.matrix[2][1]         0.0000000000 
_pdbx_struct_oper_list.matrix[2][2]         1.0000000000 
_pdbx_struct_oper_list.matrix[2][3]         0.0000000000 
_pdbx_struct_oper_list.vector[2]            0.0000000000 
_pdbx_struct_oper_list.matrix[3][1]         0.0000000000 
_pdbx_struct_oper_list.matrix[3][2]         0.0000000000 
_pdbx_struct_oper_list.matrix[3][3]         1.0000000000 
_pdbx_struct_oper_list.vector[3]            0.0000000000 
# 
_struct_biol.id        1 
_struct_biol.details   ? 
# 
loop_
_struct_conf.conf_type_id 
_struct_conf.id 
_struct_conf.pdbx_PDB_helix_id 
_struct_conf.beg_label_comp_id 
_struct_conf.beg_label_asym_id 
_struct_conf.beg_label_seq_id 
_struct_conf.pdbx_beg_PDB_ins_code 
_struct_conf.end_label_comp_id 
_struct_conf.end_label_asym_id 
_struct_conf.end_label_seq_id 
_struct_conf.pdbx_end_PDB_ins_code 
_struct_conf.beg_auth_comp_id 
_struct_conf.beg_auth_asym_id 
_struct_conf.beg_auth_seq_id 
_struct_conf.end_auth_comp_id 
_struct_conf.end_auth_asym_id 
_struct_conf.end_auth_seq_id 
_struct_conf.pdbx_PDB_helix_class 
_struct_conf.details 
_struct_conf.pdbx_PDB_helix_length 
HELX_P HELX_P1  1  ASP A 117 ? ILE A 127 ? ASP A 600 ILE A 610 1 ? 11 
HELX_P HELX_P2  2  LEU A 136 ? ARG A 156 ? LEU A 619 ARG A 639 1 ? 21 
HELX_P HELX_P3  3  ALA A 164 ? ARG A 166 ? ALA A 647 ARG A 649 5 ? 3  
HELX_P HELX_P4  4  ALA A 207 ? ASN A 214 ? ALA A 690 ASN A 697 1 ? 8  
HELX_P HELX_P5  5  THR A 217 ? THR A 234 ? THR A 700 THR A 717 1 ? 18 
HELX_P HELX_P6  6  GLU A 244 ? ALA A 246 ? GLU A 727 ALA A 729 5 ? 3  
HELX_P HELX_P7  7  GLU A 247 ? GLY A 254 ? GLU A 730 GLY A 737 1 ? 8  
HELX_P HELX_P8  8  TYR A 269 ? CYS A 275 ? TYR A 752 CYS A 758 1 ? 7  
HELX_P HELX_P9  9  ASP A 279 ? ARG A 283 ? ASP A 762 ARG A 766 5 ? 5  
HELX_P HELX_P10 10 SER A 285 ? ILE A 296 ? SER A 768 ILE A 779 1 ? 12 
# 
_struct_conf_type.id          HELX_P 
_struct_conf_type.criteria    ? 
_struct_conf_type.reference   ? 
# 
_struct_sheet.id               A 
_struct_sheet.type             ? 
_struct_sheet.number_strands   2 
_struct_sheet.details          ? 
# 
_struct_sheet_order.sheet_id     A 
_struct_sheet_order.range_id_1   1 
_struct_sheet_order.range_id_2   2 
_struct_sheet_order.offset       ? 
_struct_sheet_order.sense        anti-parallel 
# 
loop_
_struct_sheet_range.sheet_id 
_struct_sheet_range.id 
_struct_sheet_range.beg_label_comp_id 
_struct_sheet_range.beg_label_asym_id 
_struct_sheet_range.beg_label_seq_id 
_struct_sheet_range.pdbx_beg_PDB_ins_code 
_struct_sheet_range.end_label_comp_id 
_struct_sheet_range.end_label_asym_id 
_struct_sheet_range.end_label_seq_id 
_struct_sheet_range.pdbx_end_PDB_ins_code 
_struct_sheet_range.beg_auth_comp_id 
_struct_sheet_range.beg_auth_asym_id 
_struct_sheet_range.beg_auth_seq_id 
_struct_sheet_range.end_auth_comp_id 
_struct_sheet_range.end_auth_asym_id 
_struct_sheet_range.end_auth_seq_id 
A 1 CYS A 168 ? LEU A 170 ? CYS A 651 LEU A 653 
A 2 VAL A 176 ? VAL A 178 ? VAL A 659 VAL A 661 
# 
_pdbx_struct_sheet_hbond.sheet_id                A 
_pdbx_struct_sheet_hbond.range_id_1              1 
_pdbx_struct_sheet_hbond.range_id_2              2 
_pdbx_struct_sheet_hbond.range_1_label_atom_id   N 
_pdbx_struct_sheet_hbond.range_1_label_comp_id   MET 
_pdbx_struct_sheet_hbond.range_1_label_asym_id   A 
_pdbx_struct_sheet_hbond.range_1_label_seq_id    169 
_pdbx_struct_sheet_hbond.range_1_PDB_ins_code    ? 
_pdbx_struct_sheet_hbond.range_1_auth_atom_id    N 
_pdbx_struct_sheet_hbond.range_1_auth_comp_id    MET 
_pdbx_struct_sheet_hbond.range_1_auth_asym_id    A 
_pdbx_struct_sheet_hbond.range_1_auth_seq_id     652 
_pdbx_struct_sheet_hbond.range_2_label_atom_id   O 
_pdbx_struct_sheet_hbond.range_2_label_comp_id   CYS 
_pdbx_struct_sheet_hbond.range_2_label_asym_id   A 
_pdbx_struct_sheet_hbond.range_2_label_seq_id    177 
_pdbx_struct_sheet_hbond.range_2_PDB_ins_code    ? 
_pdbx_struct_sheet_hbond.range_2_auth_atom_id    O 
_pdbx_struct_sheet_hbond.range_2_auth_comp_id    CYS 
_pdbx_struct_sheet_hbond.range_2_auth_asym_id    A 
_pdbx_struct_sheet_hbond.range_2_auth_seq_id     660 
# 
_struct_site.id                   AC1 
_struct_site.pdbx_evidence_code   Software 
_struct_site.pdbx_auth_asym_id    A 
_struct_site.pdbx_auth_comp_id    14S 
_struct_site.pdbx_auth_seq_id     901 
_struct_site.pdbx_auth_ins_code   ? 
_struct_site.pdbx_num_residues    10 
_struct_site.details              'BINDING SITE FOR RESIDUE 14S A 901' 
# 
loop_
_struct_site_gen.id 
_struct_site_gen.site_id 
_struct_site_gen.pdbx_num_res 
_struct_site_gen.label_comp_id 
_struct_site_gen.label_asym_id 
_struct_site_gen.label_seq_id 
_struct_site_gen.pdbx_auth_ins_code 
_struct_site_gen.auth_comp_id 
_struct_site_gen.auth_asym_id 
_struct_site_gen.auth_seq_id 
_struct_site_gen.label_atom_id 
_struct_site_gen.label_alt_id 
_struct_site_gen.symmetry 
_struct_site_gen.details 
1  AC1 10 ALA A 88  ? ALA A 571 . ? 1_555 ? 
2  AC1 10 LEU A 110 ? LEU A 593 . ? 1_555 ? 
3  AC1 10 PRO A 111 ? PRO A 594 . ? 1_555 ? 
4  AC1 10 PHE A 112 ? PHE A 595 . ? 1_555 ? 
5  AC1 10 MET A 113 ? MET A 596 . ? 1_555 ? 
6  AC1 10 LYS A 114 ? LYS A 597 . ? 1_555 ? 
7  AC1 10 GLY A 116 ? GLY A 599 . ? 1_555 ? 
8  AC1 10 ASP A 117 ? ASP A 600 . ? 1_555 ? 
9  AC1 10 MET A 169 ? MET A 652 . ? 1_555 ? 
10 AC1 10 ALA A 179 ? ALA A 662 . ? 1_555 ? 
# 
_pdbx_validate_close_contact.id               1 
_pdbx_validate_close_contact.PDB_model_num    1 
_pdbx_validate_close_contact.auth_atom_id_1   OH 
_pdbx_validate_close_contact.auth_asym_id_1   A 
_pdbx_validate_close_contact.auth_comp_id_1   TYR 
_pdbx_validate_close_contact.auth_seq_id_1    723 
_pdbx_validate_close_contact.PDB_ins_code_1   ? 
_pdbx_validate_close_contact.label_alt_id_1   ? 
_pdbx_validate_close_contact.auth_atom_id_2   O 
_pdbx_validate_close_contact.auth_asym_id_2   A 
_pdbx_validate_close_contact.auth_comp_id_2   HOH 
_pdbx_validate_close_contact.auth_seq_id_2    1001 
_pdbx_validate_close_contact.PDB_ins_code_2   ? 
_pdbx_validate_close_contact.label_alt_id_2   ? 
_pdbx_validate_close_contact.dist             2.07 
# 
loop_
_pdbx_validate_torsion.id 
_pdbx_validate_torsion.PDB_model_num 
_pdbx_validate_torsion.auth_comp_id 
_pdbx_validate_torsion.auth_asym_id 
_pdbx_validate_torsion.auth_seq_id 
_pdbx_validate_torsion.PDB_ins_code 
_pdbx_validate_torsion.label_alt_id 
_pdbx_validate_torsion.phi 
_pdbx_validate_torsion.psi 
1 1 GLU A 564 ? ? -96.45  49.96  
2 1 ARG A 644 ? ? 81.95   -6.39  
3 1 ASP A 645 ? ? -157.74 37.22  
4 1 PRO A 745 ? ? -28.32  -75.21 
5 1 ILE A 779 ? ? -62.73  67.28  
# 
loop_
_pdbx_unobs_or_zero_occ_residues.id 
_pdbx_unobs_or_zero_occ_residues.PDB_model_num 
_pdbx_unobs_or_zero_occ_residues.polymer_flag 
_pdbx_unobs_or_zero_occ_residues.occupancy_flag 
_pdbx_unobs_or_zero_occ_residues.auth_asym_id 
_pdbx_unobs_or_zero_occ_residues.auth_comp_id 
_pdbx_unobs_or_zero_occ_residues.auth_seq_id 
_pdbx_unobs_or_zero_occ_residues.PDB_ins_code 
_pdbx_unobs_or_zero_occ_residues.label_asym_id 
_pdbx_unobs_or_zero_occ_residues.label_comp_id 
_pdbx_unobs_or_zero_occ_residues.label_seq_id 
1   1 Y 1 A MET 484 ? A MET 1   
2   1 Y 1 A LEU 485 ? A LEU 2   
3   1 Y 1 A ASP 486 ? A ASP 3   
4   1 Y 1 A SER 487 ? A SER 4   
5   1 Y 1 A LEU 488 ? A LEU 5   
6   1 Y 1 A GLY 489 ? A GLY 6   
7   1 Y 1 A ILE 490 ? A ILE 7   
8   1 Y 1 A SER 491 ? A SER 8   
9   1 Y 1 A ASP 492 ? A ASP 9   
10  1 Y 1 A GLU 493 ? A GLU 10  
11  1 Y 1 A LEU 494 ? A LEU 11  
12  1 Y 1 A LYS 495 ? A LYS 12  
13  1 Y 1 A GLU 496 ? A GLU 13  
14  1 Y 1 A LYS 497 ? A LYS 14  
15  1 Y 1 A LEU 498 ? A LEU 15  
16  1 Y 1 A GLU 499 ? A GLU 16  
17  1 Y 1 A ASP 500 ? A ASP 17  
18  1 Y 1 A VAL 501 ? A VAL 18  
19  1 Y 1 A LEU 502 ? A LEU 19  
20  1 Y 1 A ILE 503 ? A ILE 20  
21  1 Y 1 A PRO 504 ? A PRO 21  
22  1 Y 1 A GLU 505 ? A GLU 22  
23  1 Y 1 A GLN 506 ? A GLN 23  
24  1 Y 1 A GLN 507 ? A GLN 24  
25  1 Y 1 A PHE 508 ? A PHE 25  
26  1 Y 1 A THR 509 ? A THR 26  
27  1 Y 1 A LEU 510 ? A LEU 27  
28  1 Y 1 A GLY 511 ? A GLY 28  
29  1 Y 1 A ARG 512 ? A ARG 29  
30  1 Y 1 A MET 513 ? A MET 30  
31  1 Y 1 A LEU 514 ? A LEU 31  
32  1 Y 1 A GLY 515 ? A GLY 32  
33  1 Y 1 A LYS 516 ? A LYS 33  
34  1 Y 1 A GLY 517 ? A GLY 34  
35  1 Y 1 A GLU 518 ? A GLU 35  
36  1 Y 1 A PHE 519 ? A PHE 36  
37  1 Y 1 A GLY 520 ? A GLY 37  
38  1 Y 1 A SER 521 ? A SER 38  
39  1 Y 1 A VAL 522 ? A VAL 39  
40  1 Y 1 A ARG 523 ? A ARG 40  
41  1 Y 1 A GLU 524 ? A GLU 41  
42  1 Y 1 A ALA 525 ? A ALA 42  
43  1 Y 1 A GLN 526 ? A GLN 43  
44  1 Y 1 A LEU 527 ? A LEU 44  
45  1 Y 1 A LYS 528 ? A LYS 45  
46  1 Y 1 A GLN 529 ? A GLN 46  
47  1 Y 1 A GLU 530 ? A GLU 47  
48  1 Y 1 A ASP 531 ? A ASP 48  
49  1 Y 1 A GLY 532 ? A GLY 49  
50  1 Y 1 A SER 533 ? A SER 50  
51  1 Y 1 A PHE 534 ? A PHE 51  
52  1 Y 1 A VAL 535 ? A VAL 52  
53  1 Y 1 A LYS 536 ? A LYS 53  
54  1 Y 1 A VAL 537 ? A VAL 54  
55  1 Y 1 A ALA 538 ? A ALA 55  
56  1 Y 1 A VAL 539 ? A VAL 56  
57  1 Y 1 A LYS 540 ? A LYS 57  
58  1 Y 1 A MET 541 ? A MET 58  
59  1 Y 1 A LEU 542 ? A LEU 59  
60  1 Y 1 A LYS 543 ? A LYS 60  
61  1 Y 1 A ALA 544 ? A ALA 61  
62  1 Y 1 A ASP 545 ? A ASP 62  
63  1 Y 1 A ILE 546 ? A ILE 63  
64  1 Y 1 A ILE 547 ? A ILE 64  
65  1 Y 1 A ALA 548 ? A ALA 65  
66  1 Y 1 A SER 549 ? A SER 66  
67  1 Y 1 A SER 550 ? A SER 67  
68  1 Y 1 A ASP 551 ? A ASP 68  
69  1 Y 1 A ILE 552 ? A ILE 69  
70  1 Y 1 A GLU 553 ? A GLU 70  
71  1 Y 1 A GLU 554 ? A GLU 71  
72  1 Y 1 A PHE 555 ? A PHE 72  
73  1 Y 1 A LEU 556 ? A LEU 73  
74  1 Y 1 A ARG 557 ? A ARG 74  
75  1 Y 1 A GLU 558 ? A GLU 75  
76  1 Y 1 A ALA 559 ? A ALA 76  
77  1 Y 1 A ALA 560 ? A ALA 77  
78  1 Y 1 A CYS 561 ? A CYS 78  
79  1 Y 1 A MET 562 ? A MET 79  
80  1 Y 1 A GLY 575 ? A GLY 92  
81  1 Y 1 A VAL 576 ? A VAL 93  
82  1 Y 1 A SER 577 ? A SER 94  
83  1 Y 1 A LEU 578 ? A LEU 95  
84  1 Y 1 A ARG 579 ? A ARG 96  
85  1 Y 1 A SER 580 ? A SER 97  
86  1 Y 1 A ARG 581 ? A ARG 98  
87  1 Y 1 A ALA 582 ? A ALA 99  
88  1 Y 1 A LYS 583 ? A LYS 100 
89  1 Y 1 A GLY 584 ? A GLY 101 
90  1 Y 1 A ARG 585 ? A ARG 102 
91  1 Y 1 A LEU 586 ? A LEU 103 
92  1 Y 1 A PRO 587 ? A PRO 104 
93  1 Y 1 A ILE 588 ? A ILE 105 
94  1 Y 1 A PRO 589 ? A PRO 106 
95  1 Y 1 A MET 590 ? A MET 107 
96  1 Y 1 A VAL 591 ? A VAL 108 
97  1 Y 1 A GLY 611 ? A GLY 128 
98  1 Y 1 A GLU 612 ? A GLU 129 
99  1 Y 1 A ASN 613 ? A ASN 130 
100 1 Y 1 A PRO 614 ? A PRO 131 
101 1 Y 1 A PHE 615 ? A PHE 132 
102 1 Y 1 A ASN 616 ? A ASN 133 
103 1 Y 1 A LEU 617 ? A LEU 134 
104 1 Y 1 A ASP 663 ? A ASP 180 
105 1 Y 1 A PHE 664 ? A PHE 181 
106 1 Y 1 A GLY 665 ? A GLY 182 
107 1 Y 1 A LEU 666 ? A LEU 183 
108 1 Y 1 A SER 667 ? A SER 184 
109 1 Y 1 A ARG 668 ? A ARG 185 
110 1 Y 1 A LYS 669 ? A LYS 186 
111 1 Y 1 A ILE 670 ? A ILE 187 
112 1 Y 1 A TYR 671 ? A TYR 188 
113 1 Y 1 A SER 672 ? A SER 189 
114 1 Y 1 A GLY 673 ? A GLY 190 
115 1 Y 1 A ASP 674 ? A ASP 191 
116 1 Y 1 A TYR 675 ? A TYR 192 
117 1 Y 1 A TYR 676 ? A TYR 193 
118 1 Y 1 A ARG 677 ? A ARG 194 
119 1 Y 1 A GLN 678 ? A GLN 195 
120 1 Y 1 A GLY 679 ? A GLY 196 
121 1 Y 1 A CYS 680 ? A CYS 197 
122 1 Y 1 A ALA 681 ? A ALA 198 
123 1 Y 1 A SER 682 ? A SER 199 
124 1 Y 1 A LYS 683 ? A LYS 200 
125 1 Y 1 A LEU 684 ? A LEU 201 
126 1 Y 1 A PRO 685 ? A PRO 202 
127 1 Y 1 A GLU 749 ? A GLU 266 
128 1 Y 1 A GLU 750 ? A GLU 267 
129 1 Y 1 A GLY 781 ? A GLY 298 
130 1 Y 1 A HIS 782 ? A HIS 299 
131 1 Y 1 A LEU 783 ? A LEU 300 
132 1 Y 1 A SER 784 ? A SER 301 
133 1 Y 1 A VAL 785 ? A VAL 302 
134 1 Y 1 A LEU 786 ? A LEU 303 
135 1 Y 1 A SER 787 ? A SER 304 
136 1 Y 1 A THR 788 ? A THR 305 
137 1 Y 1 A SER 789 ? A SER 306 
138 1 Y 1 A GLN 790 ? A GLN 307 
139 1 Y 1 A ASP 791 ? A ASP 308 
140 1 Y 1 A PRO 792 ? A PRO 309 
141 1 Y 1 A LEU 793 ? A LEU 310 
142 1 Y 1 A TYR 794 ? A TYR 311 
143 1 Y 1 A ILE 795 ? A ILE 312 
144 1 Y 1 A ASN 796 ? A ASN 313 
145 1 Y 1 A ILE 797 ? A ILE 314 
146 1 Y 1 A GLU 798 ? A GLU 315 
147 1 Y 1 A ARG 799 ? A ARG 316 
148 1 Y 1 A ALA 800 ? A ALA 317 
149 1 Y 1 A HIS 801 ? A HIS 318 
150 1 Y 1 A HIS 802 ? A HIS 319 
151 1 Y 1 A HIS 803 ? A HIS 320 
152 1 Y 1 A HIS 804 ? A HIS 321 
153 1 Y 1 A HIS 805 ? A HIS 322 
154 1 Y 1 A HIS 806 ? A HIS 323 
# 
loop_
_chem_comp_atom.comp_id 
_chem_comp_atom.atom_id 
_chem_comp_atom.type_symbol 
_chem_comp_atom.pdbx_aromatic_flag 
_chem_comp_atom.pdbx_stereo_config 
_chem_comp_atom.pdbx_ordinal 
14S O33  O N N 1   
14S C28  C N N 2   
14S C32  C N N 3   
14S C34  C N N 4   
14S C29  C N N 5   
14S N24  N N N 6   
14S C21  C N N 7   
14S C19  C N N 8   
14S C15  C N N 9   
14S N10  N N N 10  
14S C6   C N N 11  
14S O11  O N N 12  
14S C2   C Y N 13  
14S C1   C Y N 14  
14S N4   N N N 15  
14S C8   C N N 16  
14S C14  C N N 17  
14S C18  C N N 18  
14S C17  C N N 19  
14S C13  C N N 20  
14S C5   C Y N 21  
14S N9   N Y N 22  
14S C7   C Y N 23  
14S N3   N Y N 24  
14S N12  N N N 25  
14S C16  C N N 26  
14S C20  C Y N 27  
14S C23  C Y N 28  
14S C27  C Y N 29  
14S C30  C Y N 30  
14S C25  C Y N 31  
14S C22  C Y N 32  
14S O26  O N N 33  
14S C31  C N N 34  
14S H1   H N N 35  
14S H2   H N N 36  
14S H3   H N N 37  
14S H4   H N N 38  
14S H5   H N N 39  
14S H6   H N N 40  
14S H7   H N N 41  
14S H8   H N N 42  
14S H9   H N N 43  
14S H10  H N N 44  
14S H11  H N N 45  
14S H12  H N N 46  
14S H13  H N N 47  
14S H14  H N N 48  
14S H15  H N N 49  
14S H16  H N N 50  
14S H17  H N N 51  
14S H18  H N N 52  
14S H19  H N N 53  
14S H20  H N N 54  
14S H21  H N N 55  
14S H22  H N N 56  
14S H23  H N N 57  
14S H24  H N N 58  
14S H25  H N N 59  
14S H26  H N N 60  
14S H27  H N N 61  
14S H28  H N N 62  
14S H29  H N N 63  
14S H30  H N N 64  
14S H31  H N N 65  
14S H32  H N N 66  
14S H33  H N N 67  
14S H34  H N N 68  
ALA N    N N N 69  
ALA CA   C N S 70  
ALA C    C N N 71  
ALA O    O N N 72  
ALA CB   C N N 73  
ALA OXT  O N N 74  
ALA H    H N N 75  
ALA H2   H N N 76  
ALA HA   H N N 77  
ALA HB1  H N N 78  
ALA HB2  H N N 79  
ALA HB3  H N N 80  
ALA HXT  H N N 81  
ARG N    N N N 82  
ARG CA   C N S 83  
ARG C    C N N 84  
ARG O    O N N 85  
ARG CB   C N N 86  
ARG CG   C N N 87  
ARG CD   C N N 88  
ARG NE   N N N 89  
ARG CZ   C N N 90  
ARG NH1  N N N 91  
ARG NH2  N N N 92  
ARG OXT  O N N 93  
ARG H    H N N 94  
ARG H2   H N N 95  
ARG HA   H N N 96  
ARG HB2  H N N 97  
ARG HB3  H N N 98  
ARG HG2  H N N 99  
ARG HG3  H N N 100 
ARG HD2  H N N 101 
ARG HD3  H N N 102 
ARG HE   H N N 103 
ARG HH11 H N N 104 
ARG HH12 H N N 105 
ARG HH21 H N N 106 
ARG HH22 H N N 107 
ARG HXT  H N N 108 
ASN N    N N N 109 
ASN CA   C N S 110 
ASN C    C N N 111 
ASN O    O N N 112 
ASN CB   C N N 113 
ASN CG   C N N 114 
ASN OD1  O N N 115 
ASN ND2  N N N 116 
ASN OXT  O N N 117 
ASN H    H N N 118 
ASN H2   H N N 119 
ASN HA   H N N 120 
ASN HB2  H N N 121 
ASN HB3  H N N 122 
ASN HD21 H N N 123 
ASN HD22 H N N 124 
ASN HXT  H N N 125 
ASP N    N N N 126 
ASP CA   C N S 127 
ASP C    C N N 128 
ASP O    O N N 129 
ASP CB   C N N 130 
ASP CG   C N N 131 
ASP OD1  O N N 132 
ASP OD2  O N N 133 
ASP OXT  O N N 134 
ASP H    H N N 135 
ASP H2   H N N 136 
ASP HA   H N N 137 
ASP HB2  H N N 138 
ASP HB3  H N N 139 
ASP HD2  H N N 140 
ASP HXT  H N N 141 
CYS N    N N N 142 
CYS CA   C N R 143 
CYS C    C N N 144 
CYS O    O N N 145 
CYS CB   C N N 146 
CYS SG   S N N 147 
CYS OXT  O N N 148 
CYS H    H N N 149 
CYS H2   H N N 150 
CYS HA   H N N 151 
CYS HB2  H N N 152 
CYS HB3  H N N 153 
CYS HG   H N N 154 
CYS HXT  H N N 155 
GLN N    N N N 156 
GLN CA   C N S 157 
GLN C    C N N 158 
GLN O    O N N 159 
GLN CB   C N N 160 
GLN CG   C N N 161 
GLN CD   C N N 162 
GLN OE1  O N N 163 
GLN NE2  N N N 164 
GLN OXT  O N N 165 
GLN H    H N N 166 
GLN H2   H N N 167 
GLN HA   H N N 168 
GLN HB2  H N N 169 
GLN HB3  H N N 170 
GLN HG2  H N N 171 
GLN HG3  H N N 172 
GLN HE21 H N N 173 
GLN HE22 H N N 174 
GLN HXT  H N N 175 
GLU N    N N N 176 
GLU CA   C N S 177 
GLU C    C N N 178 
GLU O    O N N 179 
GLU CB   C N N 180 
GLU CG   C N N 181 
GLU CD   C N N 182 
GLU OE1  O N N 183 
GLU OE2  O N N 184 
GLU OXT  O N N 185 
GLU H    H N N 186 
GLU H2   H N N 187 
GLU HA   H N N 188 
GLU HB2  H N N 189 
GLU HB3  H N N 190 
GLU HG2  H N N 191 
GLU HG3  H N N 192 
GLU HE2  H N N 193 
GLU HXT  H N N 194 
GLY N    N N N 195 
GLY CA   C N N 196 
GLY C    C N N 197 
GLY O    O N N 198 
GLY OXT  O N N 199 
GLY H    H N N 200 
GLY H2   H N N 201 
GLY HA2  H N N 202 
GLY HA3  H N N 203 
GLY HXT  H N N 204 
HIS N    N N N 205 
HIS CA   C N S 206 
HIS C    C N N 207 
HIS O    O N N 208 
HIS CB   C N N 209 
HIS CG   C Y N 210 
HIS ND1  N Y N 211 
HIS CD2  C Y N 212 
HIS CE1  C Y N 213 
HIS NE2  N Y N 214 
HIS OXT  O N N 215 
HIS H    H N N 216 
HIS H2   H N N 217 
HIS HA   H N N 218 
HIS HB2  H N N 219 
HIS HB3  H N N 220 
HIS HD1  H N N 221 
HIS HD2  H N N 222 
HIS HE1  H N N 223 
HIS HE2  H N N 224 
HIS HXT  H N N 225 
HOH O    O N N 226 
HOH H1   H N N 227 
HOH H2   H N N 228 
ILE N    N N N 229 
ILE CA   C N S 230 
ILE C    C N N 231 
ILE O    O N N 232 
ILE CB   C N S 233 
ILE CG1  C N N 234 
ILE CG2  C N N 235 
ILE CD1  C N N 236 
ILE OXT  O N N 237 
ILE H    H N N 238 
ILE H2   H N N 239 
ILE HA   H N N 240 
ILE HB   H N N 241 
ILE HG12 H N N 242 
ILE HG13 H N N 243 
ILE HG21 H N N 244 
ILE HG22 H N N 245 
ILE HG23 H N N 246 
ILE HD11 H N N 247 
ILE HD12 H N N 248 
ILE HD13 H N N 249 
ILE HXT  H N N 250 
LEU N    N N N 251 
LEU CA   C N S 252 
LEU C    C N N 253 
LEU O    O N N 254 
LEU CB   C N N 255 
LEU CG   C N N 256 
LEU CD1  C N N 257 
LEU CD2  C N N 258 
LEU OXT  O N N 259 
LEU H    H N N 260 
LEU H2   H N N 261 
LEU HA   H N N 262 
LEU HB2  H N N 263 
LEU HB3  H N N 264 
LEU HG   H N N 265 
LEU HD11 H N N 266 
LEU HD12 H N N 267 
LEU HD13 H N N 268 
LEU HD21 H N N 269 
LEU HD22 H N N 270 
LEU HD23 H N N 271 
LEU HXT  H N N 272 
LYS N    N N N 273 
LYS CA   C N S 274 
LYS C    C N N 275 
LYS O    O N N 276 
LYS CB   C N N 277 
LYS CG   C N N 278 
LYS CD   C N N 279 
LYS CE   C N N 280 
LYS NZ   N N N 281 
LYS OXT  O N N 282 
LYS H    H N N 283 
LYS H2   H N N 284 
LYS HA   H N N 285 
LYS HB2  H N N 286 
LYS HB3  H N N 287 
LYS HG2  H N N 288 
LYS HG3  H N N 289 
LYS HD2  H N N 290 
LYS HD3  H N N 291 
LYS HE2  H N N 292 
LYS HE3  H N N 293 
LYS HZ1  H N N 294 
LYS HZ2  H N N 295 
LYS HZ3  H N N 296 
LYS HXT  H N N 297 
MET N    N N N 298 
MET CA   C N S 299 
MET C    C N N 300 
MET O    O N N 301 
MET CB   C N N 302 
MET CG   C N N 303 
MET SD   S N N 304 
MET CE   C N N 305 
MET OXT  O N N 306 
MET H    H N N 307 
MET H2   H N N 308 
MET HA   H N N 309 
MET HB2  H N N 310 
MET HB3  H N N 311 
MET HG2  H N N 312 
MET HG3  H N N 313 
MET HE1  H N N 314 
MET HE2  H N N 315 
MET HE3  H N N 316 
MET HXT  H N N 317 
PHE N    N N N 318 
PHE CA   C N S 319 
PHE C    C N N 320 
PHE O    O N N 321 
PHE CB   C N N 322 
PHE CG   C Y N 323 
PHE CD1  C Y N 324 
PHE CD2  C Y N 325 
PHE CE1  C Y N 326 
PHE CE2  C Y N 327 
PHE CZ   C Y N 328 
PHE OXT  O N N 329 
PHE H    H N N 330 
PHE H2   H N N 331 
PHE HA   H N N 332 
PHE HB2  H N N 333 
PHE HB3  H N N 334 
PHE HD1  H N N 335 
PHE HD2  H N N 336 
PHE HE1  H N N 337 
PHE HE2  H N N 338 
PHE HZ   H N N 339 
PHE HXT  H N N 340 
PRO N    N N N 341 
PRO CA   C N S 342 
PRO C    C N N 343 
PRO O    O N N 344 
PRO CB   C N N 345 
PRO CG   C N N 346 
PRO CD   C N N 347 
PRO OXT  O N N 348 
PRO H    H N N 349 
PRO HA   H N N 350 
PRO HB2  H N N 351 
PRO HB3  H N N 352 
PRO HG2  H N N 353 
PRO HG3  H N N 354 
PRO HD2  H N N 355 
PRO HD3  H N N 356 
PRO HXT  H N N 357 
SER N    N N N 358 
SER CA   C N S 359 
SER C    C N N 360 
SER O    O N N 361 
SER CB   C N N 362 
SER OG   O N N 363 
SER OXT  O N N 364 
SER H    H N N 365 
SER H2   H N N 366 
SER HA   H N N 367 
SER HB2  H N N 368 
SER HB3  H N N 369 
SER HG   H N N 370 
SER HXT  H N N 371 
THR N    N N N 372 
THR CA   C N S 373 
THR C    C N N 374 
THR O    O N N 375 
THR CB   C N R 376 
THR OG1  O N N 377 
THR CG2  C N N 378 
THR OXT  O N N 379 
THR H    H N N 380 
THR H2   H N N 381 
THR HA   H N N 382 
THR HB   H N N 383 
THR HG1  H N N 384 
THR HG21 H N N 385 
THR HG22 H N N 386 
THR HG23 H N N 387 
THR HXT  H N N 388 
TRP N    N N N 389 
TRP CA   C N S 390 
TRP C    C N N 391 
TRP O    O N N 392 
TRP CB   C N N 393 
TRP CG   C Y N 394 
TRP CD1  C Y N 395 
TRP CD2  C Y N 396 
TRP NE1  N Y N 397 
TRP CE2  C Y N 398 
TRP CE3  C Y N 399 
TRP CZ2  C Y N 400 
TRP CZ3  C Y N 401 
TRP CH2  C Y N 402 
TRP OXT  O N N 403 
TRP H    H N N 404 
TRP H2   H N N 405 
TRP HA   H N N 406 
TRP HB2  H N N 407 
TRP HB3  H N N 408 
TRP HD1  H N N 409 
TRP HE1  H N N 410 
TRP HE3  H N N 411 
TRP HZ2  H N N 412 
TRP HZ3  H N N 413 
TRP HH2  H N N 414 
TRP HXT  H N N 415 
TYR N    N N N 416 
TYR CA   C N S 417 
TYR C    C N N 418 
TYR O    O N N 419 
TYR CB   C N N 420 
TYR CG   C Y N 421 
TYR CD1  C Y N 422 
TYR CD2  C Y N 423 
TYR CE1  C Y N 424 
TYR CE2  C Y N 425 
TYR CZ   C Y N 426 
TYR OH   O N N 427 
TYR OXT  O N N 428 
TYR H    H N N 429 
TYR H2   H N N 430 
TYR HA   H N N 431 
TYR HB2  H N N 432 
TYR HB3  H N N 433 
TYR HD1  H N N 434 
TYR HD2  H N N 435 
TYR HE1  H N N 436 
TYR HE2  H N N 437 
TYR HH   H N N 438 
TYR HXT  H N N 439 
VAL N    N N N 440 
VAL CA   C N S 441 
VAL C    C N N 442 
VAL O    O N N 443 
VAL CB   C N N 444 
VAL CG1  C N N 445 
VAL CG2  C N N 446 
VAL OXT  O N N 447 
VAL H    H N N 448 
VAL H2   H N N 449 
VAL HA   H N N 450 
VAL HB   H N N 451 
VAL HG11 H N N 452 
VAL HG12 H N N 453 
VAL HG13 H N N 454 
VAL HG21 H N N 455 
VAL HG22 H N N 456 
VAL HG23 H N N 457 
VAL HXT  H N N 458 
# 
loop_
_chem_comp_bond.comp_id 
_chem_comp_bond.atom_id_1 
_chem_comp_bond.atom_id_2 
_chem_comp_bond.value_order 
_chem_comp_bond.pdbx_aromatic_flag 
_chem_comp_bond.pdbx_stereo_config 
_chem_comp_bond.pdbx_ordinal 
14S C16 N12  sing N N 1   
14S C16 C20  sing N N 2   
14S N12 C7   sing N N 3   
14S C20 C23  doub Y N 4   
14S C20 C22  sing Y N 5   
14S C7  N9   doub Y N 6   
14S C7  N3   sing Y N 7   
14S N9  C5   sing Y N 8   
14S O26 C22  sing N N 9   
14S O26 C31  sing N N 10  
14S C23 C27  sing Y N 11  
14S C22 C25  doub Y N 12  
14S N3  C1   doub Y N 13  
14S C5  C2   doub Y N 14  
14S C27 C30  doub Y N 15  
14S C25 C30  sing Y N 16  
14S C1  C2   sing Y N 17  
14S C1  N4   sing N N 18  
14S C2  C6   sing N N 19  
14S C8  N4   sing N N 20  
14S C8  C13  sing N N 21  
14S C8  C14  sing N N 22  
14S C6  O11  doub N N 23  
14S C6  N10  sing N N 24  
14S C13 C17  sing N N 25  
14S N10 C15  sing N N 26  
14S C14 C18  sing N N 27  
14S C15 C19  sing N N 28  
14S C17 C18  sing N N 29  
14S C19 C21  sing N N 30  
14S C21 N24  sing N N 31  
14S N24 C28  sing N N 32  
14S N24 C29  sing N N 33  
14S O33 C28  doub N N 34  
14S C28 C32  sing N N 35  
14S C29 C34  sing N N 36  
14S C32 C34  sing N N 37  
14S C32 H1   sing N N 38  
14S C32 H2   sing N N 39  
14S C34 H3   sing N N 40  
14S C34 H4   sing N N 41  
14S C29 H5   sing N N 42  
14S C29 H6   sing N N 43  
14S C21 H7   sing N N 44  
14S C21 H8   sing N N 45  
14S C19 H9   sing N N 46  
14S C19 H10  sing N N 47  
14S C15 H11  sing N N 48  
14S C15 H12  sing N N 49  
14S N10 H13  sing N N 50  
14S N4  H14  sing N N 51  
14S C8  H15  sing N N 52  
14S C14 H16  sing N N 53  
14S C14 H17  sing N N 54  
14S C18 H18  sing N N 55  
14S C18 H19  sing N N 56  
14S C17 H20  sing N N 57  
14S C17 H21  sing N N 58  
14S C13 H22  sing N N 59  
14S C13 H23  sing N N 60  
14S C5  H24  sing N N 61  
14S N12 H25  sing N N 62  
14S C16 H26  sing N N 63  
14S C16 H27  sing N N 64  
14S C23 H28  sing N N 65  
14S C27 H29  sing N N 66  
14S C30 H30  sing N N 67  
14S C25 H31  sing N N 68  
14S C31 H32  sing N N 69  
14S C31 H33  sing N N 70  
14S C31 H34  sing N N 71  
ALA N   CA   sing N N 72  
ALA N   H    sing N N 73  
ALA N   H2   sing N N 74  
ALA CA  C    sing N N 75  
ALA CA  CB   sing N N 76  
ALA CA  HA   sing N N 77  
ALA C   O    doub N N 78  
ALA C   OXT  sing N N 79  
ALA CB  HB1  sing N N 80  
ALA CB  HB2  sing N N 81  
ALA CB  HB3  sing N N 82  
ALA OXT HXT  sing N N 83  
ARG N   CA   sing N N 84  
ARG N   H    sing N N 85  
ARG N   H2   sing N N 86  
ARG CA  C    sing N N 87  
ARG CA  CB   sing N N 88  
ARG CA  HA   sing N N 89  
ARG C   O    doub N N 90  
ARG C   OXT  sing N N 91  
ARG CB  CG   sing N N 92  
ARG CB  HB2  sing N N 93  
ARG CB  HB3  sing N N 94  
ARG CG  CD   sing N N 95  
ARG CG  HG2  sing N N 96  
ARG CG  HG3  sing N N 97  
ARG CD  NE   sing N N 98  
ARG CD  HD2  sing N N 99  
ARG CD  HD3  sing N N 100 
ARG NE  CZ   sing N N 101 
ARG NE  HE   sing N N 102 
ARG CZ  NH1  sing N N 103 
ARG CZ  NH2  doub N N 104 
ARG NH1 HH11 sing N N 105 
ARG NH1 HH12 sing N N 106 
ARG NH2 HH21 sing N N 107 
ARG NH2 HH22 sing N N 108 
ARG OXT HXT  sing N N 109 
ASN N   CA   sing N N 110 
ASN N   H    sing N N 111 
ASN N   H2   sing N N 112 
ASN CA  C    sing N N 113 
ASN CA  CB   sing N N 114 
ASN CA  HA   sing N N 115 
ASN C   O    doub N N 116 
ASN C   OXT  sing N N 117 
ASN CB  CG   sing N N 118 
ASN CB  HB2  sing N N 119 
ASN CB  HB3  sing N N 120 
ASN CG  OD1  doub N N 121 
ASN CG  ND2  sing N N 122 
ASN ND2 HD21 sing N N 123 
ASN ND2 HD22 sing N N 124 
ASN OXT HXT  sing N N 125 
ASP N   CA   sing N N 126 
ASP N   H    sing N N 127 
ASP N   H2   sing N N 128 
ASP CA  C    sing N N 129 
ASP CA  CB   sing N N 130 
ASP CA  HA   sing N N 131 
ASP C   O    doub N N 132 
ASP C   OXT  sing N N 133 
ASP CB  CG   sing N N 134 
ASP CB  HB2  sing N N 135 
ASP CB  HB3  sing N N 136 
ASP CG  OD1  doub N N 137 
ASP CG  OD2  sing N N 138 
ASP OD2 HD2  sing N N 139 
ASP OXT HXT  sing N N 140 
CYS N   CA   sing N N 141 
CYS N   H    sing N N 142 
CYS N   H2   sing N N 143 
CYS CA  C    sing N N 144 
CYS CA  CB   sing N N 145 
CYS CA  HA   sing N N 146 
CYS C   O    doub N N 147 
CYS C   OXT  sing N N 148 
CYS CB  SG   sing N N 149 
CYS CB  HB2  sing N N 150 
CYS CB  HB3  sing N N 151 
CYS SG  HG   sing N N 152 
CYS OXT HXT  sing N N 153 
GLN N   CA   sing N N 154 
GLN N   H    sing N N 155 
GLN N   H2   sing N N 156 
GLN CA  C    sing N N 157 
GLN CA  CB   sing N N 158 
GLN CA  HA   sing N N 159 
GLN C   O    doub N N 160 
GLN C   OXT  sing N N 161 
GLN CB  CG   sing N N 162 
GLN CB  HB2  sing N N 163 
GLN CB  HB3  sing N N 164 
GLN CG  CD   sing N N 165 
GLN CG  HG2  sing N N 166 
GLN CG  HG3  sing N N 167 
GLN CD  OE1  doub N N 168 
GLN CD  NE2  sing N N 169 
GLN NE2 HE21 sing N N 170 
GLN NE2 HE22 sing N N 171 
GLN OXT HXT  sing N N 172 
GLU N   CA   sing N N 173 
GLU N   H    sing N N 174 
GLU N   H2   sing N N 175 
GLU CA  C    sing N N 176 
GLU CA  CB   sing N N 177 
GLU CA  HA   sing N N 178 
GLU C   O    doub N N 179 
GLU C   OXT  sing N N 180 
GLU CB  CG   sing N N 181 
GLU CB  HB2  sing N N 182 
GLU CB  HB3  sing N N 183 
GLU CG  CD   sing N N 184 
GLU CG  HG2  sing N N 185 
GLU CG  HG3  sing N N 186 
GLU CD  OE1  doub N N 187 
GLU CD  OE2  sing N N 188 
GLU OE2 HE2  sing N N 189 
GLU OXT HXT  sing N N 190 
GLY N   CA   sing N N 191 
GLY N   H    sing N N 192 
GLY N   H2   sing N N 193 
GLY CA  C    sing N N 194 
GLY CA  HA2  sing N N 195 
GLY CA  HA3  sing N N 196 
GLY C   O    doub N N 197 
GLY C   OXT  sing N N 198 
GLY OXT HXT  sing N N 199 
HIS N   CA   sing N N 200 
HIS N   H    sing N N 201 
HIS N   H2   sing N N 202 
HIS CA  C    sing N N 203 
HIS CA  CB   sing N N 204 
HIS CA  HA   sing N N 205 
HIS C   O    doub N N 206 
HIS C   OXT  sing N N 207 
HIS CB  CG   sing N N 208 
HIS CB  HB2  sing N N 209 
HIS CB  HB3  sing N N 210 
HIS CG  ND1  sing Y N 211 
HIS CG  CD2  doub Y N 212 
HIS ND1 CE1  doub Y N 213 
HIS ND1 HD1  sing N N 214 
HIS CD2 NE2  sing Y N 215 
HIS CD2 HD2  sing N N 216 
HIS CE1 NE2  sing Y N 217 
HIS CE1 HE1  sing N N 218 
HIS NE2 HE2  sing N N 219 
HIS OXT HXT  sing N N 220 
HOH O   H1   sing N N 221 
HOH O   H2   sing N N 222 
ILE N   CA   sing N N 223 
ILE N   H    sing N N 224 
ILE N   H2   sing N N 225 
ILE CA  C    sing N N 226 
ILE CA  CB   sing N N 227 
ILE CA  HA   sing N N 228 
ILE C   O    doub N N 229 
ILE C   OXT  sing N N 230 
ILE CB  CG1  sing N N 231 
ILE CB  CG2  sing N N 232 
ILE CB  HB   sing N N 233 
ILE CG1 CD1  sing N N 234 
ILE CG1 HG12 sing N N 235 
ILE CG1 HG13 sing N N 236 
ILE CG2 HG21 sing N N 237 
ILE CG2 HG22 sing N N 238 
ILE CG2 HG23 sing N N 239 
ILE CD1 HD11 sing N N 240 
ILE CD1 HD12 sing N N 241 
ILE CD1 HD13 sing N N 242 
ILE OXT HXT  sing N N 243 
LEU N   CA   sing N N 244 
LEU N   H    sing N N 245 
LEU N   H2   sing N N 246 
LEU CA  C    sing N N 247 
LEU CA  CB   sing N N 248 
LEU CA  HA   sing N N 249 
LEU C   O    doub N N 250 
LEU C   OXT  sing N N 251 
LEU CB  CG   sing N N 252 
LEU CB  HB2  sing N N 253 
LEU CB  HB3  sing N N 254 
LEU CG  CD1  sing N N 255 
LEU CG  CD2  sing N N 256 
LEU CG  HG   sing N N 257 
LEU CD1 HD11 sing N N 258 
LEU CD1 HD12 sing N N 259 
LEU CD1 HD13 sing N N 260 
LEU CD2 HD21 sing N N 261 
LEU CD2 HD22 sing N N 262 
LEU CD2 HD23 sing N N 263 
LEU OXT HXT  sing N N 264 
LYS N   CA   sing N N 265 
LYS N   H    sing N N 266 
LYS N   H2   sing N N 267 
LYS CA  C    sing N N 268 
LYS CA  CB   sing N N 269 
LYS CA  HA   sing N N 270 
LYS C   O    doub N N 271 
LYS C   OXT  sing N N 272 
LYS CB  CG   sing N N 273 
LYS CB  HB2  sing N N 274 
LYS CB  HB3  sing N N 275 
LYS CG  CD   sing N N 276 
LYS CG  HG2  sing N N 277 
LYS CG  HG3  sing N N 278 
LYS CD  CE   sing N N 279 
LYS CD  HD2  sing N N 280 
LYS CD  HD3  sing N N 281 
LYS CE  NZ   sing N N 282 
LYS CE  HE2  sing N N 283 
LYS CE  HE3  sing N N 284 
LYS NZ  HZ1  sing N N 285 
LYS NZ  HZ2  sing N N 286 
LYS NZ  HZ3  sing N N 287 
LYS OXT HXT  sing N N 288 
MET N   CA   sing N N 289 
MET N   H    sing N N 290 
MET N   H2   sing N N 291 
MET CA  C    sing N N 292 
MET CA  CB   sing N N 293 
MET CA  HA   sing N N 294 
MET C   O    doub N N 295 
MET C   OXT  sing N N 296 
MET CB  CG   sing N N 297 
MET CB  HB2  sing N N 298 
MET CB  HB3  sing N N 299 
MET CG  SD   sing N N 300 
MET CG  HG2  sing N N 301 
MET CG  HG3  sing N N 302 
MET SD  CE   sing N N 303 
MET CE  HE1  sing N N 304 
MET CE  HE2  sing N N 305 
MET CE  HE3  sing N N 306 
MET OXT HXT  sing N N 307 
PHE N   CA   sing N N 308 
PHE N   H    sing N N 309 
PHE N   H2   sing N N 310 
PHE CA  C    sing N N 311 
PHE CA  CB   sing N N 312 
PHE CA  HA   sing N N 313 
PHE C   O    doub N N 314 
PHE C   OXT  sing N N 315 
PHE CB  CG   sing N N 316 
PHE CB  HB2  sing N N 317 
PHE CB  HB3  sing N N 318 
PHE CG  CD1  doub Y N 319 
PHE CG  CD2  sing Y N 320 
PHE CD1 CE1  sing Y N 321 
PHE CD1 HD1  sing N N 322 
PHE CD2 CE2  doub Y N 323 
PHE CD2 HD2  sing N N 324 
PHE CE1 CZ   doub Y N 325 
PHE CE1 HE1  sing N N 326 
PHE CE2 CZ   sing Y N 327 
PHE CE2 HE2  sing N N 328 
PHE CZ  HZ   sing N N 329 
PHE OXT HXT  sing N N 330 
PRO N   CA   sing N N 331 
PRO N   CD   sing N N 332 
PRO N   H    sing N N 333 
PRO CA  C    sing N N 334 
PRO CA  CB   sing N N 335 
PRO CA  HA   sing N N 336 
PRO C   O    doub N N 337 
PRO C   OXT  sing N N 338 
PRO CB  CG   sing N N 339 
PRO CB  HB2  sing N N 340 
PRO CB  HB3  sing N N 341 
PRO CG  CD   sing N N 342 
PRO CG  HG2  sing N N 343 
PRO CG  HG3  sing N N 344 
PRO CD  HD2  sing N N 345 
PRO CD  HD3  sing N N 346 
PRO OXT HXT  sing N N 347 
SER N   CA   sing N N 348 
SER N   H    sing N N 349 
SER N   H2   sing N N 350 
SER CA  C    sing N N 351 
SER CA  CB   sing N N 352 
SER CA  HA   sing N N 353 
SER C   O    doub N N 354 
SER C   OXT  sing N N 355 
SER CB  OG   sing N N 356 
SER CB  HB2  sing N N 357 
SER CB  HB3  sing N N 358 
SER OG  HG   sing N N 359 
SER OXT HXT  sing N N 360 
THR N   CA   sing N N 361 
THR N   H    sing N N 362 
THR N   H2   sing N N 363 
THR CA  C    sing N N 364 
THR CA  CB   sing N N 365 
THR CA  HA   sing N N 366 
THR C   O    doub N N 367 
THR C   OXT  sing N N 368 
THR CB  OG1  sing N N 369 
THR CB  CG2  sing N N 370 
THR CB  HB   sing N N 371 
THR OG1 HG1  sing N N 372 
THR CG2 HG21 sing N N 373 
THR CG2 HG22 sing N N 374 
THR CG2 HG23 sing N N 375 
THR OXT HXT  sing N N 376 
TRP N   CA   sing N N 377 
TRP N   H    sing N N 378 
TRP N   H2   sing N N 379 
TRP CA  C    sing N N 380 
TRP CA  CB   sing N N 381 
TRP CA  HA   sing N N 382 
TRP C   O    doub N N 383 
TRP C   OXT  sing N N 384 
TRP CB  CG   sing N N 385 
TRP CB  HB2  sing N N 386 
TRP CB  HB3  sing N N 387 
TRP CG  CD1  doub Y N 388 
TRP CG  CD2  sing Y N 389 
TRP CD1 NE1  sing Y N 390 
TRP CD1 HD1  sing N N 391 
TRP CD2 CE2  doub Y N 392 
TRP CD2 CE3  sing Y N 393 
TRP NE1 CE2  sing Y N 394 
TRP NE1 HE1  sing N N 395 
TRP CE2 CZ2  sing Y N 396 
TRP CE3 CZ3  doub Y N 397 
TRP CE3 HE3  sing N N 398 
TRP CZ2 CH2  doub Y N 399 
TRP CZ2 HZ2  sing N N 400 
TRP CZ3 CH2  sing Y N 401 
TRP CZ3 HZ3  sing N N 402 
TRP CH2 HH2  sing N N 403 
TRP OXT HXT  sing N N 404 
TYR N   CA   sing N N 405 
TYR N   H    sing N N 406 
TYR N   H2   sing N N 407 
TYR CA  C    sing N N 408 
TYR CA  CB   sing N N 409 
TYR CA  HA   sing N N 410 
TYR C   O    doub N N 411 
TYR C   OXT  sing N N 412 
TYR CB  CG   sing N N 413 
TYR CB  HB2  sing N N 414 
TYR CB  HB3  sing N N 415 
TYR CG  CD1  doub Y N 416 
TYR CG  CD2  sing Y N 417 
TYR CD1 CE1  sing Y N 418 
TYR CD1 HD1  sing N N 419 
TYR CD2 CE2  doub Y N 420 
TYR CD2 HD2  sing N N 421 
TYR CE1 CZ   doub Y N 422 
TYR CE1 HE1  sing N N 423 
TYR CE2 CZ   sing Y N 424 
TYR CE2 HE2  sing N N 425 
TYR CZ  OH   sing N N 426 
TYR OH  HH   sing N N 427 
TYR OXT HXT  sing N N 428 
VAL N   CA   sing N N 429 
VAL N   H    sing N N 430 
VAL N   H2   sing N N 431 
VAL CA  C    sing N N 432 
VAL CA  CB   sing N N 433 
VAL CA  HA   sing N N 434 
VAL C   O    doub N N 435 
VAL C   OXT  sing N N 436 
VAL CB  CG1  sing N N 437 
VAL CB  CG2  sing N N 438 
VAL CB  HB   sing N N 439 
VAL CG1 HG11 sing N N 440 
VAL CG1 HG12 sing N N 441 
VAL CG1 HG13 sing N N 442 
VAL CG2 HG21 sing N N 443 
VAL CG2 HG22 sing N N 444 
VAL CG2 HG23 sing N N 445 
VAL OXT HXT  sing N N 446 
# 
_atom_sites.entry_id                    4FF8 
_atom_sites.fract_transf_matrix[1][1]   0.01138823 
_atom_sites.fract_transf_matrix[1][2]   0.01762391 
_atom_sites.fract_transf_matrix[1][3]   0.00019806 
_atom_sites.fract_transf_matrix[2][1]   0.01346950 
_atom_sites.fract_transf_matrix[2][2]   -0.00862478 
_atom_sites.fract_transf_matrix[2][3]   -0.00702509 
_atom_sites.fract_transf_matrix[3][1]   -0.00381314 
_atom_sites.fract_transf_matrix[3][2]   0.00643364 
_atom_sites.fract_transf_matrix[3][3]   -0.01520976 
_atom_sites.fract_transf_vector[1]      0.764449 
_atom_sites.fract_transf_vector[2]      0.481446 
_atom_sites.fract_transf_vector[3]      0.483610 
# 
loop_
_atom_type.symbol 
C 
N 
O 
S 
# 
loop_
_atom_site.group_PDB 
_atom_site.id 
_atom_site.type_symbol 
_atom_site.label_atom_id 
_atom_site.label_alt_id 
_atom_site.label_comp_id 
_atom_site.label_asym_id 
_atom_site.label_entity_id 
_atom_site.label_seq_id 
_atom_site.pdbx_PDB_ins_code 
_atom_site.Cartn_x 
_atom_site.Cartn_y 
_atom_site.Cartn_z 
_atom_site.occupancy 
_atom_site.B_iso_or_equiv 
_atom_site.pdbx_formal_charge 
_atom_site.auth_seq_id 
_atom_site.auth_comp_id 
_atom_site.auth_asym_id 
_atom_site.auth_atom_id 
_atom_site.pdbx_PDB_model_num 
ATOM   1    N N   . LYS A 1 80  ? 12.949  -7.468  15.843  1.00 94.91  ? 563  LYS A N   1 
ATOM   2    C CA  . LYS A 1 80  ? 12.141  -6.272  15.467  1.00 94.63  ? 563  LYS A CA  1 
ATOM   3    C C   . LYS A 1 80  ? 12.502  -5.045  16.303  1.00 100.05 ? 563  LYS A C   1 
ATOM   4    O O   . LYS A 1 80  ? 11.622  -4.359  16.833  1.00 90.25  ? 563  LYS A O   1 
ATOM   5    C CB  . LYS A 1 80  ? 10.645  -6.565  15.598  1.00 98.91  ? 563  LYS A CB  1 
ATOM   6    C CG  . LYS A 1 80  ? 10.061  -7.372  14.453  1.00 103.01 ? 563  LYS A CG  1 
ATOM   7    C CD  . LYS A 1 80  ? 8.552   -7.182  14.385  1.00 107.77 ? 563  LYS A CD  1 
ATOM   8    C CE  . LYS A 1 80  ? 7.911   -8.121  13.370  1.00 114.72 ? 563  LYS A CE  1 
ATOM   9    N NZ  . LYS A 1 80  ? 6.434   -7.928  13.272  1.00 115.28 ? 563  LYS A NZ  1 
ATOM   10   N N   . GLU A 1 81  ? 13.800  -4.767  16.407  1.00 104.30 ? 564  GLU A N   1 
ATOM   11   C CA  . GLU A 1 81  ? 14.272  -3.509  16.986  1.00 102.83 ? 564  GLU A CA  1 
ATOM   12   C C   . GLU A 1 81  ? 14.567  -2.500  15.871  1.00 99.77  ? 564  GLU A C   1 
ATOM   13   O O   . GLU A 1 81  ? 15.634  -1.885  15.831  1.00 95.90  ? 564  GLU A O   1 
ATOM   14   C CB  . GLU A 1 81  ? 15.497  -3.752  17.863  1.00 109.87 ? 564  GLU A CB  1 
ATOM   15   C CG  . GLU A 1 81  ? 15.238  -4.766  18.972  1.00 111.16 ? 564  GLU A CG  1 
ATOM   16   C CD  . GLU A 1 81  ? 16.278  -4.717  20.075  1.00 107.06 ? 564  GLU A CD  1 
ATOM   17   O OE1 . GLU A 1 81  ? 16.903  -5.762  20.339  1.00 99.86  ? 564  GLU A OE1 1 
ATOM   18   O OE2 . GLU A 1 81  ? 16.466  -3.635  20.674  1.00 104.78 ? 564  GLU A OE2 1 
ATOM   19   N N   . PHE A 1 82  ? 13.589  -2.348  14.972  1.00 91.17  ? 565  PHE A N   1 
ATOM   20   C CA  . PHE A 1 82  ? 13.624  -1.375  13.883  1.00 79.93  ? 565  PHE A CA  1 
ATOM   21   C C   . PHE A 1 82  ? 13.402  0.019   14.440  1.00 74.88  ? 565  PHE A C   1 
ATOM   22   O O   . PHE A 1 82  ? 12.715  0.187   15.442  1.00 71.65  ? 565  PHE A O   1 
ATOM   23   C CB  . PHE A 1 82  ? 12.493  -1.653  12.879  1.00 79.22  ? 565  PHE A CB  1 
ATOM   24   C CG  . PHE A 1 82  ? 12.612  -2.970  12.147  1.00 78.13  ? 565  PHE A CG  1 
ATOM   25   C CD1 . PHE A 1 82  ? 13.824  -3.383  11.606  1.00 84.83  ? 565  PHE A CD1 1 
ATOM   26   C CD2 . PHE A 1 82  ? 11.501  -3.781  11.974  1.00 73.52  ? 565  PHE A CD2 1 
ATOM   27   C CE1 . PHE A 1 82  ? 13.930  -4.592  10.931  1.00 85.67  ? 565  PHE A CE1 1 
ATOM   28   C CE2 . PHE A 1 82  ? 11.597  -4.983  11.299  1.00 78.48  ? 565  PHE A CE2 1 
ATOM   29   C CZ  . PHE A 1 82  ? 12.813  -5.392  10.776  1.00 80.46  ? 565  PHE A CZ  1 
ATOM   30   N N   . ASP A 1 83  ? 13.951  1.024   13.775  1.00 73.37  ? 566  ASP A N   1 
ATOM   31   C CA  . ASP A 1 83  ? 13.755  2.403   14.205  1.00 74.96  ? 566  ASP A CA  1 
ATOM   32   C C   . ASP A 1 83  ? 13.782  3.358   13.007  1.00 65.02  ? 566  ASP A C   1 
ATOM   33   O O   . ASP A 1 83  ? 14.837  3.726   12.517  1.00 68.12  ? 566  ASP A O   1 
ATOM   34   C CB  . ASP A 1 83  ? 14.815  2.792   15.254  1.00 77.35  ? 566  ASP A CB  1 
ATOM   35   C CG  . ASP A 1 83  ? 14.684  4.239   15.714  1.00 81.44  ? 566  ASP A CG  1 
ATOM   36   O OD1 . ASP A 1 83  ? 13.552  4.663   16.032  1.00 78.77  ? 566  ASP A OD1 1 
ATOM   37   O OD2 . ASP A 1 83  ? 15.712  4.950   15.754  1.00 83.82  ? 566  ASP A OD2 1 
ATOM   38   N N   . HIS A 1 84  ? 12.594  3.737   12.554  1.00 65.11  ? 567  HIS A N   1 
ATOM   39   C CA  . HIS A 1 84  ? 12.394  4.687   11.461  1.00 59.04  ? 567  HIS A CA  1 
ATOM   40   C C   . HIS A 1 84  ? 11.113  5.465   11.840  1.00 55.79  ? 567  HIS A C   1 
ATOM   41   O O   . HIS A 1 84  ? 10.235  4.905   12.502  1.00 57.33  ? 567  HIS A O   1 
ATOM   42   C CB  . HIS A 1 84  ? 12.214  3.913   10.147  1.00 59.71  ? 567  HIS A CB  1 
ATOM   43   C CG  . HIS A 1 84  ? 12.240  4.774   8.926   1.00 61.24  ? 567  HIS A CG  1 
ATOM   44   N ND1 . HIS A 1 84  ? 11.096  5.299   8.364   1.00 63.59  ? 567  HIS A ND1 1 
ATOM   45   C CD2 . HIS A 1 84  ? 13.271  5.223   8.169   1.00 60.76  ? 567  HIS A CD2 1 
ATOM   46   C CE1 . HIS A 1 84  ? 11.420  6.049   7.323   1.00 61.01  ? 567  HIS A CE1 1 
ATOM   47   N NE2 . HIS A 1 84  ? 12.735  6.014   7.181   1.00 61.08  ? 567  HIS A NE2 1 
ATOM   48   N N   . PRO A 1 85  ? 10.983  6.729   11.423  1.00 50.53  ? 568  PRO A N   1 
ATOM   49   C CA  . PRO A 1 85  ? 9.762   7.454   11.814  1.00 53.62  ? 568  PRO A CA  1 
ATOM   50   C C   . PRO A 1 85  ? 8.487   7.088   11.027  1.00 55.41  ? 568  PRO A C   1 
ATOM   51   O O   . PRO A 1 85  ? 7.417   7.567   11.375  1.00 51.14  ? 568  PRO A O   1 
ATOM   52   C CB  . PRO A 1 85  ? 10.121  8.931   11.572  1.00 56.25  ? 568  PRO A CB  1 
ATOM   53   C CG  . PRO A 1 85  ? 11.278  8.925   10.614  1.00 56.55  ? 568  PRO A CG  1 
ATOM   54   C CD  . PRO A 1 85  ? 11.940  7.576   10.680  1.00 56.59  ? 568  PRO A CD  1 
ATOM   55   N N   . HIS A 1 86  ? 8.614   6.290   9.964   1.00 50.29  ? 569  HIS A N   1 
ATOM   56   C CA  . HIS A 1 86  ? 7.469   5.778   9.200   1.00 51.62  ? 569  HIS A CA  1 
ATOM   57   C C   . HIS A 1 86  ? 7.328   4.260   9.353   1.00 49.89  ? 569  HIS A C   1 
ATOM   58   O O   . HIS A 1 86  ? 6.719   3.592   8.519   1.00 50.31  ? 569  HIS A O   1 
ATOM   59   C CB  . HIS A 1 86  ? 7.566   6.203   7.720   1.00 48.63  ? 569  HIS A CB  1 
ATOM   60   C CG  . HIS A 1 86  ? 7.555   7.688   7.546   1.00 50.07  ? 569  HIS A CG  1 
ATOM   61   N ND1 . HIS A 1 86  ? 6.515   8.472   7.994   1.00 49.40  ? 569  HIS A ND1 1 
ATOM   62   C CD2 . HIS A 1 86  ? 8.483   8.544   7.046   1.00 49.21  ? 569  HIS A CD2 1 
ATOM   63   C CE1 . HIS A 1 86  ? 6.775   9.740   7.736   1.00 50.37  ? 569  HIS A CE1 1 
ATOM   64   N NE2 . HIS A 1 86  ? 7.974   9.813   7.179   1.00 51.62  ? 569  HIS A NE2 1 
ATOM   65   N N   . VAL A 1 87  ? 7.918   3.733   10.422  1.00 47.36  ? 570  VAL A N   1 
ATOM   66   C CA  . VAL A 1 87  ? 7.677   2.378   10.892  1.00 45.71  ? 570  VAL A CA  1 
ATOM   67   C C   . VAL A 1 87  ? 7.223   2.513   12.337  1.00 50.69  ? 570  VAL A C   1 
ATOM   68   O O   . VAL A 1 87  ? 7.819   3.274   13.103  1.00 52.68  ? 570  VAL A O   1 
ATOM   69   C CB  . VAL A 1 87  ? 8.934   1.523   10.767  1.00 45.26  ? 570  VAL A CB  1 
ATOM   70   C CG1 . VAL A 1 87  ? 8.709   0.141   11.352  1.00 43.87  ? 570  VAL A CG1 1 
ATOM   71   C CG2 . VAL A 1 87  ? 9.356   1.425   9.301   1.00 43.27  ? 570  VAL A CG2 1 
ATOM   72   N N   . ALA A 1 88  ? 6.118   1.856   12.682  1.00 58.39  ? 571  ALA A N   1 
ATOM   73   C CA  . ALA A 1 88  ? 5.612   1.842   14.057  1.00 60.58  ? 571  ALA A CA  1 
ATOM   74   C C   . ALA A 1 88  ? 6.703   1.362   14.996  1.00 59.23  ? 571  ALA A C   1 
ATOM   75   O O   . ALA A 1 88  ? 7.367   0.377   14.706  1.00 55.79  ? 571  ALA A O   1 
ATOM   76   C CB  . ALA A 1 88  ? 4.403   0.930   14.165  1.00 65.27  ? 571  ALA A CB  1 
ATOM   77   N N   . LYS A 1 89  ? 6.915   2.089   16.091  1.00 64.53  ? 572  LYS A N   1 
ATOM   78   C CA  . LYS A 1 89  ? 7.882   1.681   17.110  1.00 75.00  ? 572  LYS A CA  1 
ATOM   79   C C   . LYS A 1 89  ? 7.354   0.467   17.860  1.00 72.54  ? 572  LYS A C   1 
ATOM   80   O O   . LYS A 1 89  ? 6.149   0.250   17.945  1.00 72.42  ? 572  LYS A O   1 
ATOM   81   C CB  . LYS A 1 89  ? 8.112   2.801   18.145  1.00 83.80  ? 572  LYS A CB  1 
ATOM   82   C CG  . LYS A 1 89  ? 8.855   4.041   17.669  1.00 84.04  ? 572  LYS A CG  1 
ATOM   83   C CD  . LYS A 1 89  ? 8.599   5.207   18.624  1.00 89.89  ? 572  LYS A CD  1 
ATOM   84   C CE  . LYS A 1 89  ? 8.916   6.559   17.994  1.00 95.42  ? 572  LYS A CE  1 
ATOM   85   N NZ  . LYS A 1 89  ? 8.344   7.697   18.773  1.00 94.61  ? 572  LYS A NZ  1 
ATOM   86   N N   . LEU A 1 90  ? 8.271   -0.320  18.402  1.00 82.61  ? 573  LEU A N   1 
ATOM   87   C CA  . LEU A 1 90  ? 7.931   -1.314  19.411  1.00 89.05  ? 573  LEU A CA  1 
ATOM   88   C C   . LEU A 1 90  ? 8.286   -0.714  20.770  1.00 92.95  ? 573  LEU A C   1 
ATOM   89   O O   . LEU A 1 90  ? 9.436   -0.339  21.002  1.00 88.26  ? 573  LEU A O   1 
ATOM   90   C CB  . LEU A 1 90  ? 8.714   -2.603  19.181  1.00 93.42  ? 573  LEU A CB  1 
ATOM   91   C CG  . LEU A 1 90  ? 8.534   -3.720  20.213  1.00 98.27  ? 573  LEU A CG  1 
ATOM   92   C CD1 . LEU A 1 90  ? 7.093   -4.208  20.252  1.00 98.81  ? 573  LEU A CD1 1 
ATOM   93   C CD2 . LEU A 1 90  ? 9.482   -4.864  19.887  1.00 101.76 ? 573  LEU A CD2 1 
ATOM   94   N N   . VAL A 1 91  ? 7.294   -0.615  21.655  1.00 95.39  ? 574  VAL A N   1 
ATOM   95   C CA  . VAL A 1 91  ? 7.476   -0.003  22.974  1.00 102.58 ? 574  VAL A CA  1 
ATOM   96   C C   . VAL A 1 91  ? 7.431   -1.074  24.063  1.00 97.90  ? 574  VAL A C   1 
ATOM   97   O O   . VAL A 1 91  ? 8.462   -1.638  24.423  1.00 86.16  ? 574  VAL A O   1 
ATOM   98   C CB  . VAL A 1 91  ? 6.419   1.106   23.225  1.00 103.21 ? 574  VAL A CB  1 
ATOM   99   C CG1 . VAL A 1 91  ? 6.297   1.439   24.709  1.00 101.64 ? 574  VAL A CG1 1 
ATOM   100  C CG2 . VAL A 1 91  ? 6.764   2.354   22.414  1.00 99.19  ? 574  VAL A CG2 1 
ATOM   101  N N   . ILE A 1 109 ? 2.741   -4.170  23.159  1.00 84.97  ? 592  ILE A N   1 
ATOM   102  C CA  . ILE A 1 109 ? 3.333   -2.927  23.658  1.00 90.36  ? 592  ILE A CA  1 
ATOM   103  C C   . ILE A 1 109 ? 3.617   -1.892  22.546  1.00 89.28  ? 592  ILE A C   1 
ATOM   104  O O   . ILE A 1 109 ? 4.776   -1.536  22.309  1.00 83.98  ? 592  ILE A O   1 
ATOM   105  C CB  . ILE A 1 109 ? 4.626   -3.207  24.462  1.00 98.26  ? 592  ILE A CB  1 
ATOM   106  C CG1 . ILE A 1 109 ? 5.553   -4.189  23.708  1.00 98.29  ? 592  ILE A CG1 1 
ATOM   107  C CG2 . ILE A 1 109 ? 4.278   -3.738  25.848  1.00 99.01  ? 592  ILE A CG2 1 
ATOM   108  C CD1 . ILE A 1 109 ? 6.897   -4.434  24.378  1.00 96.69  ? 592  ILE A CD1 1 
ATOM   109  N N   . LEU A 1 110 ? 2.548   -1.403  21.902  1.00 85.42  ? 593  LEU A N   1 
ATOM   110  C CA  . LEU A 1 110 ? 2.620   -0.430  20.782  1.00 82.56  ? 593  LEU A CA  1 
ATOM   111  C C   . LEU A 1 110 ? 2.241   1.001   21.216  1.00 81.15  ? 593  LEU A C   1 
ATOM   112  O O   . LEU A 1 110 ? 1.475   1.173   22.165  1.00 83.37  ? 593  LEU A O   1 
ATOM   113  C CB  . LEU A 1 110 ? 1.672   -0.851  19.644  1.00 76.87  ? 593  LEU A CB  1 
ATOM   114  C CG  . LEU A 1 110 ? 1.932   -2.150  18.867  1.00 77.10  ? 593  LEU A CG  1 
ATOM   115  C CD1 . LEU A 1 110 ? 0.732   -2.528  18.012  1.00 72.65  ? 593  LEU A CD1 1 
ATOM   116  C CD2 . LEU A 1 110 ? 3.175   -2.035  17.999  1.00 78.30  ? 593  LEU A CD2 1 
ATOM   117  N N   . PRO A 1 111 ? 2.736   2.035   20.494  1.00 78.58  ? 594  PRO A N   1 
ATOM   118  C CA  . PRO A 1 111 ? 2.343   3.391   20.881  1.00 71.41  ? 594  PRO A CA  1 
ATOM   119  C C   . PRO A 1 111 ? 0.867   3.605   20.666  1.00 69.26  ? 594  PRO A C   1 
ATOM   120  O O   . PRO A 1 111 ? 0.241   2.873   19.902  1.00 73.15  ? 594  PRO A O   1 
ATOM   121  C CB  . PRO A 1 111 ? 3.154   4.296   19.945  1.00 71.91  ? 594  PRO A CB  1 
ATOM   122  C CG  . PRO A 1 111 ? 4.194   3.424   19.329  1.00 75.45  ? 594  PRO A CG  1 
ATOM   123  C CD  . PRO A 1 111 ? 3.618   2.041   19.316  1.00 78.00  ? 594  PRO A CD  1 
ATOM   124  N N   . PHE A 1 112 ? 0.313   4.591   21.353  1.00 67.45  ? 595  PHE A N   1 
ATOM   125  C CA  . PHE A 1 112 ? -1.084  4.945   21.185  1.00 73.27  ? 595  PHE A CA  1 
ATOM   126  C C   . PHE A 1 112 ? -1.140  5.976   20.071  1.00 71.74  ? 595  PHE A C   1 
ATOM   127  O O   . PHE A 1 112 ? -0.388  6.947   20.119  1.00 72.01  ? 595  PHE A O   1 
ATOM   128  C CB  . PHE A 1 112 ? -1.655  5.528   22.475  1.00 75.12  ? 595  PHE A CB  1 
ATOM   129  C CG  . PHE A 1 112 ? -3.050  6.049   22.328  1.00 77.07  ? 595  PHE A CG  1 
ATOM   130  C CD1 . PHE A 1 112 ? -4.128  5.187   22.373  1.00 71.96  ? 595  PHE A CD1 1 
ATOM   131  C CD2 . PHE A 1 112 ? -3.281  7.404   22.132  1.00 78.75  ? 595  PHE A CD2 1 
ATOM   132  C CE1 . PHE A 1 112 ? -5.418  5.661   22.235  1.00 74.32  ? 595  PHE A CE1 1 
ATOM   133  C CE2 . PHE A 1 112 ? -4.568  7.888   21.995  1.00 75.49  ? 595  PHE A CE2 1 
ATOM   134  C CZ  . PHE A 1 112 ? -5.638  7.016   22.052  1.00 77.16  ? 595  PHE A CZ  1 
ATOM   135  N N   . MET A 1 113 ? -2.018  5.757   19.082  1.00 69.37  ? 596  MET A N   1 
ATOM   136  C CA  . MET A 1 113 ? -2.074  6.568   17.850  1.00 63.03  ? 596  MET A CA  1 
ATOM   137  C C   . MET A 1 113 ? -3.408  7.326   17.797  1.00 63.18  ? 596  MET A C   1 
ATOM   138  O O   . MET A 1 113 ? -4.450  6.738   17.510  1.00 57.97  ? 596  MET A O   1 
ATOM   139  C CB  . MET A 1 113 ? -1.956  5.664   16.625  1.00 67.76  ? 596  MET A CB  1 
ATOM   140  C CG  . MET A 1 113 ? -0.759  4.722   16.611  1.00 67.68  ? 596  MET A CG  1 
ATOM   141  S SD  . MET A 1 113 ? 0.819   5.521   16.260  1.00 74.61  ? 596  MET A SD  1 
ATOM   142  C CE  . MET A 1 113 ? 0.670   6.024   14.550  1.00 74.85  ? 596  MET A CE  1 
ATOM   143  N N   . LYS A 1 114 ? -3.381  8.632   18.054  1.00 62.82  ? 597  LYS A N   1 
ATOM   144  C CA  . LYS A 1 114 ? -4.615  9.392   18.310  1.00 66.78  ? 597  LYS A CA  1 
ATOM   145  C C   . LYS A 1 114 ? -5.660  9.297   17.184  1.00 67.09  ? 597  LYS A C   1 
ATOM   146  O O   . LYS A 1 114 ? -6.868  9.352   17.427  1.00 66.10  ? 597  LYS A O   1 
ATOM   147  C CB  . LYS A 1 114 ? -4.290  10.860  18.574  1.00 67.07  ? 597  LYS A CB  1 
ATOM   148  C CG  . LYS A 1 114 ? -5.342  11.610  19.373  1.00 74.57  ? 597  LYS A CG  1 
ATOM   149  C CD  . LYS A 1 114 ? -5.110  13.121  19.291  1.00 80.15  ? 597  LYS A CD  1 
ATOM   150  C CE  . LYS A 1 114 ? -5.306  13.807  20.637  1.00 88.74  ? 597  LYS A CE  1 
ATOM   151  N NZ  . LYS A 1 114 ? -6.585  13.449  21.317  1.00 93.22  ? 597  LYS A NZ  1 
ATOM   152  N N   . HIS A 1 115 ? -5.189  9.145   15.956  1.00 65.04  ? 598  HIS A N   1 
ATOM   153  C CA  . HIS A 1 115 ? -6.046  9.261   14.803  1.00 62.96  ? 598  HIS A CA  1 
ATOM   154  C C   . HIS A 1 115 ? -6.286  7.937   14.103  1.00 62.99  ? 598  HIS A C   1 
ATOM   155  O O   . HIS A 1 115 ? -6.703  7.935   12.948  1.00 68.07  ? 598  HIS A O   1 
ATOM   156  C CB  . HIS A 1 115 ? -5.400  10.232  13.822  1.00 66.82  ? 598  HIS A CB  1 
ATOM   157  C CG  . HIS A 1 115 ? -5.150  11.589  14.391  1.00 68.59  ? 598  HIS A CG  1 
ATOM   158  N ND1 . HIS A 1 115 ? -6.163  12.393  14.867  1.00 70.37  ? 598  HIS A ND1 1 
ATOM   159  C CD2 . HIS A 1 115 ? -4.007  12.303  14.528  1.00 74.32  ? 598  HIS A CD2 1 
ATOM   160  C CE1 . HIS A 1 115 ? -5.652  13.535  15.294  1.00 69.48  ? 598  HIS A CE1 1 
ATOM   161  N NE2 . HIS A 1 115 ? -4.346  13.511  15.091  1.00 73.65  ? 598  HIS A NE2 1 
ATOM   162  N N   . GLY A 1 116 ? -5.989  6.821   14.770  1.00 57.78  ? 599  GLY A N   1 
ATOM   163  C CA  . GLY A 1 116 ? -6.381  5.513   14.280  1.00 54.78  ? 599  GLY A CA  1 
ATOM   164  C C   . GLY A 1 116 ? -5.570  4.930   13.146  1.00 53.55  ? 599  GLY A C   1 
ATOM   165  O O   . GLY A 1 116 ? -4.515  5.430   12.818  1.00 48.10  ? 599  GLY A O   1 
ATOM   166  N N   . ASP A 1 117 ? -6.050  3.821   12.578  1.00 56.94  ? 600  ASP A N   1 
ATOM   167  C CA  . ASP A 1 117 ? -5.498  3.309   11.331  1.00 56.41  ? 600  ASP A CA  1 
ATOM   168  C C   . ASP A 1 117 ? -5.944  4.158   10.135  1.00 53.48  ? 600  ASP A C   1 
ATOM   169  O O   . ASP A 1 117 ? -6.924  4.907   10.215  1.00 55.47  ? 600  ASP A O   1 
ATOM   170  C CB  . ASP A 1 117 ? -5.823  1.828   11.158  1.00 61.98  ? 600  ASP A CB  1 
ATOM   171  C CG  . ASP A 1 117 ? -7.236  1.575   10.689  1.00 65.01  ? 600  ASP A CG  1 
ATOM   172  O OD1 . ASP A 1 117 ? -7.658  2.180   9.678   1.00 61.52  ? 600  ASP A OD1 1 
ATOM   173  O OD2 . ASP A 1 117 ? -7.909  0.726   11.313  1.00 64.57  ? 600  ASP A OD2 1 
ATOM   174  N N   . LEU A 1 118 ? -5.179  4.089   9.052   1.00 52.41  ? 601  LEU A N   1 
ATOM   175  C CA  . LEU A 1 118 ? -5.399  4.931   7.870   1.00 44.77  ? 601  LEU A CA  1 
ATOM   176  C C   . LEU A 1 118 ? -6.666  4.520   7.124   1.00 49.66  ? 601  LEU A C   1 
ATOM   177  O O   . LEU A 1 118 ? -7.261  5.340   6.421   1.00 53.56  ? 601  LEU A O   1 
ATOM   178  C CB  . LEU A 1 118 ? -4.182  4.838   6.947   1.00 45.63  ? 601  LEU A CB  1 
ATOM   179  C CG  . LEU A 1 118 ? -4.122  5.640   5.637   1.00 48.30  ? 601  LEU A CG  1 
ATOM   180  C CD1 . LEU A 1 118 ? -4.251  7.115   5.951   1.00 52.84  ? 601  LEU A CD1 1 
ATOM   181  C CD2 . LEU A 1 118 ? -2.827  5.405   4.862   1.00 48.24  ? 601  LEU A CD2 1 
ATOM   182  N N   . HIS A 1 119 ? -7.060  3.252   7.238   1.00 51.49  ? 602  HIS A N   1 
ATOM   183  C CA  . HIS A 1 119 ? -8.275  2.777   6.574   1.00 57.09  ? 602  HIS A CA  1 
ATOM   184  C C   . HIS A 1 119 ? -9.526  3.353   7.225   1.00 59.28  ? 602  HIS A C   1 
ATOM   185  O O   . HIS A 1 119 ? -10.335 3.997   6.549   1.00 57.55  ? 602  HIS A O   1 
ATOM   186  C CB  . HIS A 1 119 ? -8.377  1.251   6.610   1.00 60.94  ? 602  HIS A CB  1 
ATOM   187  C CG  . HIS A 1 119 ? -9.633  0.725   5.990   1.00 65.30  ? 602  HIS A CG  1 
ATOM   188  N ND1 . HIS A 1 119 ? -10.613 0.083   6.718   1.00 71.88  ? 602  HIS A ND1 1 
ATOM   189  C CD2 . HIS A 1 119 ? -10.074 0.760   4.710   1.00 67.26  ? 602  HIS A CD2 1 
ATOM   190  C CE1 . HIS A 1 119 ? -11.602 -0.258  5.912   1.00 72.43  ? 602  HIS A CE1 1 
ATOM   191  N NE2 . HIS A 1 119 ? -11.301 0.142   4.690   1.00 72.78  ? 602  HIS A NE2 1 
ATOM   192  N N   . ALA A 1 120 ? -9.683  3.092   8.530   1.00 56.11  ? 603  ALA A N   1 
ATOM   193  C CA  . ALA A 1 120 ? -10.818 3.627   9.320   1.00 59.18  ? 603  ALA A CA  1 
ATOM   194  C C   . ALA A 1 120 ? -10.857 5.120   9.210   1.00 53.68  ? 603  ALA A C   1 
ATOM   195  O O   . ALA A 1 120 ? -11.920 5.706   9.015   1.00 60.42  ? 603  ALA A O   1 
ATOM   196  C CB  . ALA A 1 120 ? -10.738 3.208   10.783  1.00 55.86  ? 603  ALA A CB  1 
ATOM   197  N N   . PHE A 1 121 ? -9.682  5.730   9.247   1.00 58.65  ? 604  PHE A N   1 
ATOM   198  C CA  . PHE A 1 121 ? -9.584  7.158   9.051   1.00 56.21  ? 604  PHE A CA  1 
ATOM   199  C C   . PHE A 1 121 ? -10.179 7.546   7.713   1.00 58.16  ? 604  PHE A C   1 
ATOM   200  O O   . PHE A 1 121 ? -11.214 8.198   7.691   1.00 69.53  ? 604  PHE A O   1 
ATOM   201  C CB  . PHE A 1 121 ? -8.144  7.665   9.158   1.00 57.10  ? 604  PHE A CB  1 
ATOM   202  C CG  . PHE A 1 121 ? -8.028  9.156   8.948   1.00 56.99  ? 604  PHE A CG  1 
ATOM   203  C CD1 . PHE A 1 121 ? -7.837  9.677   7.691   1.00 56.29  ? 604  PHE A CD1 1 
ATOM   204  C CD2 . PHE A 1 121 ? -8.190  10.029  10.011  1.00 57.99  ? 604  PHE A CD2 1 
ATOM   205  C CE1 . PHE A 1 121 ? -7.765  11.041  7.493   1.00 61.12  ? 604  PHE A CE1 1 
ATOM   206  C CE2 . PHE A 1 121 ? -8.127  11.390  9.826   1.00 54.42  ? 604  PHE A CE2 1 
ATOM   207  C CZ  . PHE A 1 121 ? -7.930  11.901  8.561   1.00 58.04  ? 604  PHE A CZ  1 
ATOM   208  N N   . LEU A 1 122 ? -9.555  7.142   6.599   1.00 60.84  ? 605  LEU A N   1 
ATOM   209  C CA  . LEU A 1 122 ? -10.046 7.534   5.256   1.00 58.13  ? 605  LEU A CA  1 
ATOM   210  C C   . LEU A 1 122 ? -11.534 7.263   5.106   1.00 57.97  ? 605  LEU A C   1 
ATOM   211  O O   . LEU A 1 122 ? -12.201 7.950   4.349   1.00 58.57  ? 605  LEU A O   1 
ATOM   212  C CB  . LEU A 1 122 ? -9.314  6.816   4.119   1.00 56.55  ? 605  LEU A CB  1 
ATOM   213  C CG  . LEU A 1 122 ? -7.871  7.235   3.803   1.00 54.01  ? 605  LEU A CG  1 
ATOM   214  C CD1 . LEU A 1 122 ? -7.149  6.034   3.241   1.00 48.55  ? 605  LEU A CD1 1 
ATOM   215  C CD2 . LEU A 1 122 ? -7.796  8.399   2.826   1.00 49.37  ? 605  LEU A CD2 1 
ATOM   216  N N   . LEU A 1 123 ? -12.025 6.267   5.839   1.00 59.41  ? 606  LEU A N   1 
ATOM   217  C CA  . LEU A 1 123 ? -13.429 5.870   5.835   1.00 68.77  ? 606  LEU A CA  1 
ATOM   218  C C   . LEU A 1 123 ? -14.286 6.851   6.660   1.00 76.33  ? 606  LEU A C   1 
ATOM   219  O O   . LEU A 1 123 ? -15.411 7.176   6.283   1.00 75.01  ? 606  LEU A O   1 
ATOM   220  C CB  . LEU A 1 123 ? -13.560 4.418   6.370   1.00 66.02  ? 606  LEU A CB  1 
ATOM   221  C CG  . LEU A 1 123 ? -14.561 3.476   5.695   1.00 60.97  ? 606  LEU A CG  1 
ATOM   222  C CD1 . LEU A 1 123 ? -14.202 3.239   4.246   1.00 56.69  ? 606  LEU A CD1 1 
ATOM   223  C CD2 . LEU A 1 123 ? -14.661 2.143   6.414   1.00 60.36  ? 606  LEU A CD2 1 
ATOM   224  N N   . ALA A 1 124 ? -13.755 7.330   7.785   1.00 82.67  ? 607  ALA A N   1 
ATOM   225  C CA  . ALA A 1 124 ? -14.435 8.380   8.558   1.00 77.27  ? 607  ALA A CA  1 
ATOM   226  C C   . ALA A 1 124 ? -14.709 9.603   7.686   1.00 75.77  ? 607  ALA A C   1 
ATOM   227  O O   . ALA A 1 124 ? -15.796 10.174  7.735   1.00 84.72  ? 607  ALA A O   1 
ATOM   228  C CB  . ALA A 1 124 ? -13.604 8.774   9.764   1.00 82.17  ? 607  ALA A CB  1 
ATOM   229  N N   . SER A 1 125 ? -13.731 9.962   6.861   1.00 68.39  ? 608  SER A N   1 
ATOM   230  C CA  . SER A 1 125 ? -13.796 11.149  6.005   1.00 61.77  ? 608  SER A CA  1 
ATOM   231  C C   . SER A 1 125 ? -14.706 11.044  4.787   1.00 67.45  ? 608  SER A C   1 
ATOM   232  O O   . SER A 1 125 ? -15.082 12.069  4.220   1.00 71.34  ? 608  SER A O   1 
ATOM   233  C CB  . SER A 1 125 ? -12.414 11.464  5.459   1.00 59.82  ? 608  SER A CB  1 
ATOM   234  O OG  . SER A 1 125 ? -12.353 11.062  4.102   1.00 58.51  ? 608  SER A OG  1 
ATOM   235  N N   . ARG A 1 126 ? -15.001 9.829   4.324   1.00 73.75  ? 609  ARG A N   1 
ATOM   236  C CA  . ARG A 1 126 ? -15.935 9.648   3.193   1.00 72.86  ? 609  ARG A CA  1 
ATOM   237  C C   . ARG A 1 126 ? -17.358 9.467   3.724   1.00 72.57  ? 609  ARG A C   1 
ATOM   238  O O   . ARG A 1 126 ? -18.334 9.954   3.136   1.00 71.21  ? 609  ARG A O   1 
ATOM   239  C CB  . ARG A 1 126 ? -15.518 8.445   2.333   1.00 72.89  ? 609  ARG A CB  1 
ATOM   240  C CG  . ARG A 1 126 ? -16.275 8.311   1.010   1.00 69.52  ? 609  ARG A CG  1 
ATOM   241  C CD  . ARG A 1 126 ? -15.583 7.364   0.028   1.00 68.37  ? 609  ARG A CD  1 
ATOM   242  N NE  . ARG A 1 126 ? -15.178 6.105   0.665   1.00 66.96  ? 609  ARG A NE  1 
ATOM   243  C CZ  . ARG A 1 126 ? -15.969 5.043   0.846   1.00 66.17  ? 609  ARG A CZ  1 
ATOM   244  N NH1 . ARG A 1 126 ? -17.239 5.041   0.435   1.00 68.07  ? 609  ARG A NH1 1 
ATOM   245  N NH2 . ARG A 1 126 ? -15.483 3.969   1.449   1.00 60.47  ? 609  ARG A NH2 1 
ATOM   246  N N   . ILE A 1 127 ? -17.436 8.757   4.847   1.00 70.34  ? 610  ILE A N   1 
ATOM   247  C CA  . ILE A 1 127 ? -18.667 8.446   5.538   1.00 69.27  ? 610  ILE A CA  1 
ATOM   248  C C   . ILE A 1 127 ? -18.354 8.506   7.042   1.00 70.89  ? 610  ILE A C   1 
ATOM   249  O O   . ILE A 1 127 ? -19.101 8.001   7.888   1.00 70.70  ? 610  ILE A O   1 
ATOM   250  C CB  . ILE A 1 127 ? -19.179 7.035   5.129   1.00 68.88  ? 610  ILE A CB  1 
ATOM   251  C CG1 . ILE A 1 127 ? -18.198 5.950   5.582   1.00 66.48  ? 610  ILE A CG1 1 
ATOM   252  C CG2 . ILE A 1 127 ? -19.384 6.951   3.620   1.00 65.80  ? 610  ILE A CG2 1 
ATOM   253  C CD1 . ILE A 1 127 ? -18.576 4.547   5.182   1.00 71.38  ? 610  ILE A CD1 1 
ATOM   254  N N   . PRO A 1 135 ? -7.856  16.117  -0.101  1.00 71.20  ? 618  PRO A N   1 
ATOM   255  C CA  . PRO A 1 135 ? -7.231  16.737  -1.280  1.00 70.27  ? 618  PRO A CA  1 
ATOM   256  C C   . PRO A 1 135 ? -6.096  15.889  -1.837  1.00 74.27  ? 618  PRO A C   1 
ATOM   257  O O   . PRO A 1 135 ? -5.310  15.362  -1.052  1.00 73.44  ? 618  PRO A O   1 
ATOM   258  C CB  . PRO A 1 135 ? -6.660  18.043  -0.717  1.00 69.70  ? 618  PRO A CB  1 
ATOM   259  C CG  . PRO A 1 135 ? -6.356  17.729  0.726   1.00 63.74  ? 618  PRO A CG  1 
ATOM   260  C CD  . PRO A 1 135 ? -7.412  16.742  1.166   1.00 59.00  ? 618  PRO A CD  1 
ATOM   261  N N   . LEU A 1 136 ? -5.980  15.802  -3.167  1.00 79.07  ? 619  LEU A N   1 
ATOM   262  C CA  . LEU A 1 136 ? -4.951  14.975  -3.834  1.00 78.90  ? 619  LEU A CA  1 
ATOM   263  C C   . LEU A 1 136 ? -3.552  15.118  -3.213  1.00 81.95  ? 619  LEU A C   1 
ATOM   264  O O   . LEU A 1 136 ? -2.716  14.221  -3.343  1.00 76.16  ? 619  LEU A O   1 
ATOM   265  C CB  . LEU A 1 136 ? -4.882  15.264  -5.353  1.00 78.15  ? 619  LEU A CB  1 
ATOM   266  C CG  . LEU A 1 136 ? -6.143  15.069  -6.239  1.00 83.64  ? 619  LEU A CG  1 
ATOM   267  C CD1 . LEU A 1 136 ? -5.753  14.712  -7.669  1.00 80.68  ? 619  LEU A CD1 1 
ATOM   268  C CD2 . LEU A 1 136 ? -7.130  14.024  -5.708  1.00 81.09  ? 619  LEU A CD2 1 
ATOM   269  N N   . GLN A 1 137 ? -3.330  16.234  -2.521  1.00 79.89  ? 620  GLN A N   1 
ATOM   270  C CA  . GLN A 1 137 ? -2.047  16.596  -1.920  1.00 73.08  ? 620  GLN A CA  1 
ATOM   271  C C   . GLN A 1 137 ? -1.768  15.936  -0.558  1.00 70.95  ? 620  GLN A C   1 
ATOM   272  O O   . GLN A 1 137 ? -0.613  15.708  -0.202  1.00 68.42  ? 620  GLN A O   1 
ATOM   273  C CB  . GLN A 1 137 ? -2.042  18.116  -1.756  1.00 77.46  ? 620  GLN A CB  1 
ATOM   274  C CG  . GLN A 1 137 ? -0.751  18.738  -1.274  1.00 78.97  ? 620  GLN A CG  1 
ATOM   275  C CD  . GLN A 1 137 ? -0.844  20.251  -1.227  1.00 87.58  ? 620  GLN A CD  1 
ATOM   276  O OE1 . GLN A 1 137 ? -1.938  20.827  -1.317  1.00 89.20  ? 620  GLN A OE1 1 
ATOM   277  N NE2 . GLN A 1 137 ? 0.304   20.909  -1.078  1.00 91.28  ? 620  GLN A NE2 1 
ATOM   278  N N   . THR A 1 138 ? -2.806  15.658  0.222   1.00 70.95  ? 621  THR A N   1 
ATOM   279  C CA  . THR A 1 138 ? -2.624  14.992  1.526   1.00 68.56  ? 621  THR A CA  1 
ATOM   280  C C   . THR A 1 138 ? -2.505  13.473  1.364   1.00 67.02  ? 621  THR A C   1 
ATOM   281  O O   . THR A 1 138 ? -1.876  12.801  2.191   1.00 65.97  ? 621  THR A O   1 
ATOM   282  C CB  . THR A 1 138 ? -3.787  15.321  2.478   1.00 68.97  ? 621  THR A CB  1 
ATOM   283  O OG1 . THR A 1 138 ? -3.696  16.694  2.859   1.00 75.68  ? 621  THR A OG1 1 
ATOM   284  C CG2 . THR A 1 138 ? -3.737  14.486  3.750   1.00 73.35  ? 621  THR A CG2 1 
ATOM   285  N N   . LEU A 1 139 ? -3.109  12.964  0.285   1.00 62.98  ? 622  LEU A N   1 
ATOM   286  C CA  . LEU A 1 139 ? -3.185  11.530  -0.026  1.00 59.46  ? 622  LEU A CA  1 
ATOM   287  C C   . LEU A 1 139 ? -1.855  11.052  -0.553  1.00 59.74  ? 622  LEU A C   1 
ATOM   288  O O   . LEU A 1 139 ? -1.461  9.918   -0.364  1.00 67.44  ? 622  LEU A O   1 
ATOM   289  C CB  . LEU A 1 139 ? -4.228  11.282  -1.131  1.00 58.88  ? 622  LEU A CB  1 
ATOM   290  C CG  . LEU A 1 139 ? -5.629  11.902  -1.038  1.00 61.25  ? 622  LEU A CG  1 
ATOM   291  C CD1 . LEU A 1 139 ? -6.416  11.684  -2.327  1.00 62.18  ? 622  LEU A CD1 1 
ATOM   292  C CD2 . LEU A 1 139 ? -6.377  11.342  0.150   1.00 59.83  ? 622  LEU A CD2 1 
ATOM   293  N N   . VAL A 1 140 ? -1.196  11.924  -1.291  1.00 62.79  ? 623  VAL A N   1 
ATOM   294  C CA  . VAL A 1 140 ? 0.098   11.622  -1.843  1.00 62.02  ? 623  VAL A CA  1 
ATOM   295  C C   . VAL A 1 140 ? 1.153   11.633  -0.718  1.00 56.26  ? 623  VAL A C   1 
ATOM   296  O O   . VAL A 1 140 ? 2.119   10.882  -0.771  1.00 55.35  ? 623  VAL A O   1 
ATOM   297  C CB  . VAL A 1 140 ? 0.440   12.610  -2.980  1.00 58.61  ? 623  VAL A CB  1 
ATOM   298  C CG1 . VAL A 1 140 ? 1.854   12.408  -3.473  1.00 57.25  ? 623  VAL A CG1 1 
ATOM   299  C CG2 . VAL A 1 140 ? -0.535  12.440  -4.138  1.00 66.16  ? 623  VAL A CG2 1 
ATOM   300  N N   . ARG A 1 141 ? 0.959   12.472  0.290   1.00 58.94  ? 624  ARG A N   1 
ATOM   301  C CA  . ARG A 1 141 ? 1.894   12.514  1.425   1.00 64.89  ? 624  ARG A CA  1 
ATOM   302  C C   . ARG A 1 141 ? 1.743   11.238  2.225   1.00 53.45  ? 624  ARG A C   1 
ATOM   303  O O   . ARG A 1 141 ? 2.734   10.671  2.683   1.00 53.75  ? 624  ARG A O   1 
ATOM   304  C CB  . ARG A 1 141 ? 1.653   13.721  2.340   1.00 67.67  ? 624  ARG A CB  1 
ATOM   305  C CG  . ARG A 1 141 ? 2.859   14.061  3.211   1.00 77.76  ? 624  ARG A CG  1 
ATOM   306  C CD  . ARG A 1 141 ? 2.454   14.543  4.603   1.00 84.70  ? 624  ARG A CD  1 
ATOM   307  N NE  . ARG A 1 141 ? 3.531   15.316  5.228   1.00 93.97  ? 624  ARG A NE  1 
ATOM   308  C CZ  . ARG A 1 141 ? 4.622   14.803  5.802   1.00 97.50  ? 624  ARG A CZ  1 
ATOM   309  N NH1 . ARG A 1 141 ? 4.820   13.484  5.861   1.00 101.77 ? 624  ARG A NH1 1 
ATOM   310  N NH2 . ARG A 1 141 ? 5.530   15.621  6.324   1.00 92.88  ? 624  ARG A NH2 1 
ATOM   311  N N   . PHE A 1 142 ? 0.500   10.790  2.396   1.00 49.98  ? 625  PHE A N   1 
ATOM   312  C CA  . PHE A 1 142 ? 0.251   9.463   2.958   1.00 47.36  ? 625  PHE A CA  1 
ATOM   313  C C   . PHE A 1 142 ? 1.114   8.421   2.247   1.00 46.21  ? 625  PHE A C   1 
ATOM   314  O O   . PHE A 1 142 ? 1.752   7.607   2.913   1.00 40.62  ? 625  PHE A O   1 
ATOM   315  C CB  . PHE A 1 142 ? -1.206  9.059   2.837   1.00 50.40  ? 625  PHE A CB  1 
ATOM   316  C CG  . PHE A 1 142 ? -2.151  9.842   3.710   1.00 53.01  ? 625  PHE A CG  1 
ATOM   317  C CD1 . PHE A 1 142 ? -1.734  10.440  4.902   1.00 53.40  ? 625  PHE A CD1 1 
ATOM   318  C CD2 . PHE A 1 142 ? -3.489  9.949   3.343   1.00 53.28  ? 625  PHE A CD2 1 
ATOM   319  C CE1 . PHE A 1 142 ? -2.633  11.132  5.708   1.00 52.41  ? 625  PHE A CE1 1 
ATOM   320  C CE2 . PHE A 1 142 ? -4.390  10.658  4.140   1.00 55.64  ? 625  PHE A CE2 1 
ATOM   321  C CZ  . PHE A 1 142 ? -3.958  11.242  5.324   1.00 53.98  ? 625  PHE A CZ  1 
ATOM   322  N N   . MET A 1 143 ? 1.170   8.498   0.912   1.00 40.30  ? 626  MET A N   1 
ATOM   323  C CA  . MET A 1 143 ? 1.873   7.521   0.089   1.00 44.12  ? 626  MET A CA  1 
ATOM   324  C C   . MET A 1 143 ? 3.390   7.563   0.187   1.00 46.44  ? 626  MET A C   1 
ATOM   325  O O   . MET A 1 143 ? 4.057   6.513   0.120   1.00 46.52  ? 626  MET A O   1 
ATOM   326  C CB  . MET A 1 143 ? 1.462   7.694   -1.391  1.00 49.53  ? 626  MET A CB  1 
ATOM   327  C CG  . MET A 1 143 ? 0.007   7.350   -1.668  1.00 45.49  ? 626  MET A CG  1 
ATOM   328  S SD  . MET A 1 143 ? -0.536  7.573   -3.382  1.00 51.13  ? 626  MET A SD  1 
ATOM   329  C CE  . MET A 1 143 ? -2.278  7.311   -3.119  1.00 51.55  ? 626  MET A CE  1 
ATOM   330  N N   . VAL A 1 144 ? 3.942   8.771   0.242   1.00 46.94  ? 627  VAL A N   1 
ATOM   331  C CA  . VAL A 1 144 ? 5.377   8.961   0.472   1.00 45.69  ? 627  VAL A CA  1 
ATOM   332  C C   . VAL A 1 144 ? 5.810   8.349   1.791   1.00 40.78  ? 627  VAL A C   1 
ATOM   333  O O   . VAL A 1 144 ? 6.818   7.631   1.842   1.00 41.02  ? 627  VAL A O   1 
ATOM   334  C CB  . VAL A 1 144 ? 5.757   10.461  0.516   1.00 51.27  ? 627  VAL A CB  1 
ATOM   335  C CG1 . VAL A 1 144 ? 7.258   10.633  0.738   1.00 48.05  ? 627  VAL A CG1 1 
ATOM   336  C CG2 . VAL A 1 144 ? 5.326   11.165  -0.768  1.00 53.00  ? 627  VAL A CG2 1 
ATOM   337  N N   . ASP A 1 145 ? 5.062   8.654   2.855   1.00 42.09  ? 628  ASP A N   1 
ATOM   338  C CA  . ASP A 1 145 ? 5.312   8.091   4.206   1.00 43.53  ? 628  ASP A CA  1 
ATOM   339  C C   . ASP A 1 145 ? 5.436   6.576   4.224   1.00 46.65  ? 628  ASP A C   1 
ATOM   340  O O   . ASP A 1 145 ? 6.469   6.017   4.622   1.00 51.08  ? 628  ASP A O   1 
ATOM   341  C CB  . ASP A 1 145 ? 4.195   8.485   5.146   1.00 47.15  ? 628  ASP A CB  1 
ATOM   342  C CG  . ASP A 1 145 ? 4.217   9.974   5.516   1.00 51.38  ? 628  ASP A CG  1 
ATOM   343  O OD1 . ASP A 1 145 ? 4.943   10.768  4.862   1.00 49.45  ? 628  ASP A OD1 1 
ATOM   344  O OD2 . ASP A 1 145 ? 3.525   10.323  6.506   1.00 48.30  ? 628  ASP A OD2 1 
ATOM   345  N N   . ILE A 1 146 ? 4.387   5.910   3.748   1.00 48.78  ? 629  ILE A N   1 
ATOM   346  C CA  . ILE A 1 146 ? 4.340   4.448   3.686   1.00 45.32  ? 629  ILE A CA  1 
ATOM   347  C C   . ILE A 1 146 ? 5.508   3.922   2.827   1.00 44.29  ? 629  ILE A C   1 
ATOM   348  O O   . ILE A 1 146 ? 6.131   2.898   3.135   1.00 46.54  ? 629  ILE A O   1 
ATOM   349  C CB  . ILE A 1 146 ? 2.961   3.983   3.142   1.00 44.80  ? 629  ILE A CB  1 
ATOM   350  C CG1 . ILE A 1 146 ? 1.843   4.497   4.070   1.00 40.39  ? 629  ILE A CG1 1 
ATOM   351  C CG2 . ILE A 1 146 ? 2.874   2.462   3.017   1.00 43.91  ? 629  ILE A CG2 1 
ATOM   352  C CD1 . ILE A 1 146 ? 0.480   4.430   3.454   1.00 41.21  ? 629  ILE A CD1 1 
ATOM   353  N N   . ALA A 1 147 ? 5.826   4.652   1.769   1.00 41.20  ? 630  ALA A N   1 
ATOM   354  C CA  . ALA A 1 147 ? 6.943   4.286   0.891   1.00 41.99  ? 630  ALA A CA  1 
ATOM   355  C C   . ALA A 1 147 ? 8.288   4.453   1.614   1.00 44.50  ? 630  ALA A C   1 
ATOM   356  O O   . ALA A 1 147 ? 9.094   3.556   1.517   1.00 40.03  ? 630  ALA A O   1 
ATOM   357  C CB  . ALA A 1 147 ? 6.903   5.083   -0.398  1.00 43.23  ? 630  ALA A CB  1 
ATOM   358  N N   . CYS A 1 148 ? 8.505   5.528   2.394   1.00 42.27  ? 631  CYS A N   1 
ATOM   359  C CA  . CYS A 1 148 ? 9.751   5.619   3.202   1.00 46.06  ? 631  CYS A CA  1 
ATOM   360  C C   . CYS A 1 148 ? 9.801   4.472   4.198   1.00 48.54  ? 631  CYS A C   1 
ATOM   361  O O   . CYS A 1 148 ? 10.787  3.712   4.260   1.00 58.47  ? 631  CYS A O   1 
ATOM   362  C CB  . CYS A 1 148 ? 9.918   6.967   3.929   1.00 47.57  ? 631  CYS A CB  1 
ATOM   363  S SG  . CYS A 1 148 ? 9.604   8.439   2.912   1.00 59.01  ? 631  CYS A SG  1 
ATOM   364  N N   . GLY A 1 149 ? 8.713   4.300   4.939   1.00 50.14  ? 632  GLY A N   1 
ATOM   365  C CA  . GLY A 1 149 ? 8.583   3.159   5.849   1.00 45.03  ? 632  GLY A CA  1 
ATOM   366  C C   . GLY A 1 149 ? 8.942   1.859   5.180   1.00 43.59  ? 632  GLY A C   1 
ATOM   367  O O   . GLY A 1 149 ? 9.678   1.054   5.743   1.00 44.23  ? 632  GLY A O   1 
ATOM   368  N N   . MET A 1 150 ? 8.467   1.650   3.951   1.00 44.15  ? 633  MET A N   1 
ATOM   369  C CA  . MET A 1 150 ? 8.656   0.343   3.310   1.00 41.24  ? 633  MET A CA  1 
ATOM   370  C C   . MET A 1 150 ? 10.054  0.198   2.747   1.00 39.61  ? 633  MET A C   1 
ATOM   371  O O   . MET A 1 150 ? 10.597  -0.886  2.710   1.00 42.11  ? 633  MET A O   1 
ATOM   372  C CB  . MET A 1 150 ? 7.594   0.102   2.228   1.00 42.02  ? 633  MET A CB  1 
ATOM   373  C CG  . MET A 1 150 ? 6.198   -0.205  2.773   1.00 40.08  ? 633  MET A CG  1 
ATOM   374  S SD  . MET A 1 150 ? 6.100   -1.568  3.948   1.00 42.50  ? 633  MET A SD  1 
ATOM   375  C CE  . MET A 1 150 ? 6.774   -2.942  3.045   1.00 40.77  ? 633  MET A CE  1 
ATOM   376  N N   . GLU A 1 151 ? 10.643  1.293   2.307   1.00 45.12  ? 634  GLU A N   1 
ATOM   377  C CA  . GLU A 1 151 ? 12.031  1.308   1.879   1.00 45.73  ? 634  GLU A CA  1 
ATOM   378  C C   . GLU A 1 151 ? 12.982  0.857   3.016   1.00 52.94  ? 634  GLU A C   1 
ATOM   379  O O   . GLU A 1 151 ? 13.812  -0.026  2.826   1.00 58.78  ? 634  GLU A O   1 
ATOM   380  C CB  . GLU A 1 151 ? 12.368  2.716   1.471   1.00 47.89  ? 634  GLU A CB  1 
ATOM   381  C CG  . GLU A 1 151 ? 13.792  2.924   1.007   1.00 49.38  ? 634  GLU A CG  1 
ATOM   382  C CD  . GLU A 1 151 ? 13.911  4.250   0.313   1.00 49.44  ? 634  GLU A CD  1 
ATOM   383  O OE1 . GLU A 1 151 ? 14.627  4.342   -0.702  1.00 45.49  ? 634  GLU A OE1 1 
ATOM   384  O OE2 . GLU A 1 151 ? 13.200  5.174   0.761   1.00 47.97  ? 634  GLU A OE2 1 
ATOM   385  N N   . TYR A 1 152 ? 12.818  1.436   4.205   1.00 55.99  ? 635  TYR A N   1 
ATOM   386  C CA  . TYR A 1 152 ? 13.561  1.018   5.401   1.00 54.36  ? 635  TYR A CA  1 
ATOM   387  C C   . TYR A 1 152 ? 13.439  -0.472  5.683   1.00 57.03  ? 635  TYR A C   1 
ATOM   388  O O   . TYR A 1 152 ? 14.453  -1.166  5.820   1.00 61.45  ? 635  TYR A O   1 
ATOM   389  C CB  . TYR A 1 152 ? 13.102  1.840   6.610   1.00 56.72  ? 635  TYR A CB  1 
ATOM   390  C CG  . TYR A 1 152 ? 13.751  1.446   7.909   1.00 62.52  ? 635  TYR A CG  1 
ATOM   391  C CD1 . TYR A 1 152 ? 14.997  1.967   8.284   1.00 65.86  ? 635  TYR A CD1 1 
ATOM   392  C CD2 . TYR A 1 152 ? 13.122  0.557   8.775   1.00 57.36  ? 635  TYR A CD2 1 
ATOM   393  C CE1 . TYR A 1 152 ? 15.596  1.601   9.479   1.00 61.56  ? 635  TYR A CE1 1 
ATOM   394  C CE2 . TYR A 1 152 ? 13.713  0.180   9.962   1.00 63.30  ? 635  TYR A CE2 1 
ATOM   395  C CZ  . TYR A 1 152 ? 14.951  0.699   10.310  1.00 67.52  ? 635  TYR A CZ  1 
ATOM   396  O OH  . TYR A 1 152 ? 15.519  0.316   11.500  1.00 66.65  ? 635  TYR A OH  1 
ATOM   397  N N   . LEU A 1 153 ? 12.213  -0.993  5.737   1.00 54.82  ? 636  LEU A N   1 
ATOM   398  C CA  . LEU A 1 153 ? 12.029  -2.432  6.032   1.00 55.22  ? 636  LEU A CA  1 
ATOM   399  C C   . LEU A 1 153 ? 12.693  -3.378  5.027   1.00 55.56  ? 636  LEU A C   1 
ATOM   400  O O   . LEU A 1 153 ? 13.305  -4.395  5.411   1.00 58.25  ? 636  LEU A O   1 
ATOM   401  C CB  . LEU A 1 153 ? 10.545  -2.782  6.120   1.00 55.84  ? 636  LEU A CB  1 
ATOM   402  C CG  . LEU A 1 153 ? 9.813   -2.091  7.268   1.00 58.99  ? 636  LEU A CG  1 
ATOM   403  C CD1 . LEU A 1 153 ? 8.314   -2.098  6.997   1.00 58.24  ? 636  LEU A CD1 1 
ATOM   404  C CD2 . LEU A 1 153 ? 10.143  -2.756  8.606   1.00 60.60  ? 636  LEU A CD2 1 
ATOM   405  N N   . SER A 1 154 ? 12.549  -3.076  3.741   1.00 53.35  ? 637  SER A N   1 
ATOM   406  C CA  . SER A 1 154 ? 13.047  -3.983  2.712   1.00 58.20  ? 637  SER A CA  1 
ATOM   407  C C   . SER A 1 154 ? 14.570  -3.887  2.596   1.00 60.17  ? 637  SER A C   1 
ATOM   408  O O   . SER A 1 154 ? 15.217  -4.832  2.139   1.00 54.63  ? 637  SER A O   1 
ATOM   409  C CB  . SER A 1 154 ? 12.378  -3.708  1.360   1.00 60.65  ? 637  SER A CB  1 
ATOM   410  O OG  . SER A 1 154 ? 12.253  -2.313  1.137   1.00 61.97  ? 637  SER A OG  1 
ATOM   411  N N   . SER A 1 155 ? 15.128  -2.752  3.012   1.00 62.45  ? 638  SER A N   1 
ATOM   412  C CA  . SER A 1 155 ? 16.576  -2.603  3.087   1.00 67.97  ? 638  SER A CA  1 
ATOM   413  C C   . SER A 1 155 ? 17.144  -3.561  4.138   1.00 69.63  ? 638  SER A C   1 
ATOM   414  O O   . SER A 1 155 ? 18.232  -4.117  3.961   1.00 71.25  ? 638  SER A O   1 
ATOM   415  C CB  . SER A 1 155 ? 16.960  -1.156  3.402   1.00 70.28  ? 638  SER A CB  1 
ATOM   416  O OG  . SER A 1 155 ? 16.718  -0.828  4.759   1.00 79.75  ? 638  SER A OG  1 
ATOM   417  N N   . ARG A 1 156 ? 16.386  -3.764  5.217   1.00 72.20  ? 639  ARG A N   1 
ATOM   418  C CA  . ARG A 1 156 ? 16.725  -4.748  6.253   1.00 65.90  ? 639  ARG A CA  1 
ATOM   419  C C   . ARG A 1 156 ? 16.197  -6.146  5.906   1.00 58.93  ? 639  ARG A C   1 
ATOM   420  O O   . ARG A 1 156 ? 16.103  -7.009  6.757   1.00 57.86  ? 639  ARG A O   1 
ATOM   421  C CB  . ARG A 1 156 ? 16.158  -4.299  7.599   1.00 72.38  ? 639  ARG A CB  1 
ATOM   422  C CG  . ARG A 1 156 ? 16.552  -2.880  8.000   1.00 80.77  ? 639  ARG A CG  1 
ATOM   423  C CD  . ARG A 1 156 ? 16.905  -2.799  9.478   1.00 91.50  ? 639  ARG A CD  1 
ATOM   424  N NE  . ARG A 1 156 ? 18.033  -3.686  9.801   1.00 99.13  ? 639  ARG A NE  1 
ATOM   425  C CZ  . ARG A 1 156 ? 18.181  -4.383  10.930  1.00 100.21 ? 639  ARG A CZ  1 
ATOM   426  N NH1 . ARG A 1 156 ? 17.271  -4.328  11.904  1.00 94.86  ? 639  ARG A NH1 1 
ATOM   427  N NH2 . ARG A 1 156 ? 19.254  -5.158  11.079  1.00 95.95  ? 639  ARG A NH2 1 
ATOM   428  N N   . ASN A 1 157 ? 15.851  -6.349  4.645   1.00 58.03  ? 640  ASN A N   1 
ATOM   429  C CA  . ASN A 1 157 ? 15.288  -7.598  4.140   1.00 57.49  ? 640  ASN A CA  1 
ATOM   430  C C   . ASN A 1 157 ? 14.049  -8.115  4.906   1.00 50.28  ? 640  ASN A C   1 
ATOM   431  O O   . ASN A 1 157 ? 13.762  -9.283  4.910   1.00 52.94  ? 640  ASN A O   1 
ATOM   432  C CB  . ASN A 1 157 ? 16.392  -8.642  3.994   1.00 61.83  ? 640  ASN A CB  1 
ATOM   433  C CG  . ASN A 1 157 ? 17.523  -8.166  3.079   1.00 66.82  ? 640  ASN A CG  1 
ATOM   434  O OD1 . ASN A 1 157 ? 17.634  -8.590  1.929   1.00 68.61  ? 640  ASN A OD1 1 
ATOM   435  N ND2 . ASN A 1 157 ? 18.356  -7.262  3.586   1.00 63.93  ? 640  ASN A ND2 1 
ATOM   436  N N   . PHE A 1 158 ? 13.285  -7.212  5.501   1.00 47.15  ? 641  PHE A N   1 
ATOM   437  C CA  . PHE A 1 158 ? 12.041  -7.575  6.137   1.00 47.91  ? 641  PHE A CA  1 
ATOM   438  C C   . PHE A 1 158 ? 10.954  -7.531  5.078   1.00 48.15  ? 641  PHE A C   1 
ATOM   439  O O   . PHE A 1 158 ? 10.722  -6.507  4.452   1.00 48.95  ? 641  PHE A O   1 
ATOM   440  C CB  . PHE A 1 158 ? 11.721  -6.596  7.259   1.00 49.05  ? 641  PHE A CB  1 
ATOM   441  C CG  . PHE A 1 158 ? 10.438  -6.874  7.969   1.00 52.05  ? 641  PHE A CG  1 
ATOM   442  C CD1 . PHE A 1 158 ? 10.390  -7.790  9.017   1.00 56.32  ? 641  PHE A CD1 1 
ATOM   443  C CD2 . PHE A 1 158 ? 9.254   -6.193  7.609   1.00 55.78  ? 641  PHE A CD2 1 
ATOM   444  C CE1 . PHE A 1 158 ? 9.187   -8.032  9.689   1.00 54.05  ? 641  PHE A CE1 1 
ATOM   445  C CE2 . PHE A 1 158 ? 8.057   -6.432  8.270   1.00 50.91  ? 641  PHE A CE2 1 
ATOM   446  C CZ  . PHE A 1 158 ? 8.024   -7.348  9.316   1.00 52.05  ? 641  PHE A CZ  1 
ATOM   447  N N   . ILE A 1 159 ? 10.305  -8.665  4.909   1.00 48.60  ? 642  ILE A N   1 
ATOM   448  C CA  . ILE A 1 159 ? 9.210   -8.860  4.006   1.00 46.00  ? 642  ILE A CA  1 
ATOM   449  C C   . ILE A 1 159 ? 7.916   -8.826  4.797   1.00 47.14  ? 642  ILE A C   1 
ATOM   450  O O   . ILE A 1 159 ? 7.701   -9.672  5.659   1.00 43.92  ? 642  ILE A O   1 
ATOM   451  C CB  . ILE A 1 159 ? 9.321   -10.246 3.336   1.00 47.72  ? 642  ILE A CB  1 
ATOM   452  C CG1 . ILE A 1 159 ? 10.670  -10.367 2.609   1.00 47.08  ? 642  ILE A CG1 1 
ATOM   453  C CG2 . ILE A 1 159 ? 8.139   -10.463 2.382   1.00 47.84  ? 642  ILE A CG2 1 
ATOM   454  C CD1 . ILE A 1 159 ? 11.041  -11.802 2.290   1.00 52.78  ? 642  ILE A CD1 1 
ATOM   455  N N   . HIS A 1 160 ? 7.036   -7.881  4.473   1.00 42.69  ? 643  HIS A N   1 
ATOM   456  C CA  . HIS A 1 160 ? 5.896   -7.574  5.328   1.00 42.22  ? 643  HIS A CA  1 
ATOM   457  C C   . HIS A 1 160 ? 4.699   -8.532  5.201   1.00 43.66  ? 643  HIS A C   1 
ATOM   458  O O   . HIS A 1 160 ? 4.181   -9.005  6.210   1.00 43.59  ? 643  HIS A O   1 
ATOM   459  C CB  . HIS A 1 160 ? 5.467   -6.155  5.051   1.00 44.04  ? 643  HIS A CB  1 
ATOM   460  C CG  . HIS A 1 160 ? 4.490   -5.614  6.032   1.00 43.92  ? 643  HIS A CG  1 
ATOM   461  N ND1 . HIS A 1 160 ? 3.178   -6.029  6.071   1.00 43.66  ? 643  HIS A ND1 1 
ATOM   462  C CD2 . HIS A 1 160 ? 4.611   -4.644  6.967   1.00 42.65  ? 643  HIS A CD2 1 
ATOM   463  C CE1 . HIS A 1 160 ? 2.533   -5.339  6.995   1.00 44.78  ? 643  HIS A CE1 1 
ATOM   464  N NE2 . HIS A 1 160 ? 3.381   -4.495  7.553   1.00 46.36  ? 643  HIS A NE2 1 
ATOM   465  N N   . ARG A 1 161 ? 4.262   -8.823  3.981   1.00 41.82  ? 644  ARG A N   1 
ATOM   466  C CA  . ARG A 1 161 ? 3.251   -9.885  3.723   1.00 45.53  ? 644  ARG A CA  1 
ATOM   467  C C   . ARG A 1 161 ? 1.785   -9.505  3.929   1.00 43.95  ? 644  ARG A C   1 
ATOM   468  O O   . ARG A 1 161 ? 0.917   -10.306 3.631   1.00 59.59  ? 644  ARG A O   1 
ATOM   469  C CB  . ARG A 1 161 ? 3.534   -11.162 4.543   1.00 52.79  ? 644  ARG A CB  1 
ATOM   470  C CG  . ARG A 1 161 ? 4.686   -12.011 4.034   1.00 59.84  ? 644  ARG A CG  1 
ATOM   471  C CD  . ARG A 1 161 ? 4.801   -13.343 4.764   1.00 59.49  ? 644  ARG A CD  1 
ATOM   472  N NE  . ARG A 1 161 ? 6.199   -13.781 4.751   1.00 64.48  ? 644  ARG A NE  1 
ATOM   473  C CZ  . ARG A 1 161 ? 6.675   -14.858 4.126   1.00 71.09  ? 644  ARG A CZ  1 
ATOM   474  N NH1 . ARG A 1 161 ? 5.873   -15.674 3.438   1.00 71.88  ? 644  ARG A NH1 1 
ATOM   475  N NH2 . ARG A 1 161 ? 7.978   -15.129 4.196   1.00 70.59  ? 644  ARG A NH2 1 
ATOM   476  N N   . ASP A 1 162 ? 1.516   -8.314  4.442   1.00 43.52  ? 645  ASP A N   1 
ATOM   477  C CA  . ASP A 1 162 ? 0.157   -7.861  4.767   1.00 46.68  ? 645  ASP A CA  1 
ATOM   478  C C   . ASP A 1 162 ? 0.050   -6.344  4.818   1.00 42.82  ? 645  ASP A C   1 
ATOM   479  O O   . ASP A 1 162 ? -0.708  -5.787  5.606   1.00 42.47  ? 645  ASP A O   1 
ATOM   480  C CB  . ASP A 1 162 ? -0.393  -8.475  6.081   1.00 45.37  ? 645  ASP A CB  1 
ATOM   481  C CG  . ASP A 1 162 ? -1.905  -8.291  6.225   1.00 48.49  ? 645  ASP A CG  1 
ATOM   482  O OD1 . ASP A 1 162 ? -2.608  -8.008  5.220   1.00 42.43  ? 645  ASP A OD1 1 
ATOM   483  O OD2 . ASP A 1 162 ? -2.409  -8.374  7.363   1.00 57.67  ? 645  ASP A OD2 1 
ATOM   484  N N   . LEU A 1 163 ? 0.768   -5.688  3.921   1.00 43.39  ? 646  LEU A N   1 
ATOM   485  C CA  . LEU A 1 163 ? 0.640   -4.263  3.716   1.00 40.94  ? 646  LEU A CA  1 
ATOM   486  C C   . LEU A 1 163 ? -0.751  -3.889  3.175   1.00 40.13  ? 646  LEU A C   1 
ATOM   487  O O   . LEU A 1 163 ? -1.196  -4.355  2.135   1.00 42.10  ? 646  LEU A O   1 
ATOM   488  C CB  . LEU A 1 163 ? 1.740   -3.769  2.761   1.00 37.42  ? 646  LEU A CB  1 
ATOM   489  C CG  . LEU A 1 163 ? 1.648   -2.252  2.526   1.00 40.22  ? 646  LEU A CG  1 
ATOM   490  C CD1 . LEU A 1 163 ? 1.806   -1.500  3.841   1.00 40.28  ? 646  LEU A CD1 1 
ATOM   491  C CD2 . LEU A 1 163 ? 2.702   -1.851  1.503   1.00 39.23  ? 646  LEU A CD2 1 
ATOM   492  N N   . ALA A 1 164 ? -1.411  -2.997  3.877   1.00 41.83  ? 647  ALA A N   1 
ATOM   493  C CA  . ALA A 1 164 ? -2.736  -2.524  3.498   1.00 40.20  ? 647  ALA A CA  1 
ATOM   494  C C   . ALA A 1 164 ? -2.991  -1.298  4.345   1.00 35.74  ? 647  ALA A C   1 
ATOM   495  O O   . ALA A 1 164 ? -2.270  -1.051  5.313   1.00 37.23  ? 647  ALA A O   1 
ATOM   496  C CB  . ALA A 1 164 ? -3.770  -3.597  3.780   1.00 40.65  ? 647  ALA A CB  1 
ATOM   497  N N   . ALA A 1 165 ? -3.958  -0.492  3.952   1.00 38.80  ? 648  ALA A N   1 
ATOM   498  C CA  . ALA A 1 165 ? -4.296  0.735   4.675   1.00 40.08  ? 648  ALA A CA  1 
ATOM   499  C C   . ALA A 1 165 ? -4.684  0.458   6.158   1.00 45.78  ? 648  ALA A C   1 
ATOM   500  O O   . ALA A 1 165 ? -4.187  1.123   7.092   1.00 57.37  ? 648  ALA A O   1 
ATOM   501  C CB  . ALA A 1 165 ? -5.401  1.447   3.954   1.00 42.14  ? 648  ALA A CB  1 
ATOM   502  N N   . ARG A 1 166 ? -5.481  -0.571  6.380   1.00 43.12  ? 649  ARG A N   1 
ATOM   503  C CA  . ARG A 1 166 ? -5.837  -0.971  7.738   1.00 45.50  ? 649  ARG A CA  1 
ATOM   504  C C   . ARG A 1 166 ? -4.596  -1.072  8.620   1.00 51.24  ? 649  ARG A C   1 
ATOM   505  O O   . ARG A 1 166 ? -4.638  -0.718  9.803   1.00 55.81  ? 649  ARG A O   1 
ATOM   506  C CB  . ARG A 1 166 ? -6.651  -2.277  7.758   1.00 44.66  ? 649  ARG A CB  1 
ATOM   507  C CG  . ARG A 1 166 ? -5.939  -3.522  7.226   1.00 53.51  ? 649  ARG A CG  1 
ATOM   508  C CD  . ARG A 1 166 ? -6.742  -4.847  7.393   1.00 56.78  ? 649  ARG A CD  1 
ATOM   509  N NE  . ARG A 1 166 ? -6.091  -5.972  6.697   1.00 46.48  ? 649  ARG A NE  1 
ATOM   510  C CZ  . ARG A 1 166 ? -6.046  -6.100  5.361   1.00 54.03  ? 649  ARG A CZ  1 
ATOM   511  N NH1 . ARG A 1 166 ? -6.633  -5.197  4.564   1.00 54.09  ? 649  ARG A NH1 1 
ATOM   512  N NH2 . ARG A 1 166 ? -5.388  -7.116  4.785   1.00 48.31  ? 649  ARG A NH2 1 
ATOM   513  N N   . ASN A 1 167 ? -3.476  -1.511  8.053   1.00 50.37  ? 650  ASN A N   1 
ATOM   514  C CA  . ASN A 1 167 ? -2.274  -1.746  8.854   1.00 50.32  ? 650  ASN A CA  1 
ATOM   515  C C   . ASN A 1 167 ? -1.240  -0.629  8.757   1.00 47.24  ? 650  ASN A C   1 
ATOM   516  O O   . ASN A 1 167 ? -0.045  -0.862  8.930   1.00 44.43  ? 650  ASN A O   1 
ATOM   517  C CB  . ASN A 1 167 ? -1.645  -3.080  8.446   1.00 53.86  ? 650  ASN A CB  1 
ATOM   518  C CG  . ASN A 1 167 ? -2.496  -4.272  8.844   1.00 52.54  ? 650  ASN A CG  1 
ATOM   519  O OD1 . ASN A 1 167 ? -3.215  -4.224  9.832   1.00 60.27  ? 650  ASN A OD1 1 
ATOM   520  N ND2 . ASN A 1 167 ? -2.392  -5.354  8.088   1.00 47.00  ? 650  ASN A ND2 1 
ATOM   521  N N   . CYS A 1 168 ? -1.689  0.567   8.410   1.00 47.69  ? 651  CYS A N   1 
ATOM   522  C CA  . CYS A 1 168 ? -0.840  1.748   8.499   1.00 49.57  ? 651  CYS A CA  1 
ATOM   523  C C   . CYS A 1 168 ? -1.498  2.635   9.524   1.00 47.21  ? 651  CYS A C   1 
ATOM   524  O O   . CYS A 1 168 ? -2.725  2.630   9.631   1.00 54.71  ? 651  CYS A O   1 
ATOM   525  C CB  . CYS A 1 168 ? -0.762  2.458   7.166   1.00 50.66  ? 651  CYS A CB  1 
ATOM   526  S SG  . CYS A 1 168 ? 0.125   1.543   5.892   1.00 50.88  ? 651  CYS A SG  1 
ATOM   527  N N   . MET A 1 169 ? -0.704  3.377   10.287  1.00 44.95  ? 652  MET A N   1 
ATOM   528  C CA  . MET A 1 169 ? -1.250  4.128   11.417  1.00 47.53  ? 652  MET A CA  1 
ATOM   529  C C   . MET A 1 169 ? -0.929  5.621   11.296  1.00 47.50  ? 652  MET A C   1 
ATOM   530  O O   . MET A 1 169 ? 0.160   5.973   10.900  1.00 49.87  ? 652  MET A O   1 
ATOM   531  C CB  . MET A 1 169 ? -0.756  3.554   12.748  1.00 48.18  ? 652  MET A CB  1 
ATOM   532  C CG  . MET A 1 169 ? -1.208  2.134   13.065  1.00 53.67  ? 652  MET A CG  1 
ATOM   533  S SD  . MET A 1 169 ? -2.992  1.905   13.329  1.00 67.70  ? 652  MET A SD  1 
ATOM   534  C CE  . MET A 1 169 ? -3.104  2.098   15.111  1.00 63.62  ? 652  MET A CE  1 
ATOM   535  N N   . LEU A 1 170 ? -1.905  6.475   11.604  1.00 46.39  ? 653  LEU A N   1 
ATOM   536  C CA  . LEU A 1 170 ? -1.709  7.925   11.708  1.00 53.16  ? 653  LEU A CA  1 
ATOM   537  C C   . LEU A 1 170 ? -1.404  8.383   13.144  1.00 51.77  ? 653  LEU A C   1 
ATOM   538  O O   . LEU A 1 170 ? -2.253  8.238   14.031  1.00 52.82  ? 653  LEU A O   1 
ATOM   539  C CB  . LEU A 1 170 ? -3.005  8.641   11.317  1.00 50.21  ? 653  LEU A CB  1 
ATOM   540  C CG  . LEU A 1 170 ? -3.448  8.598   9.891   1.00 56.48  ? 653  LEU A CG  1 
ATOM   541  C CD1 . LEU A 1 170 ? -4.890  9.106   9.799   1.00 59.80  ? 653  LEU A CD1 1 
ATOM   542  C CD2 . LEU A 1 170 ? -2.466  9.376   9.015   1.00 60.95  ? 653  LEU A CD2 1 
ATOM   543  N N   . ALA A 1 171 ? -0.254  9.002   13.359  1.00 56.08  ? 654  ALA A N   1 
ATOM   544  C CA  . ALA A 1 171 ? 0.060   9.632   14.657  1.00 60.66  ? 654  ALA A CA  1 
ATOM   545  C C   . ALA A 1 171 ? -0.580  11.010  14.752  1.00 63.83  ? 654  ALA A C   1 
ATOM   546  O O   . ALA A 1 171 ? -1.120  11.498  13.773  1.00 68.87  ? 654  ALA A O   1 
ATOM   547  C CB  . ALA A 1 171 ? 1.563   9.749   14.848  1.00 61.82  ? 654  ALA A CB  1 
ATOM   548  N N   . GLU A 1 172 ? -0.500  11.642  15.925  1.00 72.47  ? 655  GLU A N   1 
ATOM   549  C CA  . GLU A 1 172 ? -1.085  12.977  16.149  1.00 68.89  ? 655  GLU A CA  1 
ATOM   550  C C   . GLU A 1 172 ? -0.518  14.041  15.189  1.00 63.03  ? 655  GLU A C   1 
ATOM   551  O O   . GLU A 1 172 ? -1.264  14.858  14.643  1.00 65.46  ? 655  GLU A O   1 
ATOM   552  C CB  . GLU A 1 172 ? -0.967  13.400  17.628  1.00 72.46  ? 655  GLU A CB  1 
ATOM   553  C CG  . GLU A 1 172 ? 0.372   13.988  18.087  1.00 75.84  ? 655  GLU A CG  1 
ATOM   554  C CD  . GLU A 1 172 ? 0.414   15.520  18.082  1.00 82.93  ? 655  GLU A CD  1 
ATOM   555  O OE1 . GLU A 1 172 ? -0.609  16.150  18.452  1.00 83.61  ? 655  GLU A OE1 1 
ATOM   556  O OE2 . GLU A 1 172 ? 1.478   16.096  17.731  1.00 80.37  ? 655  GLU A OE2 1 
ATOM   557  N N   . ASP A 1 173 ? 0.784   13.987  14.940  1.00 58.13  ? 656  ASP A N   1 
ATOM   558  C CA  . ASP A 1 173 ? 1.411   14.816  13.911  1.00 67.18  ? 656  ASP A CA  1 
ATOM   559  C C   . ASP A 1 173 ? 0.904   14.501  12.504  1.00 66.57  ? 656  ASP A C   1 
ATOM   560  O O   . ASP A 1 173 ? 1.244   15.216  11.566  1.00 63.43  ? 656  ASP A O   1 
ATOM   561  C CB  . ASP A 1 173 ? 2.940   14.667  13.941  1.00 71.47  ? 656  ASP A CB  1 
ATOM   562  C CG  . ASP A 1 173 ? 3.391   13.240  13.724  1.00 81.70  ? 656  ASP A CG  1 
ATOM   563  O OD1 . ASP A 1 173 ? 3.097   12.695  12.635  1.00 80.25  ? 656  ASP A OD1 1 
ATOM   564  O OD2 . ASP A 1 173 ? 4.043   12.668  14.637  1.00 80.50  ? 656  ASP A OD2 1 
ATOM   565  N N   . MET A 1 174 ? 0.129   13.416  12.374  1.00 62.64  ? 657  MET A N   1 
ATOM   566  C CA  . MET A 1 174 ? -0.501  12.978  11.131  1.00 59.62  ? 657  MET A CA  1 
ATOM   567  C C   . MET A 1 174 ? 0.475   12.466  10.090  1.00 54.45  ? 657  MET A C   1 
ATOM   568  O O   . MET A 1 174 ? 0.216   12.532  8.903   1.00 59.25  ? 657  MET A O   1 
ATOM   569  C CB  . MET A 1 174 ? -1.403  14.067  10.557  1.00 62.64  ? 657  MET A CB  1 
ATOM   570  C CG  . MET A 1 174 ? -2.604  14.323  11.435  1.00 63.29  ? 657  MET A CG  1 
ATOM   571  S SD  . MET A 1 174 ? -4.112  13.697  10.711  1.00 63.90  ? 657  MET A SD  1 
ATOM   572  C CE  . MET A 1 174 ? -3.868  11.936  10.779  1.00 69.63  ? 657  MET A CE  1 
ATOM   573  N N   . THR A 1 175 ? 1.599   11.942  10.543  1.00 57.48  ? 658  THR A N   1 
ATOM   574  C CA  . THR A 1 175 ? 2.435   11.145  9.680   1.00 59.77  ? 658  THR A CA  1 
ATOM   575  C C   . THR A 1 175 ? 1.852   9.758   9.734   1.00 55.81  ? 658  THR A C   1 
ATOM   576  O O   . THR A 1 175 ? 1.295   9.346   10.748  1.00 54.10  ? 658  THR A O   1 
ATOM   577  C CB  . THR A 1 175 ? 3.913   11.091  10.138  1.00 60.52  ? 658  THR A CB  1 
ATOM   578  O OG1 . THR A 1 175 ? 3.969   10.928  11.551  1.00 56.95  ? 658  THR A OG1 1 
ATOM   579  C CG2 . THR A 1 175 ? 4.665   12.378  9.754   1.00 65.84  ? 658  THR A CG2 1 
ATOM   580  N N   . VAL A 1 176 ? 1.981   9.047   8.631   1.00 56.20  ? 659  VAL A N   1 
ATOM   581  C CA  . VAL A 1 176 ? 1.599   7.657   8.567   1.00 55.66  ? 659  VAL A CA  1 
ATOM   582  C C   . VAL A 1 176 ? 2.795   6.795   8.884   1.00 48.61  ? 659  VAL A C   1 
ATOM   583  O O   . VAL A 1 176 ? 3.859   7.021   8.297   1.00 43.69  ? 659  VAL A O   1 
ATOM   584  C CB  . VAL A 1 176 ? 1.164   7.263   7.135   1.00 57.08  ? 659  VAL A CB  1 
ATOM   585  C CG1 . VAL A 1 176 ? 0.878   5.756   7.100   1.00 55.04  ? 659  VAL A CG1 1 
ATOM   586  C CG2 . VAL A 1 176 ? -0.019  8.107   6.661   1.00 50.78  ? 659  VAL A CG2 1 
ATOM   587  N N   . CYS A 1 177 ? 2.633   5.796   9.760   1.00 46.32  ? 660  CYS A N   1 
ATOM   588  C CA  . CYS A 1 177 ? 3.680   4.790   9.954   1.00 43.74  ? 660  CYS A CA  1 
ATOM   589  C C   . CYS A 1 177 ? 3.147   3.399   9.660   1.00 45.85  ? 660  CYS A C   1 
ATOM   590  O O   . CYS A 1 177 ? 1.957   3.133   9.845   1.00 39.86  ? 660  CYS A O   1 
ATOM   591  C CB  . CYS A 1 177 ? 4.271   4.854   11.335  1.00 53.33  ? 660  CYS A CB  1 
ATOM   592  S SG  . CYS A 1 177 ? 3.176   4.227   12.609  1.00 56.22  ? 660  CYS A SG  1 
ATOM   593  N N   . VAL A 1 178 ? 4.030   2.534   9.152   1.00 44.93  ? 661  VAL A N   1 
ATOM   594  C CA  . VAL A 1 178 ? 3.661   1.191   8.753   1.00 47.81  ? 661  VAL A CA  1 
ATOM   595  C C   . VAL A 1 178 ? 3.758   0.290   9.969   1.00 48.04  ? 661  VAL A C   1 
ATOM   596  O O   . VAL A 1 178 ? 4.780   0.287   10.645  1.00 49.78  ? 661  VAL A O   1 
ATOM   597  C CB  . VAL A 1 178 ? 4.613   0.641   7.670   1.00 45.74  ? 661  VAL A CB  1 
ATOM   598  C CG1 . VAL A 1 178 ? 4.302   -0.814  7.362   1.00 45.23  ? 661  VAL A CG1 1 
ATOM   599  C CG2 . VAL A 1 178 ? 4.561   1.476   6.408   1.00 44.50  ? 661  VAL A CG2 1 
ATOM   600  N N   . ALA A 1 179 ? 2.710   -0.495  10.212  1.00 57.30  ? 662  ALA A N   1 
ATOM   601  C CA  . ALA A 1 179 ? 2.619   -1.409  11.365  1.00 56.78  ? 662  ALA A CA  1 
ATOM   602  C C   . ALA A 1 179 ? 2.464   -2.854  10.935  1.00 60.35  ? 662  ALA A C   1 
ATOM   603  O O   . ALA A 1 179 ? 1.608   -3.571  11.479  1.00 68.02  ? 662  ALA A O   1 
ATOM   604  C CB  . ALA A 1 179 ? 1.438   -1.019  12.224  1.00 58.69  ? 662  ALA A CB  1 
ATOM   605  N N   . VAL A 1 203 ? -6.444  -11.806 0.359   1.00 50.54  ? 686  VAL A N   1 
ATOM   606  C CA  . VAL A 1 203 ? -6.247  -12.187 -1.027  1.00 50.34  ? 686  VAL A CA  1 
ATOM   607  C C   . VAL A 1 203 ? -6.356  -10.955 -1.900  1.00 49.46  ? 686  VAL A C   1 
ATOM   608  O O   . VAL A 1 203 ? -5.833  -10.924 -3.003  1.00 53.04  ? 686  VAL A O   1 
ATOM   609  C CB  . VAL A 1 203 ? -7.215  -13.309 -1.530  1.00 50.15  ? 686  VAL A CB  1 
ATOM   610  C CG1 . VAL A 1 203 ? -7.489  -14.339 -0.433  1.00 50.15  ? 686  VAL A CG1 1 
ATOM   611  C CG2 . VAL A 1 203 ? -8.511  -12.740 -2.073  1.00 52.12  ? 686  VAL A CG2 1 
ATOM   612  N N   . LYS A 1 204 ? -7.010  -9.916  -1.410  1.00 45.76  ? 687  LYS A N   1 
ATOM   613  C CA  . LYS A 1 204 ? -7.216  -8.759  -2.267  1.00 44.60  ? 687  LYS A CA  1 
ATOM   614  C C   . LYS A 1 204 ? -5.991  -7.837  -2.420  1.00 38.06  ? 687  LYS A C   1 
ATOM   615  O O   . LYS A 1 204 ? -6.004  -6.946  -3.252  1.00 37.46  ? 687  LYS A O   1 
ATOM   616  C CB  . LYS A 1 204 ? -8.437  -7.982  -1.784  1.00 51.27  ? 687  LYS A CB  1 
ATOM   617  C CG  . LYS A 1 204 ? -9.748  -8.740  -1.964  1.00 55.97  ? 687  LYS A CG  1 
ATOM   618  C CD  . LYS A 1 204 ? -10.957 -7.794  -2.071  1.00 62.44  ? 687  LYS A CD  1 
ATOM   619  C CE  . LYS A 1 204 ? -12.133 -8.479  -2.772  1.00 63.20  ? 687  LYS A CE  1 
ATOM   620  N NZ  . LYS A 1 204 ? -13.372 -7.671  -2.883  1.00 64.68  ? 687  LYS A NZ  1 
ATOM   621  N N   . TRP A 1 205 ? -4.966  -8.055  -1.606  1.00 37.91  ? 688  TRP A N   1 
ATOM   622  C CA  . TRP A 1 205 ? -3.708  -7.311  -1.613  1.00 39.53  ? 688  TRP A CA  1 
ATOM   623  C C   . TRP A 1 205 ? -2.551  -8.164  -2.159  1.00 42.84  ? 688  TRP A C   1 
ATOM   624  O O   . TRP A 1 205 ? -1.403  -7.705  -2.213  1.00 44.78  ? 688  TRP A O   1 
ATOM   625  C CB  . TRP A 1 205 ? -3.376  -6.890  -0.177  1.00 37.30  ? 688  TRP A CB  1 
ATOM   626  C CG  . TRP A 1 205 ? -4.211  -5.727  0.278   1.00 36.39  ? 688  TRP A CG  1 
ATOM   627  C CD1 . TRP A 1 205 ? -3.842  -4.428  0.292   1.00 39.14  ? 688  TRP A CD1 1 
ATOM   628  C CD2 . TRP A 1 205 ? -5.586  -5.765  0.687   1.00 39.02  ? 688  TRP A CD2 1 
ATOM   629  N NE1 . TRP A 1 205 ? -4.896  -3.635  0.714   1.00 42.56  ? 688  TRP A NE1 1 
ATOM   630  C CE2 . TRP A 1 205 ? -5.968  -4.443  0.990   1.00 45.52  ? 688  TRP A CE2 1 
ATOM   631  C CE3 . TRP A 1 205 ? -6.515  -6.798  0.889   1.00 37.06  ? 688  TRP A CE3 1 
ATOM   632  C CZ2 . TRP A 1 205 ? -7.269  -4.114  1.449   1.00 46.88  ? 688  TRP A CZ2 1 
ATOM   633  C CZ3 . TRP A 1 205 ? -7.781  -6.475  1.341   1.00 46.46  ? 688  TRP A CZ3 1 
ATOM   634  C CH2 . TRP A 1 205 ? -8.146  -5.138  1.632   1.00 42.33  ? 688  TRP A CH2 1 
ATOM   635  N N   . LEU A 1 206 ? -2.852  -9.402  -2.561  1.00 39.46  ? 689  LEU A N   1 
ATOM   636  C CA  . LEU A 1 206 ? -1.820  -10.389 -2.839  1.00 39.97  ? 689  LEU A CA  1 
ATOM   637  C C   . LEU A 1 206 ? -1.443  -10.467 -4.309  1.00 42.98  ? 689  LEU A C   1 
ATOM   638  O O   . LEU A 1 206 ? -2.307  -10.506 -5.192  1.00 39.87  ? 689  LEU A O   1 
ATOM   639  C CB  . LEU A 1 206 ? -2.271  -11.766 -2.405  1.00 44.37  ? 689  LEU A CB  1 
ATOM   640  C CG  . LEU A 1 206 ? -2.364  -12.017 -0.899  1.00 47.28  ? 689  LEU A CG  1 
ATOM   641  C CD1 . LEU A 1 206 ? -2.701  -13.492 -0.705  1.00 41.55  ? 689  LEU A CD1 1 
ATOM   642  C CD2 . LEU A 1 206 ? -1.046  -11.649 -0.230  1.00 44.20  ? 689  LEU A CD2 1 
ATOM   643  N N   . ALA A 1 207 ? -0.132  -10.547 -4.556  1.00 41.29  ? 690  ALA A N   1 
ATOM   644  C CA  . ALA A 1 207 ? 0.390   -10.623 -5.890  1.00 40.03  ? 690  ALA A CA  1 
ATOM   645  C C   . ALA A 1 207 ? -0.032  -11.923 -6.562  1.00 37.68  ? 690  ALA A C   1 
ATOM   646  O O   . ALA A 1 207 ? -0.256  -12.955 -5.917  1.00 44.26  ? 690  ALA A O   1 
ATOM   647  C CB  . ALA A 1 207 ? 1.911   -10.490 -5.857  1.00 41.79  ? 690  ALA A CB  1 
ATOM   648  N N   . LEU A 1 208 ? -0.107  -11.880 -7.872  1.00 42.73  ? 691  LEU A N   1 
ATOM   649  C CA  . LEU A 1 208 ? -0.270  -13.094 -8.676  1.00 46.60  ? 691  LEU A CA  1 
ATOM   650  C C   . LEU A 1 208 ? 0.493   -14.300 -8.129  1.00 46.40  ? 691  LEU A C   1 
ATOM   651  O O   . LEU A 1 208 ? -0.092  -15.371 -7.945  1.00 49.90  ? 691  LEU A O   1 
ATOM   652  C CB  . LEU A 1 208 ? 0.155   -12.806 -10.121 1.00 44.91  ? 691  LEU A CB  1 
ATOM   653  C CG  . LEU A 1 208 ? -0.915  -12.154 -10.998 1.00 50.68  ? 691  LEU A CG  1 
ATOM   654  C CD1 . LEU A 1 208 ? -0.302  -11.614 -12.273 1.00 55.32  ? 691  LEU A CD1 1 
ATOM   655  C CD2 . LEU A 1 208 ? -2.056  -13.105 -11.339 1.00 54.49  ? 691  LEU A CD2 1 
ATOM   656  N N   . GLU A 1 209 ? 1.782   -14.106 -7.853  1.00 45.77  ? 692  GLU A N   1 
ATOM   657  C CA  . GLU A 1 209 ? 2.680   -15.185 -7.458  1.00 48.48  ? 692  GLU A CA  1 
ATOM   658  C C   . GLU A 1 209 ? 2.541   -15.545 -5.984  1.00 47.69  ? 692  GLU A C   1 
ATOM   659  O O   . GLU A 1 209 ? 2.957   -16.612 -5.537  1.00 49.90  ? 692  GLU A O   1 
ATOM   660  C CB  . GLU A 1 209 ? 4.166   -14.828 -7.803  1.00 47.92  ? 692  GLU A CB  1 
ATOM   661  C CG  . GLU A 1 209 ? 4.840   -13.744 -6.923  1.00 48.25  ? 692  GLU A CG  1 
ATOM   662  C CD  . GLU A 1 209 ? 4.536   -12.301 -7.321  1.00 48.13  ? 692  GLU A CD  1 
ATOM   663  O OE1 . GLU A 1 209 ? 3.715   -12.052 -8.226  1.00 51.38  ? 692  GLU A OE1 1 
ATOM   664  O OE2 . GLU A 1 209 ? 5.140   -11.389 -6.731  1.00 45.39  ? 692  GLU A OE2 1 
ATOM   665  N N   . SER A 1 210 ? 1.972   -14.656 -5.198  1.00 46.42  ? 693  SER A N   1 
ATOM   666  C CA  . SER A 1 210 ? 1.681   -15.034 -3.820  1.00 48.83  ? 693  SER A CA  1 
ATOM   667  C C   . SER A 1 210 ? 0.462   -15.947 -3.765  1.00 45.12  ? 693  SER A C   1 
ATOM   668  O O   . SER A 1 210 ? 0.422   -16.861 -2.970  1.00 40.78  ? 693  SER A O   1 
ATOM   669  C CB  . SER A 1 210 ? 1.448   -13.800 -2.976  1.00 47.62  ? 693  SER A CB  1 
ATOM   670  O OG  . SER A 1 210 ? 2.457   -12.848 -3.250  1.00 52.02  ? 693  SER A OG  1 
ATOM   671  N N   . LEU A 1 211 ? -0.543  -15.669 -4.597  1.00 47.26  ? 694  LEU A N   1 
ATOM   672  C CA  . LEU A 1 211 ? -1.741  -16.519 -4.661  1.00 49.14  ? 694  LEU A CA  1 
ATOM   673  C C   . LEU A 1 211 ? -1.449  -17.868 -5.309  1.00 48.80  ? 694  LEU A C   1 
ATOM   674  O O   . LEU A 1 211 ? -1.865  -18.906 -4.800  1.00 57.16  ? 694  LEU A O   1 
ATOM   675  C CB  . LEU A 1 211 ? -2.823  -15.858 -5.493  1.00 49.59  ? 694  LEU A CB  1 
ATOM   676  C CG  . LEU A 1 211 ? -3.479  -14.610 -4.956  1.00 49.28  ? 694  LEU A CG  1 
ATOM   677  C CD1 . LEU A 1 211 ? -4.306  -14.026 -6.085  1.00 51.17  ? 694  LEU A CD1 1 
ATOM   678  C CD2 . LEU A 1 211 ? -4.319  -14.910 -3.717  1.00 51.47  ? 694  LEU A CD2 1 
ATOM   679  N N   . ALA A 1 212 ? -0.732  -17.847 -6.429  1.00 46.19  ? 695  ALA A N   1 
ATOM   680  C CA  . ALA A 1 212 ? -0.425  -19.085 -7.186  1.00 46.60  ? 695  ALA A CA  1 
ATOM   681  C C   . ALA A 1 212 ? 0.653   -19.927 -6.528  1.00 51.25  ? 695  ALA A C   1 
ATOM   682  O O   . ALA A 1 212 ? 0.504   -21.134 -6.401  1.00 56.91  ? 695  ALA A O   1 
ATOM   683  C CB  . ALA A 1 212 ? -0.034  -18.748 -8.614  1.00 44.42  ? 695  ALA A CB  1 
ATOM   684  N N   . ASP A 1 213 ? 1.739   -19.300 -6.079  1.00 57.27  ? 696  ASP A N   1 
ATOM   685  C CA  . ASP A 1 213 ? 2.896   -20.067 -5.594  1.00 54.33  ? 696  ASP A CA  1 
ATOM   686  C C   . ASP A 1 213 ? 3.229   -19.856 -4.127  1.00 56.65  ? 696  ASP A C   1 
ATOM   687  O O   . ASP A 1 213 ? 4.286   -20.299 -3.679  1.00 58.71  ? 696  ASP A O   1 
ATOM   688  C CB  . ASP A 1 213 ? 4.126   -19.746 -6.463  1.00 54.48  ? 696  ASP A CB  1 
ATOM   689  C CG  . ASP A 1 213 ? 3.953   -20.183 -7.917  1.00 58.03  ? 696  ASP A CG  1 
ATOM   690  O OD1 . ASP A 1 213 ? 3.631   -21.372 -8.150  1.00 55.84  ? 696  ASP A OD1 1 
ATOM   691  O OD2 . ASP A 1 213 ? 4.131   -19.340 -8.822  1.00 61.84  ? 696  ASP A OD2 1 
ATOM   692  N N   . ASN A 1 214 ? 2.339   -19.206 -3.374  1.00 58.78  ? 697  ASN A N   1 
ATOM   693  C CA  . ASN A 1 214 ? 2.653   -18.766 -2.009  1.00 55.24  ? 697  ASN A CA  1 
ATOM   694  C C   . ASN A 1 214 ? 4.051   -18.121 -1.891  1.00 52.60  ? 697  ASN A C   1 
ATOM   695  O O   . ASN A 1 214 ? 4.772   -18.310 -0.922  1.00 43.88  ? 697  ASN A O   1 
ATOM   696  C CB  . ASN A 1 214 ? 2.484   -19.911 -1.017  1.00 63.11  ? 697  ASN A CB  1 
ATOM   697  C CG  . ASN A 1 214 ? 1.974   -19.433 0.343   1.00 77.10  ? 697  ASN A CG  1 
ATOM   698  O OD1 . ASN A 1 214 ? 2.560   -19.727 1.388   1.00 74.32  ? 697  ASN A OD1 1 
ATOM   699  N ND2 . ASN A 1 214 ? 0.870   -18.671 0.330   1.00 84.12  ? 697  ASN A ND2 1 
ATOM   700  N N   . LEU A 1 215 ? 4.415   -17.338 -2.899  1.00 53.68  ? 698  LEU A N   1 
ATOM   701  C CA  . LEU A 1 215 ? 5.701   -16.660 -2.932  1.00 57.74  ? 698  LEU A CA  1 
ATOM   702  C C   . LEU A 1 215 ? 5.539   -15.207 -2.455  1.00 55.40  ? 698  LEU A C   1 
ATOM   703  O O   . LEU A 1 215 ? 4.781   -14.410 -3.045  1.00 49.37  ? 698  LEU A O   1 
ATOM   704  C CB  . LEU A 1 215 ? 6.249   -16.693 -4.361  1.00 62.58  ? 698  LEU A CB  1 
ATOM   705  C CG  . LEU A 1 215 ? 7.748   -16.580 -4.647  1.00 73.46  ? 698  LEU A CG  1 
ATOM   706  C CD1 . LEU A 1 215 ? 7.975   -15.871 -5.986  1.00 72.62  ? 698  LEU A CD1 1 
ATOM   707  C CD2 . LEU A 1 215 ? 8.507   -15.877 -3.535  1.00 71.01  ? 698  LEU A CD2 1 
ATOM   708  N N   . TYR A 1 216 ? 6.267   -14.878 -1.395  1.00 52.54  ? 699  TYR A N   1 
ATOM   709  C CA  . TYR A 1 216 ? 6.282   -13.553 -0.835  1.00 48.46  ? 699  TYR A CA  1 
ATOM   710  C C   . TYR A 1 216 ? 7.659   -12.915 -0.820  1.00 50.19  ? 699  TYR A C   1 
ATOM   711  O O   . TYR A 1 216 ? 8.625   -13.482 -0.296  1.00 51.12  ? 699  TYR A O   1 
ATOM   712  C CB  . TYR A 1 216 ? 5.797   -13.625 0.591   1.00 50.02  ? 699  TYR A CB  1 
ATOM   713  C CG  . TYR A 1 216 ? 4.382   -14.107 0.735   1.00 48.75  ? 699  TYR A CG  1 
ATOM   714  C CD1 . TYR A 1 216 ? 3.325   -13.199 0.884   1.00 47.37  ? 699  TYR A CD1 1 
ATOM   715  C CD2 . TYR A 1 216 ? 4.096   -15.459 0.766   1.00 47.84  ? 699  TYR A CD2 1 
ATOM   716  C CE1 . TYR A 1 216 ? 2.025   -13.641 1.048   1.00 46.63  ? 699  TYR A CE1 1 
ATOM   717  C CE2 . TYR A 1 216 ? 2.801   -15.910 0.917   1.00 50.80  ? 699  TYR A CE2 1 
ATOM   718  C CZ  . TYR A 1 216 ? 1.770   -14.999 1.056   1.00 49.41  ? 699  TYR A CZ  1 
ATOM   719  O OH  . TYR A 1 216 ? 0.487   -15.447 1.205   1.00 47.58  ? 699  TYR A OH  1 
ATOM   720  N N   . THR A 1 217 ? 7.734   -11.697 -1.345  1.00 51.19  ? 700  THR A N   1 
ATOM   721  C CA  . THR A 1 217 ? 9.009   -11.004 -1.527  1.00 47.27  ? 700  THR A CA  1 
ATOM   722  C C   . THR A 1 217 ? 8.775   -9.516  -1.416  1.00 50.20  ? 700  THR A C   1 
ATOM   723  O O   . THR A 1 217 ? 7.625   -9.071  -1.141  1.00 43.14  ? 700  THR A O   1 
ATOM   724  C CB  . THR A 1 217 ? 9.569   -11.259 -2.929  1.00 50.75  ? 700  THR A CB  1 
ATOM   725  O OG1 . THR A 1 217 ? 8.783   -10.534 -3.879  1.00 56.22  ? 700  THR A OG1 1 
ATOM   726  C CG2 . THR A 1 217 ? 9.557   -12.754 -3.271  1.00 49.13  ? 700  THR A CG2 1 
ATOM   727  N N   . VAL A 1 218 ? 9.850   -8.752  -1.648  1.00 44.30  ? 701  VAL A N   1 
ATOM   728  C CA  . VAL A 1 218 ? 9.763   -7.298  -1.779  1.00 45.08  ? 701  VAL A CA  1 
ATOM   729  C C   . VAL A 1 218 ? 8.812   -6.947  -2.903  1.00 40.38  ? 701  VAL A C   1 
ATOM   730  O O   . VAL A 1 218 ? 8.132   -5.944  -2.832  1.00 38.79  ? 701  VAL A O   1 
ATOM   731  C CB  . VAL A 1 218 ? 11.163  -6.620  -2.024  1.00 52.57  ? 701  VAL A CB  1 
ATOM   732  C CG1 . VAL A 1 218 ? 11.863  -7.159  -3.269  1.00 56.60  ? 701  VAL A CG1 1 
ATOM   733  C CG2 . VAL A 1 218 ? 11.034  -5.106  -2.140  1.00 50.24  ? 701  VAL A CG2 1 
ATOM   734  N N   . HIS A 1 219 ? 8.776   -7.775  -3.948  1.00 44.97  ? 702  HIS A N   1 
ATOM   735  C CA  . HIS A 1 219 ? 7.971   -7.503  -5.134  1.00 41.87  ? 702  HIS A CA  1 
ATOM   736  C C   . HIS A 1 219 ? 6.472   -7.680  -4.884  1.00 45.26  ? 702  HIS A C   1 
ATOM   737  O O   . HIS A 1 219 ? 5.673   -6.991  -5.508  1.00 45.28  ? 702  HIS A O   1 
ATOM   738  C CB  . HIS A 1 219 ? 8.363   -8.409  -6.284  1.00 48.02  ? 702  HIS A CB  1 
ATOM   739  C CG  . HIS A 1 219 ? 9.799   -8.301  -6.706  1.00 49.35  ? 702  HIS A CG  1 
ATOM   740  N ND1 . HIS A 1 219 ? 10.381  -7.115  -7.089  1.00 49.33  ? 702  HIS A ND1 1 
ATOM   741  C CD2 . HIS A 1 219 ? 10.759  -9.248  -6.842  1.00 56.26  ? 702  HIS A CD2 1 
ATOM   742  C CE1 . HIS A 1 219 ? 11.640  -7.322  -7.419  1.00 48.15  ? 702  HIS A CE1 1 
ATOM   743  N NE2 . HIS A 1 219 ? 11.901  -8.607  -7.271  1.00 57.99  ? 702  HIS A NE2 1 
ATOM   744  N N   . SER A 1 220 ? 6.077   -8.621  -4.023  1.00 44.23  ? 703  SER A N   1 
ATOM   745  C CA  . SER A 1 220 ? 4.668   -8.761  -3.673  1.00 39.19  ? 703  SER A CA  1 
ATOM   746  C C   . SER A 1 220 ? 4.305   -7.714  -2.636  1.00 45.32  ? 703  SER A C   1 
ATOM   747  O O   . SER A 1 220 ? 3.194   -7.160  -2.657  1.00 40.08  ? 703  SER A O   1 
ATOM   748  C CB  . SER A 1 220 ? 4.335   -10.151 -3.169  1.00 44.51  ? 703  SER A CB  1 
ATOM   749  O OG  . SER A 1 220 ? 5.098   -10.558 -2.044  1.00 41.76  ? 703  SER A OG  1 
ATOM   750  N N   . ASP A 1 221 ? 5.259   -7.357  -1.775  1.00 41.88  ? 704  ASP A N   1 
ATOM   751  C CA  . ASP A 1 221 ? 5.035   -6.191  -0.925  1.00 38.65  ? 704  ASP A CA  1 
ATOM   752  C C   . ASP A 1 221 ? 4.783   -4.954  -1.766  1.00 34.81  ? 704  ASP A C   1 
ATOM   753  O O   . ASP A 1 221 ? 3.924   -4.124  -1.421  1.00 35.69  ? 704  ASP A O   1 
ATOM   754  C CB  . ASP A 1 221 ? 6.196   -5.920  0.027   1.00 38.78  ? 704  ASP A CB  1 
ATOM   755  C CG  . ASP A 1 221 ? 6.196   -6.799  1.257   1.00 39.29  ? 704  ASP A CG  1 
ATOM   756  O OD1 . ASP A 1 221 ? 5.241   -7.568  1.563   1.00 43.89  ? 704  ASP A OD1 1 
ATOM   757  O OD2 . ASP A 1 221 ? 7.209   -6.716  1.958   1.00 46.38  ? 704  ASP A OD2 1 
ATOM   758  N N   . VAL A 1 222 ? 5.552   -4.790  -2.835  1.00 35.23  ? 705  VAL A N   1 
ATOM   759  C CA  . VAL A 1 222 ? 5.327   -3.665  -3.787  1.00 34.75  ? 705  VAL A CA  1 
ATOM   760  C C   . VAL A 1 222 ? 3.920   -3.810  -4.395  1.00 33.90  ? 705  VAL A C   1 
ATOM   761  O O   . VAL A 1 222 ? 3.183   -2.867  -4.451  1.00 33.35  ? 705  VAL A O   1 
ATOM   762  C CB  . VAL A 1 222 ? 6.461   -3.581  -4.857  1.00 34.19  ? 705  VAL A CB  1 
ATOM   763  C CG1 . VAL A 1 222 ? 6.078   -2.700  -6.042  1.00 33.50  ? 705  VAL A CG1 1 
ATOM   764  C CG2 . VAL A 1 222 ? 7.744   -3.044  -4.243  1.00 33.99  ? 705  VAL A CG2 1 
ATOM   765  N N   . TRP A 1 223 ? 3.492   -5.010  -4.759  1.00 36.73  ? 706  TRP A N   1 
ATOM   766  C CA  . TRP A 1 223 ? 2.105   -5.165  -5.202  1.00 36.44  ? 706  TRP A CA  1 
ATOM   767  C C   . TRP A 1 223 ? 1.124   -4.569  -4.156  1.00 38.27  ? 706  TRP A C   1 
ATOM   768  O O   . TRP A 1 223 ? 0.267   -3.737  -4.491  1.00 38.25  ? 706  TRP A O   1 
ATOM   769  C CB  . TRP A 1 223 ? 1.806   -6.617  -5.522  1.00 35.98  ? 706  TRP A CB  1 
ATOM   770  C CG  . TRP A 1 223 ? 0.448   -6.861  -6.110  1.00 41.06  ? 706  TRP A CG  1 
ATOM   771  C CD1 . TRP A 1 223 ? -0.740  -6.643  -5.493  1.00 47.77  ? 706  TRP A CD1 1 
ATOM   772  C CD2 . TRP A 1 223 ? 0.128   -7.387  -7.411  1.00 47.79  ? 706  TRP A CD2 1 
ATOM   773  N NE1 . TRP A 1 223 ? -1.777  -7.016  -6.301  1.00 50.34  ? 706  TRP A NE1 1 
ATOM   774  C CE2 . TRP A 1 223 ? -1.279  -7.478  -7.487  1.00 53.33  ? 706  TRP A CE2 1 
ATOM   775  C CE3 . TRP A 1 223 ? 0.889   -7.835  -8.502  1.00 50.29  ? 706  TRP A CE3 1 
ATOM   776  C CZ2 . TRP A 1 223 ? -1.950  -7.987  -8.624  1.00 54.72  ? 706  TRP A CZ2 1 
ATOM   777  C CZ3 . TRP A 1 223 ? 0.228   -8.317  -9.639  1.00 49.31  ? 706  TRP A CZ3 1 
ATOM   778  C CH2 . TRP A 1 223 ? -1.175  -8.393  -9.688  1.00 52.93  ? 706  TRP A CH2 1 
ATOM   779  N N   . ALA A 1 224 ? 1.287   -4.950  -2.892  1.00 38.48  ? 707  ALA A N   1 
ATOM   780  C CA  . ALA A 1 224 ? 0.328   -4.603  -1.864  1.00 38.91  ? 707  ALA A CA  1 
ATOM   781  C C   . ALA A 1 224 ? 0.178   -3.096  -1.681  1.00 41.85  ? 707  ALA A C   1 
ATOM   782  O O   . ALA A 1 224 ? -0.925  -2.592  -1.515  1.00 46.31  ? 707  ALA A O   1 
ATOM   783  C CB  . ALA A 1 224 ? 0.729   -5.257  -0.576  1.00 38.52  ? 707  ALA A CB  1 
ATOM   784  N N   . PHE A 1 225 ? 1.322   -2.413  -1.712  1.00 42.08  ? 708  PHE A N   1 
ATOM   785  C CA  . PHE A 1 225 ? 1.443   -0.971  -1.743  1.00 41.38  ? 708  PHE A CA  1 
ATOM   786  C C   . PHE A 1 225 ? 0.654   -0.374  -2.890  1.00 40.38  ? 708  PHE A C   1 
ATOM   787  O O   . PHE A 1 225 ? -0.062  0.617   -2.734  1.00 41.87  ? 708  PHE A O   1 
ATOM   788  C CB  . PHE A 1 225 ? 2.947   -0.586  -1.876  1.00 41.71  ? 708  PHE A CB  1 
ATOM   789  C CG  . PHE A 1 225 ? 3.187   0.884   -1.927  1.00 41.99  ? 708  PHE A CG  1 
ATOM   790  C CD1 . PHE A 1 225 ? 3.352   1.604   -0.769  1.00 45.67  ? 708  PHE A CD1 1 
ATOM   791  C CD2 . PHE A 1 225 ? 3.241   1.564   -3.152  1.00 43.13  ? 708  PHE A CD2 1 
ATOM   792  C CE1 . PHE A 1 225 ? 3.565   2.984   -0.815  1.00 45.19  ? 708  PHE A CE1 1 
ATOM   793  C CE2 . PHE A 1 225 ? 3.461   2.933   -3.204  1.00 41.12  ? 708  PHE A CE2 1 
ATOM   794  C CZ  . PHE A 1 225 ? 3.613   3.639   -2.040  1.00 44.43  ? 708  PHE A CZ  1 
ATOM   795  N N   . GLY A 1 226 ? 0.803   -0.954  -4.063  1.00 40.13  ? 709  GLY A N   1 
ATOM   796  C CA  . GLY A 1 226 ? -0.032  -0.552  -5.210  1.00 42.13  ? 709  GLY A CA  1 
ATOM   797  C C   . GLY A 1 226 ? -1.499  -0.479  -4.840  1.00 39.08  ? 709  GLY A C   1 
ATOM   798  O O   . GLY A 1 226 ? -2.139  0.514   -5.076  1.00 42.68  ? 709  GLY A O   1 
ATOM   799  N N   . VAL A 1 227 ? -2.012  -1.524  -4.209  1.00 40.54  ? 710  VAL A N   1 
ATOM   800  C CA  . VAL A 1 227 ? -3.407  -1.585  -3.789  1.00 42.12  ? 710  VAL A CA  1 
ATOM   801  C C   . VAL A 1 227 ? -3.704  -0.621  -2.638  1.00 49.99  ? 710  VAL A C   1 
ATOM   802  O O   . VAL A 1 227 ? -4.874  -0.195  -2.432  1.00 47.92  ? 710  VAL A O   1 
ATOM   803  C CB  . VAL A 1 227 ? -3.782  -2.978  -3.261  1.00 42.21  ? 710  VAL A CB  1 
ATOM   804  C CG1 . VAL A 1 227 ? -5.267  -3.035  -2.944  1.00 41.38  ? 710  VAL A CG1 1 
ATOM   805  C CG2 . VAL A 1 227 ? -3.335  -4.075  -4.231  1.00 41.04  ? 710  VAL A CG2 1 
ATOM   806  N N   . THR A 1 228 ? -2.676  -0.321  -1.848  1.00 42.26  ? 711  THR A N   1 
ATOM   807  C CA  . THR A 1 228 ? -2.841  0.631   -0.758  1.00 41.44  ? 711  THR A CA  1 
ATOM   808  C C   . THR A 1 228 ? -2.899  2.037   -1.365  1.00 40.68  ? 711  THR A C   1 
ATOM   809  O O   . THR A 1 228 ? -3.736  2.861   -1.005  1.00 46.25  ? 711  THR A O   1 
ATOM   810  C CB  . THR A 1 228 ? -1.706  0.469   0.282   1.00 36.58  ? 711  THR A CB  1 
ATOM   811  O OG1 . THR A 1 228 ? -1.699  -0.873  0.749   1.00 34.93  ? 711  THR A OG1 1 
ATOM   812  C CG2 . THR A 1 228 ? -1.931  1.325   1.438   1.00 35.03  ? 711  THR A CG2 1 
ATOM   813  N N   . MET A 1 229 ? -2.035  2.304   -2.322  1.00 39.87  ? 712  MET A N   1 
ATOM   814  C CA  . MET A 1 229 ? -2.189  3.501   -3.116  1.00 44.42  ? 712  MET A CA  1 
ATOM   815  C C   . MET A 1 229 ? -3.615  3.687   -3.672  1.00 50.35  ? 712  MET A C   1 
ATOM   816  O O   . MET A 1 229 ? -4.093  4.826   -3.762  1.00 56.99  ? 712  MET A O   1 
ATOM   817  C CB  . MET A 1 229 ? -1.209  3.480   -4.262  1.00 43.46  ? 712  MET A CB  1 
ATOM   818  C CG  . MET A 1 229 ? 0.224   3.786   -3.877  1.00 42.23  ? 712  MET A CG  1 
ATOM   819  S SD  . MET A 1 229 ? 1.203   3.817   -5.394  1.00 47.57  ? 712  MET A SD  1 
ATOM   820  C CE  . MET A 1 229 ? 0.593   5.300   -6.206  1.00 51.14  ? 712  MET A CE  1 
ATOM   821  N N   . TRP A 1 230 ? -4.279  2.593   -4.055  1.00 54.42  ? 713  TRP A N   1 
ATOM   822  C CA  . TRP A 1 230 ? -5.680  2.636   -4.581  1.00 57.09  ? 713  TRP A CA  1 
ATOM   823  C C   . TRP A 1 230 ? -6.754  2.876   -3.515  1.00 50.79  ? 713  TRP A C   1 
ATOM   824  O O   . TRP A 1 230 ? -7.705  3.611   -3.745  1.00 55.60  ? 713  TRP A O   1 
ATOM   825  C CB  . TRP A 1 230 ? -6.008  1.330   -5.298  1.00 51.74  ? 713  TRP A CB  1 
ATOM   826  C CG  . TRP A 1 230 ? -7.288  1.307   -6.044  1.00 54.79  ? 713  TRP A CG  1 
ATOM   827  C CD1 . TRP A 1 230 ? -7.480  1.653   -7.360  1.00 57.68  ? 713  TRP A CD1 1 
ATOM   828  C CD2 . TRP A 1 230 ? -8.561  0.839   -5.569  1.00 53.39  ? 713  TRP A CD2 1 
ATOM   829  N NE1 . TRP A 1 230 ? -8.799  1.445   -7.715  1.00 55.25  ? 713  TRP A NE1 1 
ATOM   830  C CE2 . TRP A 1 230 ? -9.480  0.956   -6.635  1.00 52.95  ? 713  TRP A CE2 1 
ATOM   831  C CE3 . TRP A 1 230 ? -9.017  0.366   -4.346  1.00 49.22  ? 713  TRP A CE3 1 
ATOM   832  C CZ2 . TRP A 1 230 ? -10.828 0.615   -6.504  1.00 56.33  ? 713  TRP A CZ2 1 
ATOM   833  C CZ3 . TRP A 1 230 ? -10.362 0.032   -4.218  1.00 52.06  ? 713  TRP A CZ3 1 
ATOM   834  C CH2 . TRP A 1 230 ? -11.247 0.159   -5.282  1.00 48.51  ? 713  TRP A CH2 1 
ATOM   835  N N   . GLU A 1 231 ? -6.630  2.185   -2.389  1.00 46.70  ? 714  GLU A N   1 
ATOM   836  C CA  . GLU A 1 231 ? -7.471  2.406   -1.212  1.00 47.20  ? 714  GLU A CA  1 
ATOM   837  C C   . GLU A 1 231 ? -7.478  3.877   -0.795  1.00 52.37  ? 714  GLU A C   1 
ATOM   838  O O   . GLU A 1 231 ? -8.521  4.470   -0.495  1.00 48.33  ? 714  GLU A O   1 
ATOM   839  C CB  . GLU A 1 231 ? -6.919  1.626   -0.024  1.00 47.58  ? 714  GLU A CB  1 
ATOM   840  C CG  . GLU A 1 231 ? -7.129  0.129   0.011   1.00 42.67  ? 714  GLU A CG  1 
ATOM   841  C CD  . GLU A 1 231 ? -6.576  -0.449  1.306   1.00 45.51  ? 714  GLU A CD  1 
ATOM   842  O OE1 . GLU A 1 231 ? -5.332  -0.620  1.419   1.00 44.19  ? 714  GLU A OE1 1 
ATOM   843  O OE2 . GLU A 1 231 ? -7.375  -0.745  2.224   1.00 47.29  ? 714  GLU A OE2 1 
ATOM   844  N N   . ILE A 1 232 ? -6.283  4.449   -0.734  1.00 57.46  ? 715  ILE A N   1 
ATOM   845  C CA  . ILE A 1 232 ? -6.128  5.859   -0.396  1.00 54.76  ? 715  ILE A CA  1 
ATOM   846  C C   . ILE A 1 232 ? -6.944  6.706   -1.353  1.00 53.40  ? 715  ILE A C   1 
ATOM   847  O O   . ILE A 1 232 ? -7.828  7.457   -0.931  1.00 57.92  ? 715  ILE A O   1 
ATOM   848  C CB  . ILE A 1 232 ? -4.634  6.272   -0.412  1.00 51.90  ? 715  ILE A CB  1 
ATOM   849  C CG1 . ILE A 1 232 ? -3.941  5.753   0.862   1.00 51.60  ? 715  ILE A CG1 1 
ATOM   850  C CG2 . ILE A 1 232 ? -4.478  7.785   -0.503  1.00 49.47  ? 715  ILE A CG2 1 
ATOM   851  C CD1 . ILE A 1 232 ? -2.458  6.086   0.978   1.00 48.98  ? 715  ILE A CD1 1 
ATOM   852  N N   . MET A 1 233 ? -6.664  6.553   -2.638  1.00 56.14  ? 716  MET A N   1 
ATOM   853  C CA  . MET A 1 233 ? -7.358  7.310   -3.692  1.00 58.96  ? 716  MET A CA  1 
ATOM   854  C C   . MET A 1 233 ? -8.850  7.016   -3.802  1.00 63.78  ? 716  MET A C   1 
ATOM   855  O O   . MET A 1 233 ? -9.578  7.828   -4.372  1.00 70.88  ? 716  MET A O   1 
ATOM   856  C CB  . MET A 1 233 ? -6.703  7.068   -5.055  1.00 56.67  ? 716  MET A CB  1 
ATOM   857  C CG  . MET A 1 233 ? -5.298  7.654   -5.147  1.00 60.12  ? 716  MET A CG  1 
ATOM   858  S SD  . MET A 1 233 ? -5.352  9.434   -4.883  1.00 69.52  ? 716  MET A SD  1 
ATOM   859  C CE  . MET A 1 233 ? -3.655  9.866   -4.549  1.00 67.37  ? 716  MET A CE  1 
ATOM   860  N N   . THR A 1 234 ? -9.315  5.877   -3.287  1.00 57.94  ? 717  THR A N   1 
ATOM   861  C CA  . THR A 1 234 ? -10.745 5.673   -3.175  1.00 61.08  ? 717  THR A CA  1 
ATOM   862  C C   . THR A 1 234 ? -11.248 5.950   -1.768  1.00 60.35  ? 717  THR A C   1 
ATOM   863  O O   . THR A 1 234 ? -12.410 5.703   -1.484  1.00 60.92  ? 717  THR A O   1 
ATOM   864  C CB  . THR A 1 234 ? -11.162 4.254   -3.585  1.00 62.53  ? 717  THR A CB  1 
ATOM   865  O OG1 . THR A 1 234 ? -10.515 3.296   -2.738  1.00 64.15  ? 717  THR A OG1 1 
ATOM   866  C CG2 . THR A 1 234 ? -10.820 4.002   -5.048  1.00 63.30  ? 717  THR A CG2 1 
ATOM   867  N N   . ARG A 1 235 ? -10.383 6.465   -0.897  1.00 59.33  ? 718  ARG A N   1 
ATOM   868  C CA  . ARG A 1 235 ? -10.721 6.662   0.503   1.00 58.38  ? 718  ARG A CA  1 
ATOM   869  C C   . ARG A 1 235 ? -11.419 5.432   1.097   1.00 62.01  ? 718  ARG A C   1 
ATOM   870  O O   . ARG A 1 235 ? -12.540 5.509   1.660   1.00 61.59  ? 718  ARG A O   1 
ATOM   871  C CB  . ARG A 1 235 ? -11.584 7.910   0.673   1.00 63.59  ? 718  ARG A CB  1 
ATOM   872  C CG  . ARG A 1 235 ? -10.923 9.169   0.124   1.00 68.13  ? 718  ARG A CG  1 
ATOM   873  C CD  . ARG A 1 235 ? -11.441 9.481   -1.266  1.00 74.67  ? 718  ARG A CD  1 
ATOM   874  N NE  . ARG A 1 235 ? -10.612 10.471  -1.951  1.00 81.27  ? 718  ARG A NE  1 
ATOM   875  C CZ  . ARG A 1 235 ? -10.542 10.618  -3.276  1.00 81.47  ? 718  ARG A CZ  1 
ATOM   876  N NH1 . ARG A 1 235 ? -11.248 9.834   -4.088  1.00 88.71  ? 718  ARG A NH1 1 
ATOM   877  N NH2 . ARG A 1 235 ? -9.750  11.550  -3.798  1.00 78.31  ? 718  ARG A NH2 1 
ATOM   878  N N   . GLY A 1 236 ? -10.768 4.289   0.938   1.00 52.75  ? 719  GLY A N   1 
ATOM   879  C CA  . GLY A 1 236 ? -11.053 3.123   1.782   1.00 52.61  ? 719  GLY A CA  1 
ATOM   880  C C   . GLY A 1 236 ? -12.071 2.139   1.235   1.00 51.81  ? 719  GLY A C   1 
ATOM   881  O O   . GLY A 1 236 ? -12.662 1.366   1.994   1.00 45.39  ? 719  GLY A O   1 
ATOM   882  N N   . GLN A 1 237 ? -12.249 2.161   -0.081  1.00 53.62  ? 720  GLN A N   1 
ATOM   883  C CA  . GLN A 1 237 ? -13.080 1.200   -0.796  1.00 53.37  ? 720  GLN A CA  1 
ATOM   884  C C   . GLN A 1 237 ? -12.411 -0.168  -0.779  1.00 53.80  ? 720  GLN A C   1 
ATOM   885  O O   . GLN A 1 237 ? -11.184 -0.270  -0.947  1.00 60.86  ? 720  GLN A O   1 
ATOM   886  C CB  . GLN A 1 237 ? -13.240 1.652   -2.260  1.00 58.49  ? 720  GLN A CB  1 
ATOM   887  C CG  . GLN A 1 237 ? -14.667 1.656   -2.785  1.00 68.32  ? 720  GLN A CG  1 
ATOM   888  C CD  . GLN A 1 237 ? -15.089 3.035   -3.242  1.00 74.99  ? 720  GLN A CD  1 
ATOM   889  O OE1 . GLN A 1 237 ? -14.663 4.061   -2.683  1.00 70.91  ? 720  GLN A OE1 1 
ATOM   890  N NE2 . GLN A 1 237 ? -15.926 3.074   -4.267  1.00 79.25  ? 720  GLN A NE2 1 
ATOM   891  N N   . THR A 1 238 ? -13.216 -1.207  -0.586  1.00 50.00  ? 721  THR A N   1 
ATOM   892  C CA  . THR A 1 238 ? -12.767 -2.583  -0.664  1.00 49.27  ? 721  THR A CA  1 
ATOM   893  C C   . THR A 1 238 ? -12.348 -2.918  -2.099  1.00 53.52  ? 721  THR A C   1 
ATOM   894  O O   . THR A 1 238 ? -13.169 -2.877  -3.040  1.00 54.44  ? 721  THR A O   1 
ATOM   895  C CB  . THR A 1 238 ? -13.862 -3.511  -0.162  1.00 52.74  ? 721  THR A CB  1 
ATOM   896  O OG1 . THR A 1 238 ? -14.168 -3.135  1.192   1.00 58.29  ? 721  THR A OG1 1 
ATOM   897  C CG2 . THR A 1 238 ? -13.429 -4.997  -0.219  1.00 51.85  ? 721  THR A CG2 1 
ATOM   898  N N   . PRO A 1 239 ? -11.051 -3.219  -2.288  1.00 47.96  ? 722  PRO A N   1 
ATOM   899  C CA  . PRO A 1 239 ? -10.618 -3.421  -3.671  1.00 50.80  ? 722  PRO A CA  1 
ATOM   900  C C   . PRO A 1 239 ? -11.446 -4.533  -4.307  1.00 48.83  ? 722  PRO A C   1 
ATOM   901  O O   . PRO A 1 239 ? -11.830 -5.472  -3.612  1.00 41.37  ? 722  PRO A O   1 
ATOM   902  C CB  . PRO A 1 239 ? -9.136  -3.817  -3.544  1.00 49.36  ? 722  PRO A CB  1 
ATOM   903  C CG  . PRO A 1 239 ? -8.955  -4.258  -2.147  1.00 49.34  ? 722  PRO A CG  1 
ATOM   904  C CD  . PRO A 1 239 ? -10.074 -3.704  -1.298  1.00 47.51  ? 722  PRO A CD  1 
ATOM   905  N N   . TYR A 1 240 ? -11.769 -4.386  -5.593  1.00 52.38  ? 723  TYR A N   1 
ATOM   906  C CA  . TYR A 1 240 ? -12.522 -5.395  -6.313  1.00 54.29  ? 723  TYR A CA  1 
ATOM   907  C C   . TYR A 1 240 ? -13.821 -5.621  -5.585  1.00 58.71  ? 723  TYR A C   1 
ATOM   908  O O   . TYR A 1 240 ? -14.164 -6.761  -5.267  1.00 64.06  ? 723  TYR A O   1 
ATOM   909  C CB  . TYR A 1 240 ? -11.744 -6.717  -6.355  1.00 54.45  ? 723  TYR A CB  1 
ATOM   910  C CG  . TYR A 1 240 ? -10.284 -6.617  -6.740  1.00 53.26  ? 723  TYR A CG  1 
ATOM   911  C CD1 . TYR A 1 240 ? -9.898  -6.448  -8.073  1.00 60.19  ? 723  TYR A CD1 1 
ATOM   912  C CD2 . TYR A 1 240 ? -9.285  -6.771  -5.784  1.00 54.93  ? 723  TYR A CD2 1 
ATOM   913  C CE1 . TYR A 1 240 ? -8.552  -6.398  -8.436  1.00 60.75  ? 723  TYR A CE1 1 
ATOM   914  C CE2 . TYR A 1 240 ? -7.941  -6.732  -6.131  1.00 56.37  ? 723  TYR A CE2 1 
ATOM   915  C CZ  . TYR A 1 240 ? -7.573  -6.527  -7.449  1.00 56.46  ? 723  TYR A CZ  1 
ATOM   916  O OH  . TYR A 1 240 ? -6.237  -6.478  -7.785  1.00 54.57  ? 723  TYR A OH  1 
ATOM   917  N N   . ALA A 1 241 ? -14.525 -4.533  -5.286  1.00 65.06  ? 724  ALA A N   1 
ATOM   918  C CA  . ALA A 1 241 ? -15.647 -4.588  -4.337  1.00 67.65  ? 724  ALA A CA  1 
ATOM   919  C C   . ALA A 1 241 ? -16.711 -5.622  -4.701  1.00 65.05  ? 724  ALA A C   1 
ATOM   920  O O   . ALA A 1 241 ? -17.151 -6.386  -3.837  1.00 62.70  ? 724  ALA A O   1 
ATOM   921  C CB  . ALA A 1 241 ? -16.285 -3.208  -4.164  1.00 69.85  ? 724  ALA A CB  1 
ATOM   922  N N   . GLY A 1 242 ? -17.115 -5.652  -5.967  1.00 63.98  ? 725  GLY A N   1 
ATOM   923  C CA  . GLY A 1 242 ? -18.140 -6.604  -6.415  1.00 74.84  ? 725  GLY A CA  1 
ATOM   924  C C   . GLY A 1 242 ? -17.612 -7.934  -6.933  1.00 79.51  ? 725  GLY A C   1 
ATOM   925  O O   . GLY A 1 242 ? -18.161 -8.507  -7.877  1.00 76.58  ? 725  GLY A O   1 
ATOM   926  N N   . ILE A 1 243 ? -16.536 -8.423  -6.327  1.00 81.07  ? 726  ILE A N   1 
ATOM   927  C CA  . ILE A 1 243 ? -15.886 -9.640  -6.776  1.00 76.30  ? 726  ILE A CA  1 
ATOM   928  C C   . ILE A 1 243 ? -15.538 -10.472 -5.541  1.00 79.97  ? 726  ILE A C   1 
ATOM   929  O O   . ILE A 1 243 ? -15.167 -9.937  -4.492  1.00 78.90  ? 726  ILE A O   1 
ATOM   930  C CB  . ILE A 1 243 ? -14.643 -9.314  -7.637  1.00 77.25  ? 726  ILE A CB  1 
ATOM   931  C CG1 . ILE A 1 243 ? -15.069 -8.536  -8.892  1.00 76.95  ? 726  ILE A CG1 1 
ATOM   932  C CG2 . ILE A 1 243 ? -13.903 -10.585 -8.036  1.00 78.35  ? 726  ILE A CG2 1 
ATOM   933  C CD1 . ILE A 1 243 ? -13.928 -8.064  -9.770  1.00 76.62  ? 726  ILE A CD1 1 
ATOM   934  N N   . GLU A 1 244 ? -15.693 -11.780 -5.666  1.00 79.55  ? 727  GLU A N   1 
ATOM   935  C CA  . GLU A 1 244 ? -15.477 -12.694 -4.558  1.00 81.07  ? 727  GLU A CA  1 
ATOM   936  C C   . GLU A 1 244 ? -13.982 -12.961 -4.493  1.00 75.61  ? 727  GLU A C   1 
ATOM   937  O O   . GLU A 1 244 ? -13.313 -12.991 -5.533  1.00 66.91  ? 727  GLU A O   1 
ATOM   938  C CB  . GLU A 1 244 ? -16.199 -14.030 -4.790  1.00 90.30  ? 727  GLU A CB  1 
ATOM   939  C CG  . GLU A 1 244 ? -17.571 -13.950 -5.465  1.00 96.98  ? 727  GLU A CG  1 
ATOM   940  C CD  . GLU A 1 244 ? -17.620 -14.766 -6.754  1.00 104.42 ? 727  GLU A CD  1 
ATOM   941  O OE1 . GLU A 1 244 ? -18.387 -15.754 -6.818  1.00 104.98 ? 727  GLU A OE1 1 
ATOM   942  O OE2 . GLU A 1 244 ? -16.875 -14.429 -7.704  1.00 104.51 ? 727  GLU A OE2 1 
ATOM   943  N N   . ASN A 1 245 ? -13.473 -13.153 -3.279  1.00 65.67  ? 728  ASN A N   1 
ATOM   944  C CA  . ASN A 1 245 ? -12.121 -13.656 -3.072  1.00 66.67  ? 728  ASN A CA  1 
ATOM   945  C C   . ASN A 1 245 ? -11.692 -14.714 -4.123  1.00 71.60  ? 728  ASN A C   1 
ATOM   946  O O   . ASN A 1 245 ? -10.616 -14.610 -4.707  1.00 77.80  ? 728  ASN A O   1 
ATOM   947  C CB  . ASN A 1 245 ? -12.001 -14.213 -1.641  1.00 65.96  ? 728  ASN A CB  1 
ATOM   948  C CG  . ASN A 1 245 ? -11.643 -13.130 -0.607  1.00 71.86  ? 728  ASN A CG  1 
ATOM   949  O OD1 . ASN A 1 245 ? -11.930 -11.929 -0.773  1.00 62.92  ? 728  ASN A OD1 1 
ATOM   950  N ND2 . ASN A 1 245 ? -10.982 -13.555 0.460   1.00 71.11  ? 728  ASN A ND2 1 
ATOM   951  N N   . ALA A 1 246 ? -12.561 -15.686 -4.391  1.00 69.66  ? 729  ALA A N   1 
ATOM   952  C CA  . ALA A 1 246 ? -12.237 -16.837 -5.236  1.00 71.36  ? 729  ALA A CA  1 
ATOM   953  C C   . ALA A 1 246 ? -12.024 -16.555 -6.728  1.00 70.84  ? 729  ALA A C   1 
ATOM   954  O O   . ALA A 1 246 ? -11.426 -17.395 -7.420  1.00 75.12  ? 729  ALA A O   1 
ATOM   955  C CB  . ALA A 1 246 ? -13.294 -17.932 -5.059  1.00 69.33  ? 729  ALA A CB  1 
ATOM   956  N N   . GLU A 1 247 ? -12.493 -15.408 -7.233  1.00 65.79  ? 730  GLU A N   1 
ATOM   957  C CA  . GLU A 1 247 ? -12.369 -15.085 -8.673  1.00 64.64  ? 730  GLU A CA  1 
ATOM   958  C C   . GLU A 1 247 ? -11.357 -13.980 -8.998  1.00 56.40  ? 730  GLU A C   1 
ATOM   959  O O   . GLU A 1 247 ? -11.209 -13.570 -10.151 1.00 58.14  ? 730  GLU A O   1 
ATOM   960  C CB  . GLU A 1 247 ? -13.748 -14.767 -9.293  1.00 70.36  ? 730  GLU A CB  1 
ATOM   961  C CG  . GLU A 1 247 ? -14.721 -15.967 -9.380  1.00 77.35  ? 730  GLU A CG  1 
ATOM   962  C CD  . GLU A 1 247 ? -14.301 -17.121 -10.322 1.00 76.64  ? 730  GLU A CD  1 
ATOM   963  O OE1 . GLU A 1 247 ? -13.635 -16.890 -11.355 1.00 70.86  ? 730  GLU A OE1 1 
ATOM   964  O OE2 . GLU A 1 247 ? -14.661 -18.286 -10.031 1.00 79.56  ? 730  GLU A OE2 1 
ATOM   965  N N   . ILE A 1 248 ? -10.627 -13.526 -7.990  1.00 58.76  ? 731  ILE A N   1 
ATOM   966  C CA  . ILE A 1 248 ? -9.601  -12.495 -8.170  1.00 56.08  ? 731  ILE A CA  1 
ATOM   967  C C   . ILE A 1 248 ? -8.467  -13.008 -9.059  1.00 49.87  ? 731  ILE A C   1 
ATOM   968  O O   . ILE A 1 248 ? -8.068  -12.329 -10.018 1.00 45.15  ? 731  ILE A O   1 
ATOM   969  C CB  . ILE A 1 248 ? -8.989  -12.057 -6.819  1.00 62.91  ? 731  ILE A CB  1 
ATOM   970  C CG1 . ILE A 1 248 ? -10.076 -11.578 -5.832  1.00 67.91  ? 731  ILE A CG1 1 
ATOM   971  C CG2 . ILE A 1 248 ? -7.942  -10.974 -7.032  1.00 56.50  ? 731  ILE A CG2 1 
ATOM   972  C CD1 . ILE A 1 248 ? -10.613 -10.193 -6.118  1.00 66.67  ? 731  ILE A CD1 1 
ATOM   973  N N   . TYR A 1 249 ? -7.952  -14.206 -8.778  1.00 54.15  ? 732  TYR A N   1 
ATOM   974  C CA  . TYR A 1 249 ? -6.876  -14.770 -9.626  1.00 58.91  ? 732  TYR A CA  1 
ATOM   975  C C   . TYR A 1 249 ? -7.302  -14.822 -11.077 1.00 60.56  ? 732  TYR A C   1 
ATOM   976  O O   . TYR A 1 249 ? -6.672  -14.205 -11.966 1.00 47.75  ? 732  TYR A O   1 
ATOM   977  C CB  . TYR A 1 249 ? -6.464  -16.183 -9.224  1.00 68.04  ? 732  TYR A CB  1 
ATOM   978  C CG  . TYR A 1 249 ? -5.419  -16.730 -10.182 1.00 75.29  ? 732  TYR A CG  1 
ATOM   979  C CD1 . TYR A 1 249 ? -5.770  -17.584 -11.234 1.00 79.67  ? 732  TYR A CD1 1 
ATOM   980  C CD2 . TYR A 1 249 ? -4.089  -16.341 -10.072 1.00 77.85  ? 732  TYR A CD2 1 
ATOM   981  C CE1 . TYR A 1 249 ? -4.810  -18.056 -12.123 1.00 78.41  ? 732  TYR A CE1 1 
ATOM   982  C CE2 . TYR A 1 249 ? -3.129  -16.799 -10.958 1.00 79.41  ? 732  TYR A CE2 1 
ATOM   983  C CZ  . TYR A 1 249 ? -3.488  -17.662 -11.969 1.00 77.95  ? 732  TYR A CZ  1 
ATOM   984  O OH  . TYR A 1 249 ? -2.512  -18.106 -12.826 1.00 87.04  ? 732  TYR A OH  1 
ATOM   985  N N   . ASN A 1 250 ? -8.389  -15.557 -11.304 1.00 68.78  ? 733  ASN A N   1 
ATOM   986  C CA  . ASN A 1 250 ? -8.954  -15.683 -12.644 1.00 68.88  ? 733  ASN A CA  1 
ATOM   987  C C   . ASN A 1 250 ? -9.069  -14.302 -13.228 1.00 64.87  ? 733  ASN A C   1 
ATOM   988  O O   . ASN A 1 250 ? -8.584  -14.049 -14.339 1.00 63.34  ? 733  ASN A O   1 
ATOM   989  C CB  . ASN A 1 250 ? -10.308 -16.394 -12.603 1.00 73.52  ? 733  ASN A CB  1 
ATOM   990  C CG  . ASN A 1 250 ? -10.179 -17.864 -12.229 1.00 76.18  ? 733  ASN A CG  1 
ATOM   991  O OD1 . ASN A 1 250 ? -9.247  -18.544 -12.665 1.00 82.32  ? 733  ASN A OD1 1 
ATOM   992  N ND2 . ASN A 1 250 ? -11.118 -18.361 -11.434 1.00 84.36  ? 733  ASN A ND2 1 
ATOM   993  N N   . TYR A 1 251 ? -9.622  -13.382 -12.430 1.00 63.84  ? 734  TYR A N   1 
ATOM   994  C CA  . TYR A 1 251 ? -9.798  -11.995 -12.862 1.00 58.05  ? 734  TYR A CA  1 
ATOM   995  C C   . TYR A 1 251 ? -8.482  -11.272 -13.155 1.00 58.65  ? 734  TYR A C   1 
ATOM   996  O O   . TYR A 1 251 ? -8.450  -10.391 -14.013 1.00 58.64  ? 734  TYR A O   1 
ATOM   997  C CB  . TYR A 1 251 ? -10.610 -11.248 -11.805 1.00 66.34  ? 734  TYR A CB  1 
ATOM   998  C CG  . TYR A 1 251 ? -10.826 -9.768  -12.046 1.00 66.66  ? 734  TYR A CG  1 
ATOM   999  C CD1 . TYR A 1 251 ? -11.978 -9.293  -12.695 1.00 69.63  ? 734  TYR A CD1 1 
ATOM   1000 C CD2 . TYR A 1 251 ? -9.900  -8.844  -11.603 1.00 59.70  ? 734  TYR A CD2 1 
ATOM   1001 C CE1 . TYR A 1 251 ? -12.173 -7.932  -12.895 1.00 71.21  ? 734  TYR A CE1 1 
ATOM   1002 C CE2 . TYR A 1 251 ? -10.088 -7.495  -11.806 1.00 62.00  ? 734  TYR A CE2 1 
ATOM   1003 C CZ  . TYR A 1 251 ? -11.217 -7.039  -12.435 1.00 67.17  ? 734  TYR A CZ  1 
ATOM   1004 O OH  . TYR A 1 251 ? -11.357 -5.679  -12.606 1.00 73.90  ? 734  TYR A OH  1 
ATOM   1005 N N   . LEU A 1 252 ? -7.400  -11.631 -12.443 1.00 63.81  ? 735  LEU A N   1 
ATOM   1006 C CA  . LEU A 1 252 ? -6.081  -10.964 -12.607 1.00 63.22  ? 735  LEU A CA  1 
ATOM   1007 C C   . LEU A 1 252 ? -5.259  -11.514 -13.811 1.00 62.75  ? 735  LEU A C   1 
ATOM   1008 O O   . LEU A 1 252 ? -4.582  -10.758 -14.516 1.00 61.23  ? 735  LEU A O   1 
ATOM   1009 C CB  . LEU A 1 252 ? -5.264  -11.005 -11.280 1.00 58.60  ? 735  LEU A CB  1 
ATOM   1010 C CG  . LEU A 1 252 ? -5.704  -10.051 -10.135 1.00 61.03  ? 735  LEU A CG  1 
ATOM   1011 C CD1 . LEU A 1 252 ? -5.103  -10.497 -8.807  1.00 57.25  ? 735  LEU A CD1 1 
ATOM   1012 C CD2 . LEU A 1 252 ? -5.390  -8.576  -10.393 1.00 55.43  ? 735  LEU A CD2 1 
ATOM   1013 N N   . ILE A 1 253 ? -5.320  -12.819 -14.052 1.00 70.89  ? 736  ILE A N   1 
ATOM   1014 C CA  . ILE A 1 253 ? -4.680  -13.411 -15.243 1.00 73.36  ? 736  ILE A CA  1 
ATOM   1015 C C   . ILE A 1 253 ? -5.339  -12.957 -16.547 1.00 69.71  ? 736  ILE A C   1 
ATOM   1016 O O   . ILE A 1 253 ? -4.750  -13.092 -17.620 1.00 71.79  ? 736  ILE A O   1 
ATOM   1017 C CB  . ILE A 1 253 ? -4.677  -14.955 -15.189 1.00 76.16  ? 736  ILE A CB  1 
ATOM   1018 C CG1 . ILE A 1 253 ? -3.775  -15.446 -14.054 1.00 82.06  ? 736  ILE A CG1 1 
ATOM   1019 C CG2 . ILE A 1 253 ? -4.180  -15.562 -16.498 1.00 82.72  ? 736  ILE A CG2 1 
ATOM   1020 C CD1 . ILE A 1 253 ? -2.298  -15.086 -14.184 1.00 79.20  ? 736  ILE A CD1 1 
ATOM   1021 N N   . GLY A 1 254 ? -6.549  -12.413 -16.452 1.00 67.17  ? 737  GLY A N   1 
ATOM   1022 C CA  . GLY A 1 254 ? -7.234  -11.828 -17.595 1.00 64.96  ? 737  GLY A CA  1 
ATOM   1023 C C   . GLY A 1 254 ? -6.638  -10.510 -18.050 1.00 67.11  ? 737  GLY A C   1 
ATOM   1024 O O   . GLY A 1 254 ? -7.110  -9.925  -19.022 1.00 67.36  ? 737  GLY A O   1 
ATOM   1025 N N   . GLY A 1 255 ? -5.610  -10.021 -17.347 1.00 70.21  ? 738  GLY A N   1 
ATOM   1026 C CA  . GLY A 1 255 ? -5.011  -8.710  -17.646 1.00 62.06  ? 738  GLY A CA  1 
ATOM   1027 C C   . GLY A 1 255 ? -5.774  -7.582  -16.983 1.00 56.57  ? 738  GLY A C   1 
ATOM   1028 O O   . GLY A 1 255 ? -5.436  -6.402  -17.150 1.00 66.62  ? 738  GLY A O   1 
ATOM   1029 N N   . ASN A 1 256 ? -6.790  -7.932  -16.207 1.00 53.13  ? 739  ASN A N   1 
ATOM   1030 C CA  . ASN A 1 256 ? -7.611  -6.927  -15.528 1.00 60.71  ? 739  ASN A CA  1 
ATOM   1031 C C   . ASN A 1 256 ? -6.991  -6.491  -14.192 1.00 57.93  ? 739  ASN A C   1 
ATOM   1032 O O   . ASN A 1 256 ? -6.498  -7.317  -13.423 1.00 50.68  ? 739  ASN A O   1 
ATOM   1033 C CB  . ASN A 1 256 ? -9.025  -7.466  -15.310 1.00 61.93  ? 739  ASN A CB  1 
ATOM   1034 C CG  . ASN A 1 256 ? -9.751  -7.724  -16.619 1.00 66.71  ? 739  ASN A CG  1 
ATOM   1035 O OD1 . ASN A 1 256 ? -10.248 -6.797  -17.253 1.00 62.71  ? 739  ASN A OD1 1 
ATOM   1036 N ND2 . ASN A 1 256 ? -9.801  -8.992  -17.037 1.00 68.40  ? 739  ASN A ND2 1 
ATOM   1037 N N   . ARG A 1 257 ? -7.027  -5.191  -13.935 1.00 61.22  ? 740  ARG A N   1 
ATOM   1038 C CA  . ARG A 1 257 ? -6.557  -4.626  -12.686 1.00 62.24  ? 740  ARG A CA  1 
ATOM   1039 C C   . ARG A 1 257 ? -7.627  -3.733  -12.028 1.00 64.26  ? 740  ARG A C   1 
ATOM   1040 O O   . ARG A 1 257 ? -8.729  -3.601  -12.539 1.00 66.48  ? 740  ARG A O   1 
ATOM   1041 C CB  . ARG A 1 257 ? -5.280  -3.853  -12.947 1.00 61.60  ? 740  ARG A CB  1 
ATOM   1042 C CG  . ARG A 1 257 ? -4.122  -4.714  -13.432 1.00 61.39  ? 740  ARG A CG  1 
ATOM   1043 C CD  . ARG A 1 257 ? -3.734  -5.782  -12.423 1.00 60.82  ? 740  ARG A CD  1 
ATOM   1044 N NE  . ARG A 1 257 ? -2.514  -6.474  -12.837 1.00 59.55  ? 740  ARG A NE  1 
ATOM   1045 C CZ  . ARG A 1 257 ? -2.460  -7.642  -13.478 1.00 61.72  ? 740  ARG A CZ  1 
ATOM   1046 N NH1 . ARG A 1 257 ? -3.566  -8.326  -13.805 1.00 62.00  ? 740  ARG A NH1 1 
ATOM   1047 N NH2 . ARG A 1 257 ? -1.268  -8.144  -13.791 1.00 62.53  ? 740  ARG A NH2 1 
ATOM   1048 N N   . LEU A 1 258 ? -7.315  -3.166  -10.865 1.00 63.45  ? 741  LEU A N   1 
ATOM   1049 C CA  . LEU A 1 258 ? -8.215  -2.221  -10.227 1.00 61.66  ? 741  LEU A CA  1 
ATOM   1050 C C   . LEU A 1 258 ? -8.311  -0.994  -11.108 1.00 66.29  ? 741  LEU A C   1 
ATOM   1051 O O   . LEU A 1 258 ? -7.313  -0.564  -11.689 1.00 62.63  ? 741  LEU A O   1 
ATOM   1052 C CB  . LEU A 1 258 ? -7.701  -1.831  -8.847  1.00 63.07  ? 741  LEU A CB  1 
ATOM   1053 C CG  . LEU A 1 258 ? -7.786  -2.961  -7.833  1.00 59.97  ? 741  LEU A CG  1 
ATOM   1054 C CD1 . LEU A 1 258 ? -6.919  -2.644  -6.626  1.00 62.33  ? 741  LEU A CD1 1 
ATOM   1055 C CD2 . LEU A 1 258 ? -9.225  -3.211  -7.422  1.00 60.91  ? 741  LEU A CD2 1 
ATOM   1056 N N   . LYS A 1 259 ? -9.510  -0.427  -11.199 1.00 70.98  ? 742  LYS A N   1 
ATOM   1057 C CA  . LYS A 1 259 ? -9.780  0.646   -12.144 1.00 71.27  ? 742  LYS A CA  1 
ATOM   1058 C C   . LYS A 1 259 ? -9.255  1.977   -11.638 1.00 67.94  ? 742  LYS A C   1 
ATOM   1059 O O   . LYS A 1 259 ? -9.166  2.202   -10.433 1.00 61.28  ? 742  LYS A O   1 
ATOM   1060 C CB  . LYS A 1 259 ? -11.287 0.761   -12.415 1.00 80.64  ? 742  LYS A CB  1 
ATOM   1061 C CG  . LYS A 1 259 ? -11.888 -0.389  -13.215 1.00 85.90  ? 742  LYS A CG  1 
ATOM   1062 C CD  . LYS A 1 259 ? -13.409 -0.272  -13.301 1.00 91.88  ? 742  LYS A CD  1 
ATOM   1063 C CE  . LYS A 1 259 ? -14.034 -1.466  -14.014 1.00 93.21  ? 742  LYS A CE  1 
ATOM   1064 N NZ  . LYS A 1 259 ? -15.429 -1.187  -14.471 1.00 93.43  ? 742  LYS A NZ  1 
ATOM   1065 N N   . GLN A 1 260 ? -8.907  2.853   -12.572 1.00 65.40  ? 743  GLN A N   1 
ATOM   1066 C CA  . GLN A 1 260 ? -8.612  4.235   -12.250 1.00 73.77  ? 743  GLN A CA  1 
ATOM   1067 C C   . GLN A 1 260 ? -9.835  4.863   -11.594 1.00 81.14  ? 743  GLN A C   1 
ATOM   1068 O O   . GLN A 1 260 ? -10.879 4.979   -12.228 1.00 81.45  ? 743  GLN A O   1 
ATOM   1069 C CB  . GLN A 1 260 ? -8.241  4.999   -13.505 1.00 76.49  ? 743  GLN A CB  1 
ATOM   1070 C CG  . GLN A 1 260 ? -7.923  6.462   -13.255 1.00 79.01  ? 743  GLN A CG  1 
ATOM   1071 C CD  . GLN A 1 260 ? -7.110  7.063   -14.381 1.00 76.61  ? 743  GLN A CD  1 
ATOM   1072 O OE1 . GLN A 1 260 ? -6.768  6.379   -15.349 1.00 80.87  ? 743  GLN A OE1 1 
ATOM   1073 N NE2 . GLN A 1 260 ? -6.779  8.338   -14.254 1.00 75.68  ? 743  GLN A NE2 1 
ATOM   1074 N N   . PRO A 1 261 ? -9.717  5.248   -10.307 1.00 86.63  ? 744  PRO A N   1 
ATOM   1075 C CA  . PRO A 1 261 ? -10.893 5.781   -9.624  1.00 88.86  ? 744  PRO A CA  1 
ATOM   1076 C C   . PRO A 1 261 ? -11.339 7.109   -10.242 1.00 85.31  ? 744  PRO A C   1 
ATOM   1077 O O   . PRO A 1 261 ? -10.506 7.808   -10.811 1.00 85.76  ? 744  PRO A O   1 
ATOM   1078 C CB  . PRO A 1 261 ? -10.430 5.939   -8.166  1.00 86.78  ? 744  PRO A CB  1 
ATOM   1079 C CG  . PRO A 1 261 ? -8.939  5.966   -8.208  1.00 85.45  ? 744  PRO A CG  1 
ATOM   1080 C CD  . PRO A 1 261 ? -8.499  5.293   -9.469  1.00 84.72  ? 744  PRO A CD  1 
ATOM   1081 N N   . PRO A 1 262 ? -12.642 7.445   -10.139 1.00 91.83  ? 745  PRO A N   1 
ATOM   1082 C CA  . PRO A 1 262 ? -13.265 8.547   -10.878 1.00 98.18  ? 745  PRO A CA  1 
ATOM   1083 C C   . PRO A 1 262 ? -12.316 9.714   -11.248 1.00 107.15 ? 745  PRO A C   1 
ATOM   1084 O O   . PRO A 1 262 ? -11.907 9.792   -12.408 1.00 100.42 ? 745  PRO A O   1 
ATOM   1085 C CB  . PRO A 1 262 ? -14.410 8.975   -9.953  1.00 101.09 ? 745  PRO A CB  1 
ATOM   1086 C CG  . PRO A 1 262 ? -14.813 7.713   -9.260  1.00 97.03  ? 745  PRO A CG  1 
ATOM   1087 C CD  . PRO A 1 262 ? -13.604 6.811   -9.213  1.00 96.57  ? 745  PRO A CD  1 
ATOM   1088 N N   . GLU A 1 263 ? -11.939 10.579  -10.296 1.00 109.67 ? 746  GLU A N   1 
ATOM   1089 C CA  . GLU A 1 263 ? -10.999 11.688  -10.589 1.00 113.03 ? 746  GLU A CA  1 
ATOM   1090 C C   . GLU A 1 263 ? -9.637  11.497  -9.893  1.00 113.79 ? 746  GLU A C   1 
ATOM   1091 O O   . GLU A 1 263 ? -9.417  11.967  -8.768  1.00 122.67 ? 746  GLU A O   1 
ATOM   1092 C CB  . GLU A 1 263 ? -11.599 13.084  -10.287 1.00 114.33 ? 746  GLU A CB  1 
ATOM   1093 C CG  . GLU A 1 263 ? -12.745 13.152  -9.279  1.00 112.59 ? 746  GLU A CG  1 
ATOM   1094 C CD  . GLU A 1 263 ? -14.119 13.015  -9.922  1.00 114.20 ? 746  GLU A CD  1 
ATOM   1095 O OE1 . GLU A 1 263 ? -15.078 13.624  -9.405  1.00 111.94 ? 746  GLU A OE1 1 
ATOM   1096 O OE2 . GLU A 1 263 ? -14.248 12.310  -10.946 1.00 113.06 ? 746  GLU A OE2 1 
ATOM   1097 N N   . CYS A 1 264 ? -8.732  10.803  -10.588 1.00 109.66 ? 747  CYS A N   1 
ATOM   1098 C CA  . CYS A 1 264 ? -7.390  10.480  -10.077 1.00 93.84  ? 747  CYS A CA  1 
ATOM   1099 C C   . CYS A 1 264 ? -6.320  10.702  -11.155 1.00 84.08  ? 747  CYS A C   1 
ATOM   1100 O O   . CYS A 1 264 ? -6.416  10.156  -12.254 1.00 86.39  ? 747  CYS A O   1 
ATOM   1101 C CB  . CYS A 1 264 ? -7.363  9.024   -9.573  1.00 90.25  ? 747  CYS A CB  1 
ATOM   1102 S SG  . CYS A 1 264 ? -5.726  8.261   -9.396  1.00 83.80  ? 747  CYS A SG  1 
ATOM   1103 N N   . MET A 1 265 ? -5.312  11.507  -10.825 1.00 73.83  ? 748  MET A N   1 
ATOM   1104 C CA  . MET A 1 265 ? -4.149  11.752  -11.689 1.00 75.20  ? 748  MET A CA  1 
ATOM   1105 C C   . MET A 1 265 ? -3.405  10.440  -12.017 1.00 76.60  ? 748  MET A C   1 
ATOM   1106 O O   . MET A 1 265 ? -2.860  10.248  -13.119 1.00 74.88  ? 748  MET A O   1 
ATOM   1107 C CB  . MET A 1 265 ? -3.214  12.755  -10.965 1.00 79.43  ? 748  MET A CB  1 
ATOM   1108 C CG  . MET A 1 265 ? -1.993  13.249  -11.733 1.00 79.03  ? 748  MET A CG  1 
ATOM   1109 S SD  . MET A 1 265 ? -0.929  14.325  -10.726 1.00 87.36  ? 748  MET A SD  1 
ATOM   1110 C CE  . MET A 1 265 ? 0.438   14.593  -11.853 1.00 82.09  ? 748  MET A CE  1 
ATOM   1111 N N   . VAL A 1 268 ? -0.553  9.317   -10.907 1.00 58.98  ? 751  VAL A N   1 
ATOM   1112 C CA  . VAL A 1 268 ? -0.711  8.491   -9.734  1.00 59.84  ? 751  VAL A CA  1 
ATOM   1113 C C   . VAL A 1 268 ? -1.255  7.107   -10.119 1.00 61.19  ? 751  VAL A C   1 
ATOM   1114 O O   . VAL A 1 268 ? -0.741  6.074   -9.653  1.00 62.18  ? 751  VAL A O   1 
ATOM   1115 C CB  . VAL A 1 268 ? -1.595  9.182   -8.664  1.00 63.23  ? 751  VAL A CB  1 
ATOM   1116 C CG1 . VAL A 1 268 ? -2.058  8.204   -7.593  1.00 62.90  ? 751  VAL A CG1 1 
ATOM   1117 C CG2 . VAL A 1 268 ? -0.840  10.332  -8.011  1.00 59.70  ? 751  VAL A CG2 1 
ATOM   1118 N N   . TYR A 1 269 ? -2.250  7.060   -10.997 1.00 58.04  ? 752  TYR A N   1 
ATOM   1119 C CA  . TYR A 1 269 ? -2.811  5.772   -11.336 1.00 54.13  ? 752  TYR A CA  1 
ATOM   1120 C C   . TYR A 1 269 ? -1.750  4.926   -12.025 1.00 60.67  ? 752  TYR A C   1 
ATOM   1121 O O   . TYR A 1 269 ? -1.738  3.702   -11.888 1.00 62.16  ? 752  TYR A O   1 
ATOM   1122 C CB  . TYR A 1 269 ? -4.085  5.879   -12.167 1.00 54.99  ? 752  TYR A CB  1 
ATOM   1123 C CG  . TYR A 1 269 ? -4.631  4.514   -12.474 1.00 52.47  ? 752  TYR A CG  1 
ATOM   1124 C CD1 . TYR A 1 269 ? -5.288  3.778   -11.494 1.00 50.18  ? 752  TYR A CD1 1 
ATOM   1125 C CD2 . TYR A 1 269 ? -4.400  3.914   -13.718 1.00 55.06  ? 752  TYR A CD2 1 
ATOM   1126 C CE1 . TYR A 1 269 ? -5.757  2.503   -11.752 1.00 54.82  ? 752  TYR A CE1 1 
ATOM   1127 C CE2 . TYR A 1 269 ? -4.877  2.638   -13.995 1.00 56.33  ? 752  TYR A CE2 1 
ATOM   1128 C CZ  . TYR A 1 269 ? -5.554  1.943   -13.010 1.00 59.25  ? 752  TYR A CZ  1 
ATOM   1129 O OH  . TYR A 1 269 ? -6.019  0.683   -13.276 1.00 67.36  ? 752  TYR A OH  1 
ATOM   1130 N N   . ASP A 1 270 ? -0.839  5.592   -12.726 1.00 64.73  ? 753  ASP A N   1 
ATOM   1131 C CA  . ASP A 1 270 ? 0.216   4.925   -13.473 1.00 68.54  ? 753  ASP A CA  1 
ATOM   1132 C C   . ASP A 1 270 ? 1.217   4.226   -12.537 1.00 70.11  ? 753  ASP A C   1 
ATOM   1133 O O   . ASP A 1 270 ? 1.595   3.076   -12.781 1.00 70.48  ? 753  ASP A O   1 
ATOM   1134 C CB  . ASP A 1 270 ? 0.937   5.929   -14.393 1.00 69.79  ? 753  ASP A CB  1 
ATOM   1135 C CG  . ASP A 1 270 ? -0.034  6.752   -15.232 1.00 75.84  ? 753  ASP A CG  1 
ATOM   1136 O OD1 . ASP A 1 270 ? -0.796  6.164   -16.046 1.00 75.41  ? 753  ASP A OD1 1 
ATOM   1137 O OD2 . ASP A 1 270 ? -0.048  7.989   -15.053 1.00 80.81  ? 753  ASP A OD2 1 
ATOM   1138 N N   . LEU A 1 271 ? 1.640   4.904   -11.468 1.00 65.77  ? 754  LEU A N   1 
ATOM   1139 C CA  . LEU A 1 271 ? 2.577   4.292   -10.513 1.00 61.97  ? 754  LEU A CA  1 
ATOM   1140 C C   . LEU A 1 271 ? 1.976   3.027   -9.878  1.00 52.13  ? 754  LEU A C   1 
ATOM   1141 O O   . LEU A 1 271 ? 2.555   1.950   -9.913  1.00 52.81  ? 754  LEU A O   1 
ATOM   1142 C CB  . LEU A 1 271 ? 3.006   5.297   -9.438  1.00 64.86  ? 754  LEU A CB  1 
ATOM   1143 C CG  . LEU A 1 271 ? 4.377   5.015   -8.793  1.00 66.72  ? 754  LEU A CG  1 
ATOM   1144 C CD1 . LEU A 1 271 ? 5.521   5.208   -9.781  1.00 60.88  ? 754  LEU A CD1 1 
ATOM   1145 C CD2 . LEU A 1 271 ? 4.584   5.883   -7.562  1.00 65.76  ? 754  LEU A CD2 1 
ATOM   1146 N N   . MET A 1 272 ? 0.780   3.135   -9.343  1.00 53.25  ? 755  MET A N   1 
ATOM   1147 C CA  . MET A 1 272 ? 0.166   1.965   -8.728  1.00 54.84  ? 755  MET A CA  1 
ATOM   1148 C C   . MET A 1 272 ? -0.036  0.832   -9.728  1.00 54.92  ? 755  MET A C   1 
ATOM   1149 O O   . MET A 1 272 ? 0.042   -0.347  -9.359  1.00 49.41  ? 755  MET A O   1 
ATOM   1150 C CB  . MET A 1 272 ? -1.154  2.321   -8.038  1.00 56.37  ? 755  MET A CB  1 
ATOM   1151 C CG  . MET A 1 272 ? -2.263  2.812   -8.944  1.00 58.08  ? 755  MET A CG  1 
ATOM   1152 S SD  . MET A 1 272 ? -3.753  3.115   -7.981  1.00 59.18  ? 755  MET A SD  1 
ATOM   1153 C CE  . MET A 1 272 ? -3.505  4.811   -7.490  1.00 58.99  ? 755  MET A CE  1 
ATOM   1154 N N   . TYR A 1 273 ? -0.288  1.185   -10.987 1.00 57.48  ? 756  TYR A N   1 
ATOM   1155 C CA  . TYR A 1 273 ? -0.451  0.187   -12.050 1.00 58.04  ? 756  TYR A CA  1 
ATOM   1156 C C   . TYR A 1 273 ? 0.853   -0.577  -12.332 1.00 55.77  ? 756  TYR A C   1 
ATOM   1157 O O   . TYR A 1 273 ? 0.804   -1.779  -12.534 1.00 55.85  ? 756  TYR A O   1 
ATOM   1158 C CB  . TYR A 1 273 ? -1.010  0.816   -13.348 1.00 58.90  ? 756  TYR A CB  1 
ATOM   1159 C CG  . TYR A 1 273 ? -1.609  -0.202  -14.304 1.00 60.08  ? 756  TYR A CG  1 
ATOM   1160 C CD1 . TYR A 1 273 ? -2.954  -0.571  -14.217 1.00 62.94  ? 756  TYR A CD1 1 
ATOM   1161 C CD2 . TYR A 1 273 ? -0.824  -0.802  -15.296 1.00 66.46  ? 756  TYR A CD2 1 
ATOM   1162 C CE1 . TYR A 1 273 ? -3.500  -1.510  -15.085 1.00 67.81  ? 756  TYR A CE1 1 
ATOM   1163 C CE2 . TYR A 1 273 ? -1.364  -1.732  -16.180 1.00 68.44  ? 756  TYR A CE2 1 
ATOM   1164 C CZ  . TYR A 1 273 ? -2.697  -2.085  -16.072 1.00 72.16  ? 756  TYR A CZ  1 
ATOM   1165 O OH  . TYR A 1 273 ? -3.215  -3.028  -16.943 1.00 79.00  ? 756  TYR A OH  1 
ATOM   1166 N N   . GLN A 1 274 ? 1.997   0.106   -12.357 1.00 52.67  ? 757  GLN A N   1 
ATOM   1167 C CA  . GLN A 1 274 ? 3.284   -0.594  -12.440 1.00 56.71  ? 757  GLN A CA  1 
ATOM   1168 C C   . GLN A 1 274 ? 3.412   -1.631  -11.311 1.00 51.66  ? 757  GLN A C   1 
ATOM   1169 O O   . GLN A 1 274 ? 3.924   -2.733  -11.536 1.00 44.48  ? 757  GLN A O   1 
ATOM   1170 C CB  . GLN A 1 274 ? 4.466   0.359   -12.296 1.00 65.89  ? 757  GLN A CB  1 
ATOM   1171 C CG  . GLN A 1 274 ? 4.644   1.432   -13.358 1.00 68.28  ? 757  GLN A CG  1 
ATOM   1172 C CD  . GLN A 1 274 ? 5.800   2.370   -13.017 1.00 74.33  ? 757  GLN A CD  1 
ATOM   1173 O OE1 . GLN A 1 274 ? 5.733   3.570   -13.279 1.00 75.42  ? 757  GLN A OE1 1 
ATOM   1174 N NE2 . GLN A 1 274 ? 6.865   1.825   -12.409 1.00 71.99  ? 757  GLN A NE2 1 
ATOM   1175 N N   . CYS A 1 275 ? 2.921   -1.290  -10.110 1.00 48.35  ? 758  CYS A N   1 
ATOM   1176 C CA  . CYS A 1 275 ? 3.071   -2.181  -8.952  1.00 47.78  ? 758  CYS A CA  1 
ATOM   1177 C C   . CYS A 1 275 ? 2.392   -3.525  -9.158  1.00 46.69  ? 758  CYS A C   1 
ATOM   1178 O O   . CYS A 1 275 ? 2.709   -4.463  -8.448  1.00 52.44  ? 758  CYS A O   1 
ATOM   1179 C CB  . CYS A 1 275 ? 2.590   -1.544  -7.637  1.00 49.35  ? 758  CYS A CB  1 
ATOM   1180 S SG  . CYS A 1 275 ? 3.401   -0.008  -7.143  1.00 50.08  ? 758  CYS A SG  1 
ATOM   1181 N N   . TRP A 1 276 ? 1.492   -3.634  -10.137 1.00 50.46  ? 759  TRP A N   1 
ATOM   1182 C CA  . TRP A 1 276 ? 0.797   -4.892  -10.438 1.00 50.27  ? 759  TRP A CA  1 
ATOM   1183 C C   . TRP A 1 276 ? 1.156   -5.531  -11.790 1.00 56.65  ? 759  TRP A C   1 
ATOM   1184 O O   . TRP A 1 276 ? 0.295   -6.177  -12.413 1.00 54.74  ? 759  TRP A O   1 
ATOM   1185 C CB  . TRP A 1 276 ? -0.712  -4.674  -10.427 1.00 53.66  ? 759  TRP A CB  1 
ATOM   1186 C CG  . TRP A 1 276 ? -1.216  -3.812  -9.308  1.00 51.32  ? 759  TRP A CG  1 
ATOM   1187 C CD1 . TRP A 1 276 ? -0.911  -3.920  -7.997  1.00 50.56  ? 759  TRP A CD1 1 
ATOM   1188 C CD2 . TRP A 1 276 ? -2.143  -2.746  -9.422  1.00 52.00  ? 759  TRP A CD2 1 
ATOM   1189 N NE1 . TRP A 1 276 ? -1.577  -2.987  -7.277  1.00 57.22  ? 759  TRP A NE1 1 
ATOM   1190 C CE2 . TRP A 1 276 ? -2.347  -2.241  -8.131  1.00 55.14  ? 759  TRP A CE2 1 
ATOM   1191 C CE3 . TRP A 1 276 ? -2.841  -2.171  -10.497 1.00 52.95  ? 759  TRP A CE3 1 
ATOM   1192 C CZ2 . TRP A 1 276 ? -3.221  -1.190  -7.873  1.00 51.11  ? 759  TRP A CZ2 1 
ATOM   1193 C CZ3 . TRP A 1 276 ? -3.678  -1.110  -10.246 1.00 45.47  ? 759  TRP A CZ3 1 
ATOM   1194 C CH2 . TRP A 1 276 ? -3.865  -0.634  -8.945  1.00 51.75  ? 759  TRP A CH2 1 
ATOM   1195 N N   . SER A 1 277 ? 2.402   -5.384  -12.243 1.00 54.40  ? 760  SER A N   1 
ATOM   1196 C CA  . SER A 1 277 ? 2.861   -6.121  -13.416 1.00 52.24  ? 760  SER A CA  1 
ATOM   1197 C C   . SER A 1 277 ? 2.920   -7.586  -13.086 1.00 54.09  ? 760  SER A C   1 
ATOM   1198 O O   . SER A 1 277 ? 3.298   -7.970  -11.978 1.00 56.24  ? 760  SER A O   1 
ATOM   1199 C CB  . SER A 1 277 ? 4.264   -5.690  -13.826 1.00 58.98  ? 760  SER A CB  1 
ATOM   1200 O OG  . SER A 1 277 ? 4.310   -4.302  -14.050 1.00 68.36  ? 760  SER A OG  1 
ATOM   1201 N N   . ALA A 1 278 ? 2.600   -8.411  -14.069 1.00 61.02  ? 761  ALA A N   1 
ATOM   1202 C CA  . ALA A 1 278 ? 2.630   -9.857  -13.908 1.00 53.07  ? 761  ALA A CA  1 
ATOM   1203 C C   . ALA A 1 278 ? 4.037   -10.297 -13.587 1.00 53.19  ? 761  ALA A C   1 
ATOM   1204 O O   . ALA A 1 278 ? 4.235   -11.178 -12.738 1.00 60.69  ? 761  ALA A O   1 
ATOM   1205 C CB  . ALA A 1 278 ? 2.106   -10.554 -15.167 1.00 56.07  ? 761  ALA A CB  1 
ATOM   1206 N N   . ASP A 1 279 ? 5.021   -9.661  -14.223 1.00 53.86  ? 762  ASP A N   1 
ATOM   1207 C CA  . ASP A 1 279 ? 6.417   -9.976  -13.957 1.00 52.46  ? 762  ASP A CA  1 
ATOM   1208 C C   . ASP A 1 279 ? 6.813   -9.135  -12.780 1.00 51.17  ? 762  ASP A C   1 
ATOM   1209 O O   . ASP A 1 279 ? 6.849   -7.913  -12.924 1.00 55.47  ? 762  ASP A O   1 
ATOM   1210 C CB  . ASP A 1 279 ? 7.297   -9.603  -15.155 1.00 58.31  ? 762  ASP A CB  1 
ATOM   1211 C CG  . ASP A 1 279 ? 8.788   -9.897  -14.916 1.00 59.90  ? 762  ASP A CG  1 
ATOM   1212 O OD1 . ASP A 1 279 ? 9.158   -10.460 -13.853 1.00 60.24  ? 762  ASP A OD1 1 
ATOM   1213 O OD2 . ASP A 1 279 ? 9.593   -9.570  -15.813 1.00 62.75  ? 762  ASP A OD2 1 
ATOM   1214 N N   . PRO A 1 280 ? 7.107   -9.760  -11.619 1.00 46.98  ? 763  PRO A N   1 
ATOM   1215 C CA  . PRO A 1 280 ? 7.470   -9.007  -10.413 1.00 47.08  ? 763  PRO A CA  1 
ATOM   1216 C C   . PRO A 1 280 ? 8.768   -8.184  -10.552 1.00 58.72  ? 763  PRO A C   1 
ATOM   1217 O O   . PRO A 1 280 ? 8.999   -7.215  -9.795  1.00 53.15  ? 763  PRO A O   1 
ATOM   1218 C CB  . PRO A 1 280 ? 7.648   -10.094 -9.341  1.00 46.92  ? 763  PRO A CB  1 
ATOM   1219 C CG  . PRO A 1 280 ? 7.183   -11.388 -9.939  1.00 43.13  ? 763  PRO A CG  1 
ATOM   1220 C CD  . PRO A 1 280 ? 7.276   -11.216 -11.425 1.00 47.42  ? 763  PRO A CD  1 
ATOM   1221 N N   . LYS A 1 281 ? 9.615   -8.574  -11.505 1.00 64.62  ? 764  LYS A N   1 
ATOM   1222 C CA  . LYS A 1 281 ? 10.840  -7.817  -11.822 1.00 62.24  ? 764  LYS A CA  1 
ATOM   1223 C C   . LYS A 1 281 ? 10.565  -6.536  -12.600 1.00 56.81  ? 764  LYS A C   1 
ATOM   1224 O O   . LYS A 1 281 ? 11.492  -5.813  -12.891 1.00 69.65  ? 764  LYS A O   1 
ATOM   1225 C CB  . LYS A 1 281 ? 11.836  -8.691  -12.614 1.00 68.74  ? 764  LYS A CB  1 
ATOM   1226 C CG  . LYS A 1 281 ? 12.816  -9.473  -11.753 1.00 73.99  ? 764  LYS A CG  1 
ATOM   1227 C CD  . LYS A 1 281 ? 13.329  -10.730 -12.446 1.00 78.91  ? 764  LYS A CD  1 
ATOM   1228 C CE  . LYS A 1 281 ? 12.502  -11.954 -12.064 1.00 84.92  ? 764  LYS A CE  1 
ATOM   1229 N NZ  . LYS A 1 281 ? 11.036  -11.844 -12.361 1.00 86.09  ? 764  LYS A NZ  1 
ATOM   1230 N N   . GLN A 1 282 ? 9.315   -6.226  -12.943 1.00 58.64  ? 765  GLN A N   1 
ATOM   1231 C CA  . GLN A 1 282 ? 9.009   -4.916  -13.567 1.00 58.22  ? 765  GLN A CA  1 
ATOM   1232 C C   . GLN A 1 282 ? 8.385   -3.910  -12.596 1.00 57.18  ? 765  GLN A C   1 
ATOM   1233 O O   . GLN A 1 282 ? 8.166   -2.738  -12.956 1.00 57.77  ? 765  GLN A O   1 
ATOM   1234 C CB  . GLN A 1 282 ? 8.112   -5.095  -14.790 1.00 65.33  ? 765  GLN A CB  1 
ATOM   1235 C CG  . GLN A 1 282 ? 8.794   -5.792  -15.965 1.00 69.02  ? 765  GLN A CG  1 
ATOM   1236 C CD  . GLN A 1 282 ? 7.879   -5.857  -17.171 1.00 75.83  ? 765  GLN A CD  1 
ATOM   1237 O OE1 . GLN A 1 282 ? 7.583   -4.839  -17.790 1.00 80.42  ? 765  GLN A OE1 1 
ATOM   1238 N NE2 . GLN A 1 282 ? 7.412   -7.053  -17.499 1.00 82.06  ? 765  GLN A NE2 1 
ATOM   1239 N N   . ARG A 1 283 ? 8.124   -4.349  -11.361 1.00 53.39  ? 766  ARG A N   1 
ATOM   1240 C CA  . ARG A 1 283 ? 7.498   -3.494  -10.347 1.00 45.35  ? 766  ARG A CA  1 
ATOM   1241 C C   . ARG A 1 283 ? 8.604   -2.588  -9.807  1.00 43.69  ? 766  ARG A C   1 
ATOM   1242 O O   . ARG A 1 283 ? 9.726   -3.035  -9.646  1.00 42.99  ? 766  ARG A O   1 
ATOM   1243 C CB  . ARG A 1 283 ? 6.871   -4.364  -9.240  1.00 47.23  ? 766  ARG A CB  1 
ATOM   1244 C CG  . ARG A 1 283 ? 5.800   -5.339  -9.733  1.00 45.54  ? 766  ARG A CG  1 
ATOM   1245 C CD  . ARG A 1 283 ? 5.297   -6.305  -8.664  1.00 45.38  ? 766  ARG A CD  1 
ATOM   1246 N NE  . ARG A 1 283 ? 4.562   -7.429  -9.277  1.00 40.51  ? 766  ARG A NE  1 
ATOM   1247 C CZ  . ARG A 1 283 ? 4.357   -8.610  -8.700  1.00 43.70  ? 766  ARG A CZ  1 
ATOM   1248 N NH1 . ARG A 1 283 ? 4.801   -8.839  -7.466  1.00 46.31  ? 766  ARG A NH1 1 
ATOM   1249 N NH2 . ARG A 1 283 ? 3.712   -9.578  -9.359  1.00 41.79  ? 766  ARG A NH2 1 
ATOM   1250 N N   . PRO A 1 284 ? 8.316   -1.305  -9.566  1.00 40.37  ? 767  PRO A N   1 
ATOM   1251 C CA  . PRO A 1 284 ? 9.370   -0.413  -9.129  1.00 43.34  ? 767  PRO A CA  1 
ATOM   1252 C C   . PRO A 1 284 ? 9.651   -0.574  -7.639  1.00 52.04  ? 767  PRO A C   1 
ATOM   1253 O O   . PRO A 1 284 ? 8.713   -0.648  -6.816  1.00 59.03  ? 767  PRO A O   1 
ATOM   1254 C CB  . PRO A 1 284 ? 8.782   0.974   -9.413  1.00 37.89  ? 767  PRO A CB  1 
ATOM   1255 C CG  . PRO A 1 284 ? 7.342   0.770   -9.214  1.00 36.52  ? 767  PRO A CG  1 
ATOM   1256 C CD  . PRO A 1 284 ? 7.014   -0.624  -9.610  1.00 38.79  ? 767  PRO A CD  1 
ATOM   1257 N N   . SER A 1 285 ? 10.929  -0.611  -7.289  1.00 48.28  ? 768  SER A N   1 
ATOM   1258 C CA  . SER A 1 285 ? 11.353  -0.691  -5.893  1.00 45.83  ? 768  SER A CA  1 
ATOM   1259 C C   . SER A 1 285 ? 10.755  0.425   -5.090  1.00 49.15  ? 768  SER A C   1 
ATOM   1260 O O   . SER A 1 285 ? 10.315  1.462   -5.634  1.00 55.86  ? 768  SER A O   1 
ATOM   1261 C CB  . SER A 1 285 ? 12.844  -0.510  -5.797  1.00 45.66  ? 768  SER A CB  1 
ATOM   1262 O OG  . SER A 1 285 ? 13.120  0.844   -6.022  1.00 53.91  ? 768  SER A OG  1 
ATOM   1263 N N   . PHE A 1 286 ? 10.778  0.238   -3.780  1.00 44.67  ? 769  PHE A N   1 
ATOM   1264 C CA  . PHE A 1 286 ? 10.213  1.210   -2.893  1.00 41.67  ? 769  PHE A CA  1 
ATOM   1265 C C   . PHE A 1 286 ? 10.981  2.538   -2.966  1.00 44.78  ? 769  PHE A C   1 
ATOM   1266 O O   . PHE A 1 286 ? 10.377  3.621   -2.830  1.00 43.67  ? 769  PHE A O   1 
ATOM   1267 C CB  . PHE A 1 286 ? 10.148  0.655   -1.474  1.00 42.39  ? 769  PHE A CB  1 
ATOM   1268 C CG  . PHE A 1 286 ? 8.987   -0.233  -1.239  1.00 36.82  ? 769  PHE A CG  1 
ATOM   1269 C CD1 . PHE A 1 286 ? 7.706   0.316   -1.115  1.00 38.25  ? 769  PHE A CD1 1 
ATOM   1270 C CD2 . PHE A 1 286 ? 9.132   -1.601  -1.171  1.00 32.95  ? 769  PHE A CD2 1 
ATOM   1271 C CE1 . PHE A 1 286 ? 6.601   -0.478  -0.924  1.00 33.75  ? 769  PHE A CE1 1 
ATOM   1272 C CE2 . PHE A 1 286 ? 8.023   -2.409  -0.967  1.00 38.43  ? 769  PHE A CE2 1 
ATOM   1273 C CZ  . PHE A 1 286 ? 6.747   -1.848  -0.849  1.00 33.42  ? 769  PHE A CZ  1 
ATOM   1274 N N   . THR A 1 287 ? 12.286  2.465   -3.230  1.00 47.49  ? 770  THR A N   1 
ATOM   1275 C CA  . THR A 1 287 ? 13.084  3.683   -3.451  1.00 49.06  ? 770  THR A CA  1 
ATOM   1276 C C   . THR A 1 287 ? 12.572  4.444   -4.681  1.00 46.19  ? 770  THR A C   1 
ATOM   1277 O O   . THR A 1 287 ? 12.380  5.651   -4.618  1.00 52.79  ? 770  THR A O   1 
ATOM   1278 C CB  . THR A 1 287 ? 14.614  3.417   -3.582  1.00 54.28  ? 770  THR A CB  1 
ATOM   1279 O OG1 . THR A 1 287 ? 15.134  2.795   -2.384  1.00 51.67  ? 770  THR A OG1 1 
ATOM   1280 C CG2 . THR A 1 287 ? 15.348  4.750   -3.765  1.00 57.83  ? 770  THR A CG2 1 
ATOM   1281 N N   . CYS A 1 288 ? 12.281  3.749   -5.774  1.00 48.37  ? 771  CYS A N   1 
ATOM   1282 C CA  . CYS A 1 288 ? 11.713  4.437   -6.940  1.00 51.18  ? 771  CYS A CA  1 
ATOM   1283 C C   . CYS A 1 288 ? 10.336  4.949   -6.647  1.00 50.83  ? 771  CYS A C   1 
ATOM   1284 O O   . CYS A 1 288 ? 10.028  6.084   -6.979  1.00 55.07  ? 771  CYS A O   1 
ATOM   1285 C CB  . CYS A 1 288 ? 11.655  3.544   -8.162  1.00 50.81  ? 771  CYS A CB  1 
ATOM   1286 S SG  . CYS A 1 288 ? 13.298  2.994   -8.637  1.00 67.00  ? 771  CYS A SG  1 
ATOM   1287 N N   . LEU A 1 289 ? 9.491   4.130   -6.026  1.00 47.93  ? 772  LEU A N   1 
ATOM   1288 C CA  . LEU A 1 289 ? 8.142   4.595   -5.767  1.00 46.52  ? 772  LEU A CA  1 
ATOM   1289 C C   . LEU A 1 289 ? 8.151   5.890   -4.982  1.00 48.77  ? 772  LEU A C   1 
ATOM   1290 O O   . LEU A 1 289 ? 7.466   6.830   -5.374  1.00 48.51  ? 772  LEU A O   1 
ATOM   1291 C CB  . LEU A 1 289 ? 7.344   3.571   -4.992  1.00 47.99  ? 772  LEU A CB  1 
ATOM   1292 C CG  . LEU A 1 289 ? 7.062   2.317   -5.778  1.00 46.73  ? 772  LEU A CG  1 
ATOM   1293 C CD1 . LEU A 1 289 ? 6.698   1.208   -4.798  1.00 49.24  ? 772  LEU A CD1 1 
ATOM   1294 C CD2 . LEU A 1 289 ? 5.990   2.608   -6.807  1.00 45.79  ? 772  LEU A CD2 1 
ATOM   1295 N N   . ARG A 1 290 ? 8.904   5.922   -3.873  1.00 50.77  ? 773  ARG A N   1 
ATOM   1296 C CA  . ARG A 1 290 ? 8.965   7.114   -3.001  1.00 52.88  ? 773  ARG A CA  1 
ATOM   1297 C C   . ARG A 1 290 ? 9.365   8.340   -3.790  1.00 51.77  ? 773  ARG A C   1 
ATOM   1298 O O   . ARG A 1 290 ? 8.870   9.444   -3.541  1.00 53.02  ? 773  ARG A O   1 
ATOM   1299 C CB  . ARG A 1 290 ? 9.979   6.938   -1.848  1.00 54.52  ? 773  ARG A CB  1 
ATOM   1300 C CG  . ARG A 1 290 ? 10.482  8.270   -1.276  1.00 57.81  ? 773  ARG A CG  1 
ATOM   1301 C CD  . ARG A 1 290 ? 11.443  8.122   -0.108  1.00 60.23  ? 773  ARG A CD  1 
ATOM   1302 N NE  . ARG A 1 290 ? 12.678  7.437   -0.475  1.00 64.14  ? 773  ARG A NE  1 
ATOM   1303 C CZ  . ARG A 1 290 ? 13.723  7.983   -1.107  1.00 65.97  ? 773  ARG A CZ  1 
ATOM   1304 N NH1 . ARG A 1 290 ? 14.787  7.240   -1.361  1.00 69.98  ? 773  ARG A NH1 1 
ATOM   1305 N NH2 . ARG A 1 290 ? 13.726  9.249   -1.493  1.00 67.19  ? 773  ARG A NH2 1 
ATOM   1306 N N   . MET A 1 291 ? 10.290  8.161   -4.719  1.00 51.26  ? 774  MET A N   1 
ATOM   1307 C CA  . MET A 1 291 ? 10.814  9.312   -5.434  1.00 60.97  ? 774  MET A CA  1 
ATOM   1308 C C   . MET A 1 291 ? 9.784   9.811   -6.411  1.00 63.85  ? 774  MET A C   1 
ATOM   1309 O O   . MET A 1 291 ? 9.432   10.994  -6.371  1.00 73.79  ? 774  MET A O   1 
ATOM   1310 C CB  . MET A 1 291 ? 12.156  9.027   -6.084  1.00 62.47  ? 774  MET A CB  1 
ATOM   1311 C CG  . MET A 1 291 ? 13.309  9.564   -5.249  1.00 64.31  ? 774  MET A CG  1 
ATOM   1312 S SD  . MET A 1 291 ? 14.845  8.656   -5.496  1.00 74.67  ? 774  MET A SD  1 
ATOM   1313 C CE  . MET A 1 291 ? 14.748  8.100   -7.201  1.00 62.78  ? 774  MET A CE  1 
ATOM   1314 N N   . GLU A 1 292 ? 9.226   8.918   -7.215  1.00 64.08  ? 775  GLU A N   1 
ATOM   1315 C CA  . GLU A 1 292 ? 8.119   9.313   -8.095  1.00 70.70  ? 775  GLU A CA  1 
ATOM   1316 C C   . GLU A 1 292 ? 6.989   10.034  -7.346  1.00 71.65  ? 775  GLU A C   1 
ATOM   1317 O O   . GLU A 1 292 ? 6.428   10.993  -7.863  1.00 74.69  ? 775  GLU A O   1 
ATOM   1318 C CB  . GLU A 1 292 ? 7.582   8.116   -8.863  1.00 73.08  ? 775  GLU A CB  1 
ATOM   1319 C CG  . GLU A 1 292 ? 8.658   7.467   -9.732  1.00 79.74  ? 775  GLU A CG  1 
ATOM   1320 C CD  . GLU A 1 292 ? 8.212   7.132   -11.152 1.00 84.63  ? 775  GLU A CD  1 
ATOM   1321 O OE1 . GLU A 1 292 ? 7.048   7.421   -11.527 1.00 83.03  ? 775  GLU A OE1 1 
ATOM   1322 O OE2 . GLU A 1 292 ? 9.051   6.577   -11.902 1.00 83.59  ? 775  GLU A OE2 1 
ATOM   1323 N N   . LEU A 1 293 ? 6.690   9.590   -6.127  1.00 69.68  ? 776  LEU A N   1 
ATOM   1324 C CA  . LEU A 1 293 ? 5.696   10.233  -5.280  1.00 65.67  ? 776  LEU A CA  1 
ATOM   1325 C C   . LEU A 1 293 ? 6.189   11.556  -4.665  1.00 68.90  ? 776  LEU A C   1 
ATOM   1326 O O   . LEU A 1 293 ? 5.445   12.527  -4.653  1.00 73.82  ? 776  LEU A O   1 
ATOM   1327 C CB  . LEU A 1 293 ? 5.272   9.280   -4.166  1.00 61.60  ? 776  LEU A CB  1 
ATOM   1328 C CG  . LEU A 1 293 ? 4.519   8.017   -4.602  1.00 61.19  ? 776  LEU A CG  1 
ATOM   1329 C CD1 . LEU A 1 293 ? 4.421   7.064   -3.413  1.00 56.61  ? 776  LEU A CD1 1 
ATOM   1330 C CD2 . LEU A 1 293 ? 3.131   8.347   -5.148  1.00 53.33  ? 776  LEU A CD2 1 
ATOM   1331 N N   . GLU A 1 294 ? 7.406   11.586  -4.120  1.00 67.16  ? 777  GLU A N   1 
ATOM   1332 C CA  . GLU A 1 294 ? 7.991   12.845  -3.610  1.00 66.11  ? 777  GLU A CA  1 
ATOM   1333 C C   . GLU A 1 294 ? 8.058   13.861  -4.742  1.00 73.92  ? 777  GLU A C   1 
ATOM   1334 O O   . GLU A 1 294 ? 7.584   14.991  -4.615  1.00 75.98  ? 777  GLU A O   1 
ATOM   1335 C CB  . GLU A 1 294 ? 9.401   12.635  -3.039  1.00 61.79  ? 777  GLU A CB  1 
ATOM   1336 C CG  . GLU A 1 294 ? 9.463   12.586  -1.516  1.00 56.90  ? 777  GLU A CG  1 
ATOM   1337 C CD  . GLU A 1 294 ? 10.762  11.998  -0.982  1.00 62.13  ? 777  GLU A CD  1 
ATOM   1338 O OE1 . GLU A 1 294 ? 11.702  11.773  -1.771  1.00 57.48  ? 777  GLU A OE1 1 
ATOM   1339 O OE2 . GLU A 1 294 ? 10.855  11.765  0.242   1.00 71.65  ? 777  GLU A OE2 1 
ATOM   1340 N N   . ASN A 1 295 ? 8.644   13.428  -5.853  1.00 77.90  ? 778  ASN A N   1 
ATOM   1341 C CA  . ASN A 1 295 ? 8.715   14.222  -7.067  1.00 79.28  ? 778  ASN A CA  1 
ATOM   1342 C C   . ASN A 1 295 ? 7.401   14.881  -7.422  1.00 82.56  ? 778  ASN A C   1 
ATOM   1343 O O   . ASN A 1 295 ? 7.367   16.070  -7.728  1.00 90.34  ? 778  ASN A O   1 
ATOM   1344 C CB  . ASN A 1 295 ? 9.145   13.347  -8.242  1.00 84.06  ? 778  ASN A CB  1 
ATOM   1345 C CG  . ASN A 1 295 ? 9.247   14.121  -9.539  1.00 86.27  ? 778  ASN A CG  1 
ATOM   1346 O OD1 . ASN A 1 295 ? 10.069  15.037  -9.665  1.00 86.68  ? 778  ASN A OD1 1 
ATOM   1347 N ND2 . ASN A 1 295 ? 8.419   13.755  -10.514 1.00 82.66  ? 778  ASN A ND2 1 
ATOM   1348 N N   . ILE A 1 296 ? 6.316   14.116  -7.386  1.00 85.78  ? 779  ILE A N   1 
ATOM   1349 C CA  . ILE A 1 296 ? 5.001   14.642  -7.761  1.00 80.63  ? 779  ILE A CA  1 
ATOM   1350 C C   . ILE A 1 296 ? 4.580   15.774  -6.809  1.00 85.88  ? 779  ILE A C   1 
ATOM   1351 O O   . ILE A 1 296 ? 3.635   15.646  -6.043  1.00 81.81  ? 779  ILE A O   1 
ATOM   1352 C CB  . ILE A 1 296 ? 3.961   13.501  -7.880  1.00 79.34  ? 779  ILE A CB  1 
ATOM   1353 C CG1 . ILE A 1 296 ? 4.209   12.716  -9.178  1.00 79.31  ? 779  ILE A CG1 1 
ATOM   1354 C CG2 . ILE A 1 296 ? 2.526   14.017  -7.891  1.00 80.87  ? 779  ILE A CG2 1 
ATOM   1355 C CD1 . ILE A 1 296 ? 3.566   11.340  -9.214  1.00 78.23  ? 779  ILE A CD1 1 
ATOM   1356 N N   . LEU A 1 297 ? 5.307   16.890  -6.884  1.00 90.02  ? 780  LEU A N   1 
ATOM   1357 C CA  . LEU A 1 297 ? 5.016   18.087  -6.094  1.00 93.53  ? 780  LEU A CA  1 
ATOM   1358 C C   . LEU A 1 297 ? 5.758   19.280  -6.678  1.00 88.64  ? 780  LEU A C   1 
ATOM   1359 O O   . LEU A 1 297 ? 5.649   19.541  -7.871  1.00 85.46  ? 780  LEU A O   1 
ATOM   1360 C CB  . LEU A 1 297 ? 5.388   17.898  -4.618  1.00 90.84  ? 780  LEU A CB  1 
ATOM   1361 C CG  . LEU A 1 297 ? 4.260   17.393  -3.702  1.00 90.92  ? 780  LEU A CG  1 
ATOM   1362 C CD1 . LEU A 1 297 ? 4.353   15.902  -3.363  1.00 85.78  ? 780  LEU A CD1 1 
ATOM   1363 C CD2 . LEU A 1 297 ? 4.255   18.216  -2.420  1.00 93.89  ? 780  LEU A CD2 1 
HETATM 1364 O O33 . 14S B 2 .   ? -9.790  9.277   15.521  1.00 71.53  ? 901  14S A O33 1 
HETATM 1365 C C28 . 14S B 2 .   ? -10.208 8.398   14.779  1.00 71.48  ? 901  14S A C28 1 
HETATM 1366 C C32 . 14S B 2 .   ? -10.594 8.644   13.341  1.00 71.75  ? 901  14S A C32 1 
HETATM 1367 C C34 . 14S B 2 .   ? -11.135 7.268   12.879  1.00 71.13  ? 901  14S A C34 1 
HETATM 1368 C C29 . 14S B 2 .   ? -10.782 6.237   13.982  1.00 70.90  ? 901  14S A C29 1 
HETATM 1369 N N24 . 14S B 2 .   ? -10.385 7.113   15.082  1.00 70.91  ? 901  14S A N24 1 
HETATM 1370 C C21 . 14S B 2 .   ? -10.232 6.517   16.410  1.00 69.06  ? 901  14S A C21 1 
HETATM 1371 C C19 . 14S B 2 .   ? -8.738  6.239   16.579  1.00 66.42  ? 901  14S A C19 1 
HETATM 1372 C C15 . 14S B 2 .   ? -8.329  6.125   18.044  1.00 63.55  ? 901  14S A C15 1 
HETATM 1373 N N10 . 14S B 2 .   ? -7.108  5.356   18.205  1.00 60.57  ? 901  14S A N10 1 
HETATM 1374 C C6  . 14S B 2 .   ? -7.068  4.025   18.178  1.00 58.70  ? 901  14S A C6  1 
HETATM 1375 O O11 . 14S B 2 .   ? -8.068  3.355   18.003  1.00 59.39  ? 901  14S A O11 1 
HETATM 1376 C C2  . 14S B 2 .   ? -5.748  3.332   18.352  1.00 58.47  ? 901  14S A C2  1 
HETATM 1377 C C1  . 14S B 2 .   ? -5.502  2.057   17.846  1.00 58.61  ? 901  14S A C1  1 
HETATM 1378 N N4  . 14S B 2 .   ? -6.477  1.397   17.169  1.00 58.43  ? 901  14S A N4  1 
HETATM 1379 C C8  . 14S B 2 .   ? -6.332  0.058   16.610  1.00 58.83  ? 901  14S A C8  1 
HETATM 1380 C C14 . 14S B 2 .   ? -5.660  0.075   15.245  1.00 59.51  ? 901  14S A C14 1 
HETATM 1381 C C18 . 14S B 2 .   ? -6.672  -0.342  14.187  1.00 59.54  ? 901  14S A C18 1 
HETATM 1382 C C17 . 14S B 2 .   ? -7.998  -0.577  14.894  1.00 60.11  ? 901  14S A C17 1 
HETATM 1383 C C13 . 14S B 2 .   ? -7.718  -0.544  16.394  1.00 59.88  ? 901  14S A C13 1 
HETATM 1384 C C5  . 14S B 2 .   ? -4.733  3.982   19.036  1.00 58.09  ? 901  14S A C5  1 
HETATM 1385 N N9  . 14S B 2 .   ? -3.547  3.395   19.200  1.00 58.14  ? 901  14S A N9  1 
HETATM 1386 C C7  . 14S B 2 .   ? -3.307  2.163   18.713  1.00 57.98  ? 901  14S A C7  1 
HETATM 1387 N N3  . 14S B 2 .   ? -4.277  1.500   18.039  1.00 58.22  ? 901  14S A N3  1 
HETATM 1388 N N12 . 14S B 2 .   ? -2.082  1.621   18.906  1.00 58.23  ? 901  14S A N12 1 
HETATM 1389 C C16 . 14S B 2 .   ? -1.769  0.290   18.421  1.00 58.55  ? 901  14S A C16 1 
HETATM 1390 C C20 . 14S B 2 .   ? -0.723  0.280   17.331  1.00 58.59  ? 901  14S A C20 1 
HETATM 1391 C C23 . 14S B 2 .   ? 0.236   1.292   17.261  1.00 58.75  ? 901  14S A C23 1 
HETATM 1392 C C27 . 14S B 2 .   ? 1.203   1.272   16.261  1.00 58.39  ? 901  14S A C27 1 
HETATM 1393 C C30 . 14S B 2 .   ? 1.209   0.236   15.331  1.00 58.74  ? 901  14S A C30 1 
HETATM 1394 C C25 . 14S B 2 .   ? 0.253   -0.775  15.398  1.00 58.84  ? 901  14S A C25 1 
HETATM 1395 C C22 . 14S B 2 .   ? -0.720  -0.753  16.396  1.00 58.88  ? 901  14S A C22 1 
HETATM 1396 O O26 . 14S B 2 .   ? -1.653  -1.760  16.467  1.00 58.79  ? 901  14S A O26 1 
HETATM 1397 C C31 . 14S B 2 .   ? -2.555  -2.016  15.394  1.00 59.50  ? 901  14S A C31 1 
HETATM 1398 O O   . HOH C 3 .   ? -5.175  -5.050  -8.835  1.00 44.24  ? 1001 HOH A O   1 
HETATM 1399 O O   . HOH C 3 .   ? -12.330 -2.287  -8.207  1.00 51.05  ? 1002 HOH A O   1 
HETATM 1400 O O   . HOH C 3 .   ? -1.089  -20.364 -2.881  1.00 56.22  ? 1003 HOH A O   1 
# 
